data_6J2V
#
_entry.id   6J2V
#
_cell.length_a   67.725
_cell.length_b   70.495
_cell.length_c   97.017
_cell.angle_alpha   106.570
_cell.angle_beta   96.480
_cell.angle_gamma   110.660
#
_symmetry.space_group_name_H-M   'P 1'
#
loop_
_entity.id
_entity.type
_entity.pdbx_description
1 polymer 'PLP-dependent aminotransferases'
2 non-polymer '4-[({3-HYDROXY-2-METHYL-5-[(PHOSPHONOOXY)METHYL]PYRIDIN-4-YL}METHYL)AMINO]BUTANOIC ACID'
3 non-polymer GLYCEROL
4 water water
#
_entity_poly.entity_id   1
_entity_poly.type   'polypeptide(L)'
_entity_poly.pdbx_seq_one_letter_code
;MSYYHHHHHHDYDIPTTENLYFQGHMEDLSYRIPQSRTVAEQVPGPKSKALDERRQAAVARALAPGLPGYVVDADGGILA
DADGNRFIDLASGIAVTTVGGSNAAVAKAVGAAAARFTHTCFMVSPYETYVAMAERLNALTPGDHDKKSALFNSGAEAVE
NAVKVARAYTGKGAVVVFDNAYHGRTNLTMAMTAKNRPYKSGFGPLAADVYRAPMSYPLRDGLSGPEAAERAISVIESQV
GAENLACVVIEPIQGEGGFIVPAPGFLAAISTWCRENDVVFIADEIQSGFLRTGDWFASDAEGVIPDVITTAKGIAGGMP
LSAVTGRAEIMDAPGPGALGGTYGGNPVACAAALAAIEVMEQADLKTRAQEIETIIRDEFAQLSAFPEVAEIRGRGAMMA
IELIDATGRPNAALTAAVAARAKAEGVLLLTCGTDGNVIRLLPPLVIAEDTLRDGLQVLVAALERETAHQKVG
;
_entity_poly.pdbx_strand_id   A,B,C,D
#
loop_
_chem_comp.id
_chem_comp.type
_chem_comp.name
_chem_comp.formula
GOL non-polymer GLYCEROL 'C3 H8 O3'
PLZ non-polymer '4-[({3-HYDROXY-2-METHYL-5-[(PHOSPHONOOXY)METHYL]PYRIDIN-4-YL}METHYL)AMINO]BUTANOIC ACID' 'C12 H19 N2 O7 P'
#
# COMPACT_ATOMS: atom_id res chain seq x y z
N LEU A 29 25.79 -2.23 -52.44
CA LEU A 29 26.32 -1.70 -51.13
C LEU A 29 25.48 -2.27 -49.98
N SER A 30 26.14 -2.37 -48.82
CA SER A 30 25.70 -3.13 -47.63
C SER A 30 24.53 -2.42 -46.94
N TYR A 31 24.26 -1.17 -47.30
CA TYR A 31 23.33 -0.29 -46.56
C TYR A 31 22.34 0.34 -47.55
N ARG A 32 21.12 0.54 -47.10
CA ARG A 32 20.04 1.19 -47.87
C ARG A 32 20.30 2.69 -47.96
N ILE A 33 20.79 3.33 -46.90
CA ILE A 33 20.98 4.81 -46.87
C ILE A 33 22.48 5.06 -46.69
N PRO A 34 23.00 6.24 -47.07
CA PRO A 34 24.43 6.51 -46.92
C PRO A 34 24.84 6.44 -45.45
N GLN A 35 26.01 5.87 -45.14
CA GLN A 35 26.45 5.63 -43.74
C GLN A 35 27.38 6.76 -43.28
N SER A 36 27.14 7.98 -43.72
CA SER A 36 28.04 9.10 -43.36
C SER A 36 27.22 10.20 -42.74
N ARG A 37 27.78 10.79 -41.70
CA ARG A 37 27.21 11.91 -40.92
C ARG A 37 27.05 13.14 -41.82
N THR A 38 25.94 13.86 -41.74
CA THR A 38 25.78 15.20 -42.39
C THR A 38 24.68 15.98 -41.67
N VAL A 39 25.00 17.14 -41.13
CA VAL A 39 23.99 18.06 -40.53
C VAL A 39 24.11 19.43 -41.19
N ALA A 40 22.96 20.02 -41.52
CA ALA A 40 22.83 21.33 -42.19
C ALA A 40 23.31 22.45 -41.25
N GLU A 41 23.36 23.68 -41.74
CA GLU A 41 23.74 24.86 -40.93
C GLU A 41 22.67 25.07 -39.86
N GLN A 42 21.39 25.01 -40.24
CA GLN A 42 20.25 25.11 -39.28
C GLN A 42 19.61 23.73 -39.08
N VAL A 43 19.71 23.21 -37.85
CA VAL A 43 18.92 22.04 -37.36
C VAL A 43 18.16 22.50 -36.13
N PRO A 44 16.83 22.23 -35.98
CA PRO A 44 16.04 21.47 -36.95
C PRO A 44 15.84 22.23 -38.27
N GLY A 45 15.81 21.50 -39.38
CA GLY A 45 15.30 21.98 -40.67
C GLY A 45 13.81 22.32 -40.60
N PRO A 46 13.27 22.93 -41.67
CA PRO A 46 11.88 23.42 -41.64
C PRO A 46 10.83 22.30 -41.57
N LYS A 47 11.12 21.13 -42.10
CA LYS A 47 10.18 19.98 -42.04
C LYS A 47 10.09 19.49 -40.59
N SER A 48 11.24 19.33 -39.94
CA SER A 48 11.33 18.89 -38.52
C SER A 48 10.79 19.98 -37.60
N LYS A 49 11.01 21.24 -37.93
CA LYS A 49 10.49 22.40 -37.16
C LYS A 49 8.96 22.38 -37.22
N ALA A 50 8.38 22.13 -38.40
CA ALA A 50 6.91 22.08 -38.57
C ALA A 50 6.36 20.89 -37.77
N LEU A 51 7.06 19.76 -37.79
CA LEU A 51 6.66 18.56 -37.00
C LEU A 51 6.74 18.83 -35.49
N ASP A 52 7.73 19.59 -35.02
CA ASP A 52 7.89 19.94 -33.58
C ASP A 52 6.70 20.78 -33.12
N GLU A 53 6.22 21.72 -33.95
CA GLU A 53 5.03 22.55 -33.58
C GLU A 53 3.77 21.66 -33.57
N ARG A 54 3.69 20.67 -34.43
CA ARG A 54 2.56 19.74 -34.44
C ARG A 54 2.65 18.94 -33.14
N ARG A 55 3.86 18.47 -32.77
CA ARG A 55 4.06 17.73 -31.49
C ARG A 55 3.58 18.57 -30.31
N GLN A 56 3.99 19.84 -30.24
CA GLN A 56 3.65 20.77 -29.14
C GLN A 56 2.11 20.86 -29.01
N ALA A 57 1.37 20.92 -30.12
CA ALA A 57 -0.11 21.09 -30.10
C ALA A 57 -0.81 19.77 -29.76
N ALA A 58 -0.26 18.59 -30.11
CA ALA A 58 -1.06 17.33 -30.13
C ALA A 58 -0.64 16.33 -29.03
N VAL A 59 0.59 16.42 -28.55
CA VAL A 59 1.21 15.37 -27.69
C VAL A 59 1.53 15.95 -26.32
N ALA A 60 1.26 15.18 -25.28
CA ALA A 60 1.57 15.53 -23.88
C ALA A 60 3.02 16.02 -23.80
N ARG A 61 3.17 17.11 -23.09
CA ARG A 61 4.41 17.90 -22.94
C ARG A 61 5.54 17.04 -22.35
N ALA A 62 5.19 15.99 -21.59
CA ALA A 62 6.17 15.10 -20.96
C ALA A 62 7.03 14.44 -22.04
N LEU A 63 6.48 14.25 -23.24
CA LEU A 63 7.22 13.60 -24.33
C LEU A 63 7.96 14.69 -25.13
N ALA A 64 9.11 15.10 -24.65
CA ALA A 64 10.00 16.11 -25.25
C ALA A 64 11.17 15.39 -25.88
N PRO A 65 11.12 15.06 -27.18
CA PRO A 65 12.19 14.28 -27.81
C PRO A 65 13.54 15.02 -27.79
N GLY A 66 14.64 14.27 -27.74
CA GLY A 66 16.03 14.79 -27.76
C GLY A 66 16.51 15.14 -29.16
N LEU A 67 16.24 14.32 -30.17
CA LEU A 67 16.79 14.54 -31.53
C LEU A 67 16.06 15.72 -32.17
N PRO A 68 16.80 16.72 -32.70
CA PRO A 68 16.23 17.86 -33.40
C PRO A 68 15.94 17.56 -34.88
N GLY A 69 15.28 16.45 -35.12
CA GLY A 69 14.92 16.01 -36.47
C GLY A 69 13.95 14.87 -36.38
N TYR A 70 13.03 14.84 -37.32
CA TYR A 70 11.97 13.80 -37.38
C TYR A 70 12.48 12.72 -38.29
N VAL A 71 12.48 11.50 -37.79
CA VAL A 71 13.16 10.35 -38.45
C VAL A 71 12.32 9.86 -39.62
N VAL A 72 12.95 9.61 -40.78
CA VAL A 72 12.26 8.97 -41.95
C VAL A 72 12.93 7.63 -42.31
N ASP A 73 14.18 7.40 -41.91
CA ASP A 73 14.90 6.10 -42.10
C ASP A 73 15.84 5.89 -40.92
N ALA A 74 15.95 4.64 -40.49
CA ALA A 74 16.98 4.20 -39.53
C ALA A 74 17.59 2.93 -40.11
N ASP A 75 18.84 3.01 -40.52
CA ASP A 75 19.48 1.87 -41.24
C ASP A 75 20.96 1.80 -40.90
N GLY A 76 21.44 0.61 -40.57
CA GLY A 76 22.87 0.49 -40.27
C GLY A 76 23.23 1.32 -39.05
N GLY A 77 24.10 2.33 -39.21
CA GLY A 77 24.58 3.20 -38.11
C GLY A 77 23.97 4.60 -38.17
N ILE A 78 22.90 4.80 -38.94
CA ILE A 78 22.43 6.18 -39.28
C ILE A 78 20.93 6.34 -38.99
N LEU A 79 20.58 7.52 -38.50
CA LEU A 79 19.21 8.10 -38.48
C LEU A 79 19.13 9.25 -39.48
N ALA A 80 18.29 9.11 -40.50
CA ALA A 80 18.01 10.14 -41.54
C ALA A 80 16.73 10.87 -41.17
N ASP A 81 16.76 12.19 -41.21
CA ASP A 81 15.60 13.02 -40.78
C ASP A 81 14.87 13.61 -41.99
N ALA A 82 13.72 14.24 -41.75
CA ALA A 82 12.81 14.71 -42.81
C ALA A 82 13.44 15.90 -43.57
N ASP A 83 14.55 16.45 -43.09
CA ASP A 83 15.25 17.61 -43.73
C ASP A 83 16.51 17.16 -44.47
N GLY A 84 16.79 15.86 -44.49
CA GLY A 84 17.94 15.36 -45.25
C GLY A 84 19.19 15.22 -44.38
N ASN A 85 19.11 15.46 -43.06
CA ASN A 85 20.26 15.27 -42.13
C ASN A 85 20.47 13.78 -41.86
N ARG A 86 21.73 13.40 -41.60
CA ARG A 86 22.12 12.02 -41.25
C ARG A 86 22.93 12.06 -39.95
N PHE A 87 22.34 11.56 -38.87
CA PHE A 87 22.92 11.46 -37.53
C PHE A 87 23.49 10.05 -37.34
N ILE A 88 24.70 9.98 -36.75
CA ILE A 88 25.29 8.69 -36.32
C ILE A 88 24.51 8.21 -35.10
N ASP A 89 24.03 6.98 -35.15
CA ASP A 89 23.13 6.39 -34.13
C ASP A 89 23.97 5.59 -33.13
N LEU A 90 24.31 6.20 -31.99
CA LEU A 90 24.94 5.45 -30.86
C LEU A 90 23.91 5.21 -29.74
N ALA A 91 22.62 5.12 -30.10
CA ALA A 91 21.49 4.95 -29.16
C ALA A 91 20.75 3.62 -29.38
N SER A 92 20.59 3.24 -30.65
CA SER A 92 19.77 2.10 -31.12
C SER A 92 18.40 2.13 -30.41
N GLY A 93 17.82 3.33 -30.31
CA GLY A 93 16.48 3.52 -29.73
C GLY A 93 16.44 3.01 -28.30
N ILE A 94 17.55 3.22 -27.57
CA ILE A 94 17.84 2.68 -26.20
C ILE A 94 17.97 1.15 -26.22
N ALA A 95 18.95 0.67 -26.97
CA ALA A 95 19.41 -0.73 -27.00
C ALA A 95 18.30 -1.63 -27.56
N VAL A 96 17.50 -1.15 -28.51
CA VAL A 96 16.39 -1.92 -29.11
C VAL A 96 16.85 -2.41 -30.49
N THR A 97 17.39 -1.54 -31.34
CA THR A 97 17.64 -1.88 -32.79
C THR A 97 19.07 -2.42 -32.98
N THR A 98 19.44 -3.38 -32.14
CA THR A 98 20.67 -4.22 -32.14
C THR A 98 21.00 -4.71 -33.56
N VAL A 99 20.00 -5.19 -34.29
CA VAL A 99 20.18 -5.76 -35.66
C VAL A 99 20.02 -4.67 -36.73
N GLY A 100 19.95 -3.41 -36.32
CA GLY A 100 19.70 -2.25 -37.20
C GLY A 100 18.23 -1.88 -37.17
N GLY A 101 17.95 -0.64 -37.54
CA GLY A 101 16.62 -0.04 -37.41
C GLY A 101 15.67 -0.47 -38.51
N SER A 102 16.17 -1.08 -39.60
CA SER A 102 15.31 -1.52 -40.71
C SER A 102 15.92 -2.76 -41.35
N ASN A 103 16.35 -3.70 -40.53
CA ASN A 103 16.97 -4.96 -40.97
C ASN A 103 16.07 -5.63 -42.02
N ALA A 104 16.64 -6.08 -43.15
CA ALA A 104 15.85 -6.61 -44.28
C ALA A 104 15.14 -7.90 -43.88
N ALA A 105 15.74 -8.75 -43.05
CA ALA A 105 15.12 -10.04 -42.62
C ALA A 105 13.94 -9.71 -41.70
N VAL A 106 14.11 -8.69 -40.86
CA VAL A 106 13.03 -8.26 -39.93
C VAL A 106 11.87 -7.70 -40.77
N ALA A 107 12.16 -6.77 -41.68
CA ALA A 107 11.17 -6.06 -42.53
C ALA A 107 10.36 -7.09 -43.31
N LYS A 108 11.05 -8.08 -43.88
CA LYS A 108 10.42 -9.17 -44.66
C LYS A 108 9.45 -9.94 -43.75
N ALA A 109 9.91 -10.39 -42.58
CA ALA A 109 9.09 -11.22 -41.67
C ALA A 109 7.84 -10.43 -41.24
N VAL A 110 8.01 -9.13 -40.99
CA VAL A 110 6.93 -8.24 -40.49
C VAL A 110 5.86 -8.04 -41.58
N GLY A 111 6.25 -7.63 -42.79
CA GLY A 111 5.37 -7.51 -43.96
C GLY A 111 4.62 -8.79 -44.23
N ALA A 112 5.31 -9.94 -44.23
CA ALA A 112 4.68 -11.24 -44.54
C ALA A 112 3.69 -11.63 -43.44
N ALA A 113 4.06 -11.48 -42.16
CA ALA A 113 3.16 -11.88 -41.05
C ALA A 113 1.88 -11.03 -41.07
N ALA A 114 1.98 -9.72 -41.24
CA ALA A 114 0.82 -8.79 -41.22
C ALA A 114 -0.21 -9.14 -42.32
N ALA A 115 0.26 -9.68 -43.45
CA ALA A 115 -0.58 -9.99 -44.63
C ALA A 115 -1.39 -11.26 -44.37
N ARG A 116 -0.97 -12.11 -43.43
CA ARG A 116 -1.68 -13.35 -43.03
C ARG A 116 -2.62 -13.09 -41.83
N PHE A 117 -2.10 -12.49 -40.75
CA PHE A 117 -2.91 -12.03 -39.59
C PHE A 117 -2.03 -11.21 -38.67
N THR A 118 -2.56 -10.09 -38.16
CA THR A 118 -1.81 -9.16 -37.28
C THR A 118 -1.97 -9.61 -35.83
N HIS A 119 -3.02 -10.35 -35.49
CA HIS A 119 -3.39 -10.56 -34.07
C HIS A 119 -4.52 -11.59 -34.00
N THR A 120 -4.47 -12.49 -33.04
CA THR A 120 -5.63 -13.33 -32.67
C THR A 120 -5.88 -13.34 -31.15
N CYS A 121 -4.90 -12.90 -30.35
CA CYS A 121 -4.82 -13.10 -28.88
C CYS A 121 -4.48 -14.56 -28.59
N PHE A 122 -3.24 -14.81 -28.21
CA PHE A 122 -2.75 -16.20 -28.09
C PHE A 122 -3.64 -17.04 -27.15
N MET A 123 -4.09 -16.43 -26.05
CA MET A 123 -4.94 -17.11 -25.03
C MET A 123 -6.25 -17.57 -25.66
N VAL A 124 -6.71 -16.90 -26.72
CA VAL A 124 -7.98 -17.23 -27.40
C VAL A 124 -7.69 -18.22 -28.51
N SER A 125 -6.90 -17.79 -29.50
CA SER A 125 -6.51 -18.53 -30.72
C SER A 125 -4.99 -18.52 -30.86
N PRO A 126 -4.37 -19.70 -30.75
CA PRO A 126 -2.91 -19.81 -30.74
C PRO A 126 -2.34 -19.78 -32.16
N TYR A 127 -1.02 -19.64 -32.25
CA TYR A 127 -0.25 -19.53 -33.50
C TYR A 127 1.18 -19.95 -33.20
N GLU A 128 1.83 -20.42 -34.27
CA GLU A 128 3.16 -21.07 -34.22
C GLU A 128 4.22 -20.09 -33.71
N THR A 129 4.24 -18.85 -34.19
CA THR A 129 5.38 -17.92 -33.89
C THR A 129 5.49 -17.65 -32.39
N TYR A 130 4.38 -17.62 -31.65
CA TYR A 130 4.40 -17.46 -30.17
C TYR A 130 5.17 -18.66 -29.58
N VAL A 131 4.80 -19.87 -30.01
CA VAL A 131 5.41 -21.11 -29.47
C VAL A 131 6.91 -21.16 -29.85
N ALA A 132 7.24 -20.82 -31.08
CA ALA A 132 8.63 -20.87 -31.56
C ALA A 132 9.47 -19.86 -30.77
N MET A 133 8.90 -18.67 -30.45
CA MET A 133 9.67 -17.66 -29.68
C MET A 133 9.87 -18.14 -28.25
N ALA A 134 8.88 -18.79 -27.62
CA ALA A 134 9.05 -19.41 -26.29
C ALA A 134 10.17 -20.46 -26.37
N GLU A 135 10.14 -21.30 -27.41
CA GLU A 135 11.18 -22.34 -27.59
C GLU A 135 12.55 -21.66 -27.69
N ARG A 136 12.65 -20.59 -28.45
CA ARG A 136 13.94 -19.91 -28.71
C ARG A 136 14.45 -19.33 -27.40
N LEU A 137 13.59 -18.68 -26.61
CA LEU A 137 13.96 -18.08 -25.31
C LEU A 137 14.45 -19.16 -24.35
N ASN A 138 13.65 -20.21 -24.20
CA ASN A 138 13.98 -21.37 -23.35
C ASN A 138 15.37 -21.91 -23.68
N ALA A 139 15.76 -21.92 -24.97
CA ALA A 139 17.04 -22.50 -25.45
C ALA A 139 18.19 -21.52 -25.21
N LEU A 140 17.97 -20.23 -25.44
CA LEU A 140 19.09 -19.23 -25.48
C LEU A 140 19.43 -18.75 -24.06
N THR A 141 18.52 -18.87 -23.11
CA THR A 141 18.68 -18.31 -21.74
C THR A 141 19.57 -19.27 -20.94
N PRO A 142 20.26 -18.73 -19.91
CA PRO A 142 21.18 -19.53 -19.09
C PRO A 142 20.58 -20.80 -18.47
N GLY A 143 21.43 -21.81 -18.29
CA GLY A 143 21.05 -23.06 -17.60
C GLY A 143 20.52 -24.08 -18.58
N ASP A 144 20.66 -25.36 -18.22
CA ASP A 144 20.10 -26.49 -19.00
C ASP A 144 18.96 -27.13 -18.24
N HIS A 145 18.41 -26.48 -17.19
CA HIS A 145 17.20 -26.97 -16.49
C HIS A 145 15.99 -26.72 -17.41
N ASP A 146 14.86 -27.33 -17.09
CA ASP A 146 13.56 -27.20 -17.79
C ASP A 146 13.04 -25.77 -17.61
N LYS A 147 12.75 -25.07 -18.70
CA LYS A 147 12.30 -23.65 -18.64
C LYS A 147 11.00 -23.49 -19.43
N LYS A 148 10.14 -22.54 -19.06
CA LYS A 148 8.97 -22.16 -19.89
C LYS A 148 8.98 -20.63 -20.01
N SER A 149 8.17 -20.08 -20.92
CA SER A 149 8.18 -18.64 -21.24
C SER A 149 6.75 -18.15 -21.37
N ALA A 150 6.57 -16.84 -21.25
CA ALA A 150 5.29 -16.12 -21.42
C ALA A 150 5.66 -14.81 -22.10
N LEU A 151 4.92 -14.41 -23.11
CA LEU A 151 5.26 -13.21 -23.92
C LEU A 151 4.28 -12.07 -23.63
N PHE A 152 4.78 -10.85 -23.60
CA PHE A 152 3.99 -9.63 -23.31
C PHE A 152 4.45 -8.57 -24.31
N ASN A 153 4.18 -7.31 -24.07
CA ASN A 153 4.47 -6.23 -25.05
C ASN A 153 5.66 -5.43 -24.54
N SER A 154 5.60 -4.84 -23.35
CA SER A 154 6.66 -3.90 -22.88
C SER A 154 7.56 -4.57 -21.84
N GLY A 155 8.73 -3.98 -21.61
CA GLY A 155 9.62 -4.45 -20.53
C GLY A 155 8.91 -4.37 -19.18
N ALA A 156 8.20 -3.28 -18.86
CA ALA A 156 7.50 -3.14 -17.56
C ALA A 156 6.51 -4.29 -17.37
N GLU A 157 5.76 -4.66 -18.39
CA GLU A 157 4.81 -5.80 -18.26
C GLU A 157 5.59 -7.07 -17.94
N ALA A 158 6.74 -7.25 -18.58
CA ALA A 158 7.57 -8.46 -18.35
C ALA A 158 8.00 -8.49 -16.87
N VAL A 159 8.49 -7.39 -16.34
CA VAL A 159 8.94 -7.30 -14.91
C VAL A 159 7.74 -7.57 -14.00
N GLU A 160 6.58 -6.98 -14.31
CA GLU A 160 5.31 -7.17 -13.53
C GLU A 160 4.96 -8.66 -13.50
N ASN A 161 5.09 -9.34 -14.64
CA ASN A 161 4.80 -10.80 -14.71
C ASN A 161 5.89 -11.68 -14.06
N ALA A 162 7.17 -11.30 -14.08
CA ALA A 162 8.23 -11.98 -13.30
C ALA A 162 7.87 -11.93 -11.81
N VAL A 163 7.47 -10.77 -11.29
CA VAL A 163 7.02 -10.66 -9.86
C VAL A 163 5.80 -11.53 -9.61
N LYS A 164 4.86 -11.57 -10.56
CA LYS A 164 3.61 -12.35 -10.39
C LYS A 164 3.93 -13.85 -10.26
N VAL A 165 4.76 -14.42 -11.13
CA VAL A 165 5.09 -15.87 -11.01
C VAL A 165 5.94 -16.11 -9.75
N ALA A 166 6.79 -15.20 -9.36
CA ALA A 166 7.61 -15.38 -8.13
C ALA A 166 6.68 -15.41 -6.89
N ARG A 167 5.67 -14.53 -6.84
CA ARG A 167 4.67 -14.45 -5.76
C ARG A 167 3.76 -15.70 -5.79
N ALA A 168 3.33 -16.12 -6.99
CA ALA A 168 2.44 -17.30 -7.14
C ALA A 168 3.20 -18.57 -6.71
N TYR A 169 4.46 -18.70 -7.10
CA TYR A 169 5.30 -19.90 -6.81
C TYR A 169 5.67 -19.96 -5.31
N THR A 170 6.21 -18.86 -4.73
CA THR A 170 6.68 -18.81 -3.32
C THR A 170 5.54 -18.68 -2.31
N GLY A 171 4.39 -18.10 -2.65
CA GLY A 171 3.37 -17.69 -1.68
C GLY A 171 3.86 -16.58 -0.76
N LYS A 172 4.96 -15.91 -1.12
CA LYS A 172 5.53 -14.79 -0.37
C LYS A 172 5.30 -13.49 -1.15
N GLY A 173 5.27 -12.36 -0.43
CA GLY A 173 4.80 -11.04 -0.91
C GLY A 173 5.94 -10.11 -1.33
N ALA A 174 7.05 -10.06 -0.59
CA ALA A 174 7.97 -8.91 -0.73
C ALA A 174 8.84 -9.06 -1.95
N VAL A 175 9.26 -7.91 -2.43
CA VAL A 175 10.15 -7.75 -3.60
C VAL A 175 11.36 -6.96 -3.13
N VAL A 176 12.55 -7.47 -3.40
CA VAL A 176 13.79 -6.68 -3.20
C VAL A 176 14.37 -6.25 -4.54
N VAL A 177 14.77 -4.99 -4.59
CA VAL A 177 15.45 -4.32 -5.71
C VAL A 177 16.66 -3.60 -5.14
N PHE A 178 17.44 -2.98 -5.99
CA PHE A 178 18.74 -2.38 -5.65
C PHE A 178 18.73 -0.88 -5.90
N ASP A 179 19.61 -0.22 -5.19
CA ASP A 179 20.07 1.16 -5.47
C ASP A 179 20.44 1.27 -6.95
N ASN A 180 20.08 2.40 -7.57
CA ASN A 180 20.28 2.72 -9.01
C ASN A 180 19.43 1.89 -9.97
N ALA A 181 18.51 1.05 -9.51
CA ALA A 181 17.68 0.16 -10.36
C ALA A 181 16.74 0.99 -11.23
N TYR A 182 16.45 0.47 -12.41
CA TYR A 182 15.31 0.92 -13.25
C TYR A 182 14.57 -0.29 -13.81
N HIS A 183 13.26 -0.33 -13.61
CA HIS A 183 12.42 -1.47 -14.01
C HIS A 183 11.17 -1.06 -14.78
N GLY A 184 10.83 0.23 -14.89
CA GLY A 184 9.68 0.59 -15.72
C GLY A 184 8.80 1.65 -15.09
N ARG A 185 7.71 2.00 -15.79
CA ARG A 185 6.90 3.21 -15.45
C ARG A 185 5.48 2.82 -15.03
N THR A 186 5.20 1.56 -14.72
CA THR A 186 3.88 1.20 -14.15
C THR A 186 3.95 1.46 -12.65
N ASN A 187 2.84 1.28 -11.94
CA ASN A 187 2.79 1.55 -10.49
C ASN A 187 3.83 0.66 -9.76
N LEU A 188 3.84 -0.66 -9.98
CA LEU A 188 4.81 -1.56 -9.31
C LEU A 188 6.23 -1.27 -9.83
N THR A 189 6.43 -1.08 -11.12
CA THR A 189 7.79 -0.89 -11.69
C THR A 189 8.34 0.46 -11.28
N MET A 190 7.51 1.49 -11.11
CA MET A 190 7.96 2.76 -10.50
C MET A 190 8.44 2.52 -9.06
N ALA A 191 7.68 1.79 -8.22
CA ALA A 191 8.10 1.47 -6.85
C ALA A 191 9.47 0.78 -6.93
N MET A 192 9.64 -0.14 -7.89
CA MET A 192 10.88 -0.96 -8.05
C MET A 192 12.04 -0.10 -8.52
N THR A 193 11.76 0.99 -9.24
CA THR A 193 12.75 1.92 -9.84
C THR A 193 13.26 2.83 -8.72
N ALA A 194 14.55 3.17 -8.69
CA ALA A 194 15.14 3.90 -7.55
C ALA A 194 14.92 5.42 -7.68
N LYS A 195 15.09 6.00 -8.87
CA LYS A 195 15.16 7.47 -8.99
C LYS A 195 13.75 8.08 -9.06
N ASN A 196 13.51 9.09 -8.22
CA ASN A 196 12.21 9.80 -8.09
C ASN A 196 11.96 10.61 -9.37
N ARG A 197 12.95 11.41 -9.80
CA ARG A 197 12.77 12.38 -10.89
C ARG A 197 13.38 11.88 -12.19
N PRO A 198 12.64 11.77 -13.33
CA PRO A 198 11.21 12.10 -13.42
C PRO A 198 10.23 10.93 -13.30
N TYR A 199 10.72 9.74 -12.95
CA TYR A 199 9.96 8.46 -13.18
C TYR A 199 8.81 8.25 -12.19
N LYS A 200 8.92 8.76 -10.97
CA LYS A 200 8.04 8.40 -9.84
C LYS A 200 7.28 9.60 -9.30
N SER A 201 7.87 10.79 -9.35
CA SER A 201 7.34 11.95 -8.61
C SER A 201 5.88 12.22 -9.01
N GLY A 202 5.00 12.36 -8.00
CA GLY A 202 3.59 12.75 -8.14
C GLY A 202 2.68 11.59 -8.57
N PHE A 203 3.17 10.36 -8.69
CA PHE A 203 2.36 9.28 -9.32
C PHE A 203 1.88 8.29 -8.26
N GLY A 204 2.34 8.47 -7.02
CA GLY A 204 1.95 7.64 -5.87
C GLY A 204 0.50 7.83 -5.46
N PRO A 205 -0.02 6.99 -4.53
CA PRO A 205 0.80 5.99 -3.84
C PRO A 205 1.18 4.76 -4.68
N LEU A 206 2.38 4.24 -4.42
CA LEU A 206 2.97 3.14 -5.21
C LEU A 206 2.83 1.84 -4.45
N ALA A 207 2.83 0.74 -5.17
CA ALA A 207 2.69 -0.62 -4.59
C ALA A 207 3.73 -0.79 -3.46
N ALA A 208 3.30 -1.40 -2.36
CA ALA A 208 4.10 -1.58 -1.12
C ALA A 208 4.79 -2.96 -1.14
N ASP A 209 5.48 -3.28 -0.03
CA ASP A 209 6.26 -4.53 0.17
C ASP A 209 7.41 -4.58 -0.83
N VAL A 210 7.90 -3.41 -1.24
CA VAL A 210 9.10 -3.28 -2.11
C VAL A 210 10.20 -2.72 -1.21
N TYR A 211 11.34 -3.40 -1.17
CA TYR A 211 12.48 -3.06 -0.27
C TYR A 211 13.70 -2.90 -1.16
N ARG A 212 14.59 -1.99 -0.80
CA ARG A 212 15.74 -1.63 -1.63
C ARG A 212 17.01 -1.95 -0.85
N ALA A 213 17.97 -2.60 -1.51
CA ALA A 213 19.27 -3.00 -0.94
C ALA A 213 20.39 -2.27 -1.67
N PRO A 214 21.55 -2.11 -0.99
CA PRO A 214 22.72 -1.50 -1.58
C PRO A 214 23.30 -2.36 -2.71
N MET A 215 23.72 -1.63 -3.74
CA MET A 215 24.26 -2.14 -5.02
C MET A 215 25.79 -2.22 -4.93
N SER A 216 26.37 -3.16 -5.67
CA SER A 216 27.84 -3.20 -5.90
C SER A 216 28.16 -2.18 -6.98
N TYR A 217 28.79 -1.07 -6.58
CA TYR A 217 29.10 0.08 -7.46
C TYR A 217 30.57 0.39 -7.20
N PRO A 218 31.47 -0.43 -7.77
CA PRO A 218 32.85 -0.53 -7.30
C PRO A 218 33.54 0.84 -7.32
N LEU A 219 33.24 1.67 -8.32
CA LEU A 219 33.88 3.01 -8.45
C LEU A 219 33.56 3.83 -7.19
N ARG A 220 32.35 3.70 -6.63
CA ARG A 220 31.90 4.54 -5.49
C ARG A 220 32.19 3.83 -4.16
N ASP A 221 32.04 2.52 -4.07
CA ASP A 221 32.07 1.86 -2.73
C ASP A 221 33.43 1.18 -2.46
N GLY A 222 34.21 0.85 -3.50
CA GLY A 222 35.51 0.17 -3.36
C GLY A 222 35.41 -1.24 -2.82
N LEU A 223 34.23 -1.87 -2.81
CA LEU A 223 34.07 -3.22 -2.23
C LEU A 223 34.33 -4.29 -3.28
N SER A 224 35.01 -5.36 -2.89
CA SER A 224 34.98 -6.66 -3.62
C SER A 224 33.52 -7.08 -3.83
N GLY A 225 33.28 -7.90 -4.86
CA GLY A 225 32.03 -8.61 -5.11
C GLY A 225 31.47 -9.29 -3.86
N PRO A 226 32.25 -10.18 -3.20
CA PRO A 226 31.73 -10.90 -2.03
C PRO A 226 31.31 -9.96 -0.88
N GLU A 227 32.09 -8.91 -0.64
CA GLU A 227 31.85 -7.88 0.39
C GLU A 227 30.55 -7.13 0.08
N ALA A 228 30.40 -6.62 -1.14
CA ALA A 228 29.17 -5.90 -1.53
C ALA A 228 27.97 -6.82 -1.33
N ALA A 229 28.10 -8.11 -1.64
CA ALA A 229 26.98 -9.08 -1.52
C ALA A 229 26.65 -9.30 -0.04
N GLU A 230 27.67 -9.39 0.81
CA GLU A 230 27.48 -9.56 2.28
C GLU A 230 26.67 -8.35 2.81
N ARG A 231 27.04 -7.15 2.37
CA ARG A 231 26.36 -5.87 2.76
C ARG A 231 24.89 -5.93 2.32
N ALA A 232 24.60 -6.36 1.08
CA ALA A 232 23.23 -6.43 0.54
C ALA A 232 22.42 -7.46 1.31
N ILE A 233 23.00 -8.65 1.57
CA ILE A 233 22.31 -9.76 2.26
C ILE A 233 21.99 -9.36 3.71
N SER A 234 22.94 -8.70 4.38
CA SER A 234 22.80 -8.18 5.77
C SER A 234 21.57 -7.26 5.86
N VAL A 235 21.39 -6.36 4.89
CA VAL A 235 20.20 -5.45 4.83
C VAL A 235 18.92 -6.28 4.60
N ILE A 236 18.95 -7.21 3.64
CA ILE A 236 17.77 -8.05 3.29
C ILE A 236 17.34 -8.86 4.52
N GLU A 237 18.28 -9.60 5.12
CA GLU A 237 18.02 -10.43 6.32
C GLU A 237 17.48 -9.58 7.47
N SER A 238 18.11 -8.44 7.74
CA SER A 238 17.78 -7.57 8.91
C SER A 238 16.37 -6.93 8.70
N GLN A 239 16.11 -6.37 7.51
CA GLN A 239 14.96 -5.46 7.25
C GLN A 239 13.77 -6.20 6.65
N VAL A 240 13.98 -7.29 5.90
CA VAL A 240 12.94 -7.94 5.06
C VAL A 240 12.70 -9.34 5.61
N GLY A 241 13.74 -10.16 5.68
CA GLY A 241 13.59 -11.58 6.07
C GLY A 241 13.21 -12.45 4.87
N ALA A 242 13.90 -13.57 4.68
CA ALA A 242 13.59 -14.53 3.60
C ALA A 242 12.14 -15.01 3.71
N GLU A 243 11.62 -15.24 4.93
CA GLU A 243 10.27 -15.85 5.13
C GLU A 243 9.19 -14.92 4.55
N ASN A 244 9.52 -13.66 4.27
CA ASN A 244 8.54 -12.67 3.72
C ASN A 244 8.84 -12.38 2.25
N LEU A 245 9.92 -12.92 1.68
CA LEU A 245 10.49 -12.40 0.41
C LEU A 245 10.23 -13.35 -0.76
N ALA A 246 9.48 -12.89 -1.78
CA ALA A 246 9.21 -13.66 -3.02
C ALA A 246 10.45 -13.66 -3.90
N CYS A 247 11.06 -12.50 -4.09
CA CYS A 247 12.08 -12.38 -5.16
C CYS A 247 13.00 -11.21 -4.92
N VAL A 248 14.20 -11.39 -5.46
CA VAL A 248 15.29 -10.42 -5.61
C VAL A 248 15.43 -10.20 -7.10
N VAL A 249 15.38 -8.93 -7.50
CA VAL A 249 15.36 -8.50 -8.92
C VAL A 249 16.54 -7.56 -9.12
N ILE A 250 17.33 -7.84 -10.14
CA ILE A 250 18.51 -7.01 -10.40
C ILE A 250 18.82 -7.08 -11.90
N GLU A 251 19.27 -5.95 -12.39
CA GLU A 251 19.89 -5.83 -13.73
C GLU A 251 21.34 -6.27 -13.60
N PRO A 252 21.82 -7.26 -14.41
CA PRO A 252 23.22 -7.68 -14.33
C PRO A 252 24.20 -6.57 -14.66
N ILE A 253 23.82 -5.71 -15.60
CA ILE A 253 24.39 -4.36 -15.75
C ILE A 253 23.23 -3.37 -15.60
N GLN A 254 23.35 -2.41 -14.69
CA GLN A 254 22.24 -1.44 -14.43
C GLN A 254 22.27 -0.39 -15.52
N GLY A 255 21.17 -0.27 -16.26
CA GLY A 255 21.18 0.57 -17.47
C GLY A 255 20.99 2.03 -17.12
N GLU A 256 19.75 2.44 -16.82
CA GLU A 256 19.38 3.87 -16.63
C GLU A 256 20.16 4.44 -15.44
N GLY A 257 20.49 3.59 -14.49
CA GLY A 257 21.27 3.93 -13.30
C GLY A 257 22.72 4.27 -13.58
N GLY A 258 23.26 3.96 -14.77
CA GLY A 258 24.57 4.47 -15.22
C GLY A 258 25.52 3.43 -15.80
N PHE A 259 25.00 2.35 -16.41
CA PHE A 259 25.78 1.18 -16.90
C PHE A 259 26.67 0.70 -15.75
N ILE A 260 26.06 0.46 -14.59
CA ILE A 260 26.83 -0.02 -13.39
C ILE A 260 27.01 -1.54 -13.50
N VAL A 261 28.27 -1.99 -13.53
CA VAL A 261 28.68 -3.41 -13.55
C VAL A 261 29.03 -3.80 -12.12
N PRO A 262 28.30 -4.72 -11.46
CA PRO A 262 28.65 -5.10 -10.11
C PRO A 262 30.06 -5.69 -10.11
N ALA A 263 30.75 -5.64 -8.98
CA ALA A 263 32.06 -6.32 -8.84
C ALA A 263 31.90 -7.82 -9.15
N PRO A 264 32.92 -8.44 -9.79
CA PRO A 264 32.95 -9.88 -9.93
C PRO A 264 32.68 -10.65 -8.62
N GLY A 265 31.76 -11.60 -8.66
CA GLY A 265 31.37 -12.44 -7.51
C GLY A 265 30.03 -12.04 -6.91
N PHE A 266 29.63 -10.77 -7.10
CA PHE A 266 28.43 -10.18 -6.46
C PHE A 266 27.17 -10.95 -6.88
N LEU A 267 26.96 -11.10 -8.20
CA LEU A 267 25.72 -11.74 -8.72
C LEU A 267 25.68 -13.20 -8.26
N ALA A 268 26.79 -13.94 -8.34
CA ALA A 268 26.84 -15.35 -7.90
C ALA A 268 26.42 -15.45 -6.42
N ALA A 269 26.96 -14.58 -5.58
CA ALA A 269 26.72 -14.56 -4.10
C ALA A 269 25.25 -14.29 -3.82
N ILE A 270 24.64 -13.38 -4.58
CA ILE A 270 23.21 -13.06 -4.39
C ILE A 270 22.41 -14.24 -4.90
N SER A 271 22.75 -14.78 -6.06
CA SER A 271 22.12 -15.99 -6.63
C SER A 271 22.19 -17.10 -5.59
N THR A 272 23.35 -17.31 -4.96
CA THR A 272 23.53 -18.41 -3.96
C THR A 272 22.60 -18.17 -2.77
N TRP A 273 22.54 -16.93 -2.27
CA TRP A 273 21.72 -16.62 -1.07
C TRP A 273 20.25 -16.97 -1.37
N CYS A 274 19.73 -16.59 -2.54
CA CYS A 274 18.31 -16.83 -2.94
C CYS A 274 18.02 -18.34 -2.96
N ARG A 275 18.90 -19.13 -3.55
CA ARG A 275 18.77 -20.62 -3.62
C ARG A 275 18.73 -21.17 -2.19
N GLU A 276 19.64 -20.78 -1.32
CA GLU A 276 19.70 -21.27 0.07
C GLU A 276 18.47 -20.81 0.89
N ASN A 277 17.68 -19.82 0.43
CA ASN A 277 16.66 -19.17 1.28
C ASN A 277 15.26 -19.25 0.65
N ASP A 278 15.05 -20.08 -0.37
CA ASP A 278 13.74 -20.25 -1.08
C ASP A 278 13.25 -18.88 -1.61
N VAL A 279 14.11 -18.07 -2.20
CA VAL A 279 13.74 -16.77 -2.83
C VAL A 279 14.07 -16.88 -4.32
N VAL A 280 13.15 -16.40 -5.17
CA VAL A 280 13.36 -16.39 -6.63
C VAL A 280 14.32 -15.26 -7.01
N PHE A 281 15.38 -15.63 -7.72
CA PHE A 281 16.38 -14.66 -8.23
C PHE A 281 16.00 -14.29 -9.66
N ILE A 282 15.69 -13.02 -9.89
CA ILE A 282 15.20 -12.51 -11.20
C ILE A 282 16.26 -11.57 -11.77
N ALA A 283 16.77 -11.92 -12.95
CA ALA A 283 17.67 -11.08 -13.74
C ALA A 283 16.81 -10.25 -14.73
N ASP A 284 16.88 -8.93 -14.60
CA ASP A 284 16.26 -7.98 -15.55
C ASP A 284 17.25 -7.75 -16.68
N GLU A 285 17.12 -8.54 -17.76
CA GLU A 285 18.00 -8.47 -18.94
C GLU A 285 17.27 -7.74 -20.08
N ILE A 286 16.42 -6.80 -19.72
CA ILE A 286 15.66 -6.03 -20.76
C ILE A 286 16.64 -5.20 -21.58
N GLN A 287 17.61 -4.53 -20.95
CA GLN A 287 18.60 -3.71 -21.67
C GLN A 287 19.83 -4.57 -22.04
N SER A 288 20.28 -5.47 -21.18
CA SER A 288 21.60 -6.14 -21.28
C SER A 288 21.51 -7.44 -22.10
N GLY A 289 20.32 -7.91 -22.45
CA GLY A 289 20.08 -9.19 -23.15
C GLY A 289 20.30 -9.13 -24.66
N PHE A 290 20.33 -10.31 -25.31
CA PHE A 290 20.38 -10.46 -26.79
C PHE A 290 21.64 -9.78 -27.33
N LEU A 291 22.79 -10.27 -26.83
CA LEU A 291 24.16 -10.03 -27.37
C LEU A 291 24.63 -8.59 -27.16
N ARG A 292 23.84 -7.76 -26.49
CA ARG A 292 24.21 -6.34 -26.25
C ARG A 292 25.59 -6.28 -25.58
N THR A 293 25.91 -7.20 -24.69
CA THR A 293 27.18 -7.16 -23.89
C THR A 293 28.28 -8.08 -24.45
N GLY A 294 28.08 -8.70 -25.61
CA GLY A 294 29.08 -9.60 -26.23
C GLY A 294 28.87 -11.04 -25.82
N ASP A 295 27.91 -11.30 -24.93
CA ASP A 295 27.37 -12.64 -24.58
C ASP A 295 25.87 -12.59 -24.88
N TRP A 296 25.20 -13.73 -25.02
CA TRP A 296 23.72 -13.81 -25.24
C TRP A 296 22.98 -13.06 -24.13
N PHE A 297 23.35 -13.30 -22.87
CA PHE A 297 22.86 -12.57 -21.66
C PHE A 297 24.05 -12.11 -20.84
N ALA A 298 23.97 -10.92 -20.25
CA ALA A 298 25.01 -10.40 -19.32
C ALA A 298 25.27 -11.42 -18.20
N SER A 299 24.27 -12.18 -17.75
CA SER A 299 24.38 -13.25 -16.71
C SER A 299 25.50 -14.27 -17.07
N ASP A 300 25.70 -14.53 -18.36
CA ASP A 300 26.66 -15.53 -18.88
C ASP A 300 28.09 -15.17 -18.48
N ALA A 301 28.43 -13.87 -18.42
CA ALA A 301 29.79 -13.34 -18.21
C ALA A 301 30.35 -13.85 -16.86
N GLU A 302 29.47 -14.19 -15.91
CA GLU A 302 29.86 -14.90 -14.67
C GLU A 302 29.07 -16.20 -14.49
N GLY A 303 28.60 -16.81 -15.58
CA GLY A 303 27.83 -18.08 -15.51
C GLY A 303 26.88 -18.13 -14.33
N VAL A 304 26.28 -16.99 -13.97
CA VAL A 304 25.07 -16.92 -13.10
C VAL A 304 23.90 -17.51 -13.89
N ILE A 305 23.07 -18.26 -13.21
CA ILE A 305 21.89 -18.93 -13.82
C ILE A 305 20.66 -18.44 -13.06
N PRO A 306 19.98 -17.34 -13.54
CA PRO A 306 18.81 -16.83 -12.84
C PRO A 306 17.67 -17.84 -12.88
N ASP A 307 16.81 -17.77 -11.88
CA ASP A 307 15.55 -18.56 -11.81
C ASP A 307 14.60 -18.06 -12.89
N VAL A 308 14.56 -16.74 -13.07
CA VAL A 308 13.62 -16.06 -14.01
C VAL A 308 14.41 -14.93 -14.64
N ILE A 309 14.19 -14.70 -15.94
CA ILE A 309 14.92 -13.65 -16.68
C ILE A 309 13.86 -12.91 -17.51
N THR A 310 13.88 -11.58 -17.47
CA THR A 310 12.98 -10.72 -18.29
C THR A 310 13.79 -10.21 -19.46
N THR A 311 13.16 -10.21 -20.63
CA THR A 311 13.75 -9.72 -21.90
C THR A 311 12.72 -8.83 -22.58
N ALA A 312 13.24 -7.90 -23.38
CA ALA A 312 12.47 -7.01 -24.27
C ALA A 312 13.48 -6.35 -25.22
N LYS A 313 13.30 -5.07 -25.51
CA LYS A 313 14.20 -4.23 -26.34
C LYS A 313 14.78 -5.00 -27.53
N GLY A 314 16.01 -5.55 -27.46
CA GLY A 314 16.67 -6.08 -28.66
C GLY A 314 16.03 -7.36 -29.23
N ILE A 315 15.16 -8.01 -28.46
CA ILE A 315 14.49 -9.28 -28.81
C ILE A 315 13.86 -9.25 -30.22
N ALA A 316 13.18 -8.18 -30.64
CA ALA A 316 12.29 -8.26 -31.84
C ALA A 316 12.59 -7.18 -32.87
N GLY A 317 13.84 -6.72 -32.95
CA GLY A 317 14.31 -5.81 -34.01
C GLY A 317 13.51 -4.52 -34.08
N GLY A 318 12.92 -4.09 -32.96
CA GLY A 318 12.19 -2.83 -32.86
C GLY A 318 10.68 -3.03 -32.68
N MET A 319 10.14 -4.21 -32.94
CA MET A 319 8.68 -4.44 -32.77
C MET A 319 8.39 -4.60 -31.28
N PRO A 320 7.16 -4.33 -30.80
CA PRO A 320 6.85 -4.44 -29.38
C PRO A 320 6.62 -5.90 -28.91
N LEU A 321 7.64 -6.41 -28.21
CA LEU A 321 7.68 -7.74 -27.61
C LEU A 321 8.56 -7.71 -26.35
N SER A 322 8.12 -8.45 -25.35
CA SER A 322 8.86 -8.73 -24.12
C SER A 322 8.56 -10.18 -23.71
N ALA A 323 9.32 -10.69 -22.75
CA ALA A 323 9.16 -12.09 -22.32
C ALA A 323 9.66 -12.27 -20.89
N VAL A 324 9.01 -13.20 -20.22
CA VAL A 324 9.48 -13.80 -18.96
C VAL A 324 9.81 -15.28 -19.27
N THR A 325 11.03 -15.70 -18.92
CA THR A 325 11.52 -17.08 -19.10
C THR A 325 12.02 -17.50 -17.74
N GLY A 326 11.65 -18.71 -17.29
CA GLY A 326 12.14 -19.23 -16.01
C GLY A 326 11.98 -20.72 -15.87
N ARG A 327 12.44 -21.23 -14.74
CA ARG A 327 12.25 -22.64 -14.30
C ARG A 327 10.80 -22.99 -14.51
N ALA A 328 10.58 -24.14 -15.12
CA ALA A 328 9.22 -24.56 -15.53
C ALA A 328 8.30 -24.47 -14.31
N GLU A 329 8.74 -24.91 -13.13
CA GLU A 329 7.88 -25.04 -11.93
C GLU A 329 7.46 -23.62 -11.47
N ILE A 330 8.30 -22.61 -11.68
CA ILE A 330 7.96 -21.21 -11.25
C ILE A 330 6.94 -20.64 -12.24
N MET A 331 7.22 -20.77 -13.54
CA MET A 331 6.37 -20.25 -14.65
C MET A 331 4.98 -20.92 -14.62
N ASP A 332 4.86 -22.17 -14.14
CA ASP A 332 3.55 -22.88 -14.11
C ASP A 332 2.78 -22.66 -12.80
N ALA A 333 3.30 -21.86 -11.86
CA ALA A 333 2.57 -21.66 -10.59
C ALA A 333 1.24 -20.97 -10.85
N PRO A 334 1.16 -19.86 -11.63
CA PRO A 334 -0.13 -19.29 -11.98
C PRO A 334 -1.11 -20.28 -12.65
N GLY A 335 -2.38 -20.22 -12.28
CA GLY A 335 -3.41 -21.11 -12.84
C GLY A 335 -3.87 -20.69 -14.22
N PRO A 336 -4.72 -21.51 -14.88
CA PRO A 336 -5.26 -21.18 -16.19
C PRO A 336 -5.89 -19.77 -16.18
N GLY A 337 -5.54 -18.95 -17.16
CA GLY A 337 -6.05 -17.56 -17.26
C GLY A 337 -5.41 -16.58 -16.29
N ALA A 338 -4.47 -16.99 -15.41
CA ALA A 338 -3.93 -16.11 -14.33
C ALA A 338 -2.85 -15.16 -14.87
N LEU A 339 -2.28 -15.44 -16.03
CA LEU A 339 -1.39 -14.49 -16.75
C LEU A 339 -2.08 -14.16 -18.07
N GLY A 340 -1.83 -12.98 -18.63
CA GLY A 340 -2.46 -12.63 -19.92
C GLY A 340 -2.09 -11.26 -20.40
N GLY A 341 -3.04 -10.61 -21.06
CA GLY A 341 -2.86 -9.36 -21.82
C GLY A 341 -3.30 -9.60 -23.25
N THR A 342 -4.01 -8.67 -23.84
CA THR A 342 -4.60 -8.87 -25.17
C THR A 342 -3.46 -9.09 -26.19
N TYR A 343 -2.53 -8.16 -26.29
CA TYR A 343 -1.60 -8.12 -27.45
C TYR A 343 -0.41 -9.04 -27.24
N GLY A 344 -0.13 -9.48 -26.00
CA GLY A 344 1.17 -10.11 -25.67
C GLY A 344 1.60 -11.18 -26.68
N GLY A 345 2.88 -11.17 -27.10
CA GLY A 345 3.38 -12.16 -28.08
C GLY A 345 2.72 -11.98 -29.44
N ASN A 346 2.56 -10.72 -29.86
CA ASN A 346 1.95 -10.36 -31.14
C ASN A 346 2.65 -11.17 -32.24
N PRO A 347 1.89 -11.81 -33.15
CA PRO A 347 2.49 -12.66 -34.19
C PRO A 347 3.41 -11.91 -35.15
N VAL A 348 3.12 -10.64 -35.45
CA VAL A 348 4.00 -9.79 -36.30
C VAL A 348 5.29 -9.56 -35.50
N ALA A 349 5.20 -9.20 -34.23
CA ALA A 349 6.39 -9.00 -33.38
C ALA A 349 7.15 -10.32 -33.23
N CYS A 350 6.51 -11.46 -33.02
CA CYS A 350 7.22 -12.76 -32.84
C CYS A 350 7.91 -13.16 -34.17
N ALA A 351 7.27 -12.89 -35.31
CA ALA A 351 7.90 -13.11 -36.63
C ALA A 351 9.16 -12.26 -36.72
N ALA A 352 9.12 -11.00 -36.29
CA ALA A 352 10.27 -10.06 -36.33
C ALA A 352 11.35 -10.61 -35.40
N ALA A 353 10.97 -11.17 -34.24
CA ALA A 353 11.94 -11.63 -33.21
C ALA A 353 12.67 -12.86 -33.75
N LEU A 354 11.93 -13.78 -34.36
CA LEU A 354 12.51 -15.03 -34.94
C LEU A 354 13.52 -14.64 -36.03
N ALA A 355 13.20 -13.64 -36.83
CA ALA A 355 14.10 -13.11 -37.89
C ALA A 355 15.35 -12.44 -37.28
N ALA A 356 15.17 -11.55 -36.28
CA ALA A 356 16.28 -10.81 -35.61
C ALA A 356 17.27 -11.79 -34.97
N ILE A 357 16.75 -12.82 -34.32
CA ILE A 357 17.57 -13.83 -33.60
C ILE A 357 18.33 -14.64 -34.66
N GLU A 358 17.72 -14.96 -35.80
CA GLU A 358 18.42 -15.67 -36.90
C GLU A 358 19.56 -14.78 -37.45
N VAL A 359 19.33 -13.48 -37.59
CA VAL A 359 20.38 -12.50 -38.00
C VAL A 359 21.52 -12.48 -36.98
N MET A 360 21.21 -12.46 -35.69
CA MET A 360 22.21 -12.45 -34.60
C MET A 360 23.13 -13.68 -34.77
N GLU A 361 22.55 -14.84 -35.06
CA GLU A 361 23.34 -16.08 -35.28
C GLU A 361 24.12 -15.95 -36.59
N GLN A 362 23.42 -15.71 -37.70
CA GLN A 362 23.92 -15.88 -39.09
C GLN A 362 24.95 -14.81 -39.41
N ALA A 363 24.79 -13.58 -38.89
CA ALA A 363 25.74 -12.47 -39.11
C ALA A 363 26.78 -12.45 -38.00
N ASP A 364 26.75 -13.41 -37.07
CA ASP A 364 27.68 -13.54 -35.90
C ASP A 364 27.80 -12.17 -35.22
N LEU A 365 26.69 -11.64 -34.70
CA LEU A 365 26.67 -10.27 -34.12
C LEU A 365 27.36 -10.29 -32.76
N LYS A 366 27.50 -11.48 -32.17
CA LYS A 366 28.29 -11.72 -30.93
C LYS A 366 29.72 -11.20 -31.16
N THR A 367 30.38 -11.62 -32.25
CA THR A 367 31.75 -11.14 -32.58
C THR A 367 31.69 -9.64 -32.87
N ARG A 368 30.64 -9.15 -33.54
CA ARG A 368 30.56 -7.72 -33.89
C ARG A 368 30.52 -6.91 -32.59
N ALA A 369 29.82 -7.40 -31.57
CA ALA A 369 29.71 -6.70 -30.26
C ALA A 369 31.11 -6.66 -29.61
N GLN A 370 31.90 -7.72 -29.72
CA GLN A 370 33.25 -7.78 -29.08
C GLN A 370 34.18 -6.81 -29.80
N GLU A 371 34.10 -6.73 -31.13
CA GLU A 371 34.91 -5.81 -31.97
C GLU A 371 34.51 -4.39 -31.64
N ILE A 372 33.22 -4.14 -31.42
CA ILE A 372 32.72 -2.78 -31.06
C ILE A 372 33.37 -2.33 -29.74
N GLU A 373 33.40 -3.18 -28.71
CA GLU A 373 34.11 -2.88 -27.43
C GLU A 373 35.57 -2.51 -27.70
N THR A 374 36.25 -3.33 -28.49
CA THR A 374 37.67 -3.10 -28.92
C THR A 374 37.81 -1.72 -29.54
N ILE A 375 36.92 -1.36 -30.46
CA ILE A 375 36.94 -0.05 -31.19
C ILE A 375 36.66 1.10 -30.21
N ILE A 376 35.68 0.91 -29.32
CA ILE A 376 35.33 1.95 -28.31
C ILE A 376 36.57 2.18 -27.42
N ARG A 377 37.16 1.13 -26.89
CA ARG A 377 38.33 1.27 -25.99
C ARG A 377 39.51 1.90 -26.74
N ASP A 378 39.67 1.53 -28.01
CA ASP A 378 40.75 2.04 -28.88
C ASP A 378 40.57 3.55 -29.05
N GLU A 379 39.39 4.02 -29.46
CA GLU A 379 39.13 5.49 -29.63
C GLU A 379 39.15 6.24 -28.30
N PHE A 380 39.03 5.54 -27.18
CA PHE A 380 39.03 6.18 -25.84
C PHE A 380 40.41 6.08 -25.17
N ALA A 381 41.42 5.57 -25.88
CA ALA A 381 42.82 5.51 -25.39
C ALA A 381 43.20 6.84 -24.70
N GLN A 382 42.92 7.99 -25.30
CA GLN A 382 43.43 9.28 -24.74
C GLN A 382 42.52 9.80 -23.61
N LEU A 383 41.43 9.11 -23.25
CA LEU A 383 40.54 9.58 -22.14
C LEU A 383 41.26 9.47 -20.77
N SER A 384 42.31 8.65 -20.67
CA SER A 384 43.32 8.67 -19.56
C SER A 384 43.74 10.12 -19.22
N ALA A 385 44.00 10.95 -20.23
CA ALA A 385 44.42 12.38 -20.10
C ALA A 385 43.34 13.27 -19.49
N PHE A 386 42.12 12.76 -19.23
CA PHE A 386 41.01 13.59 -18.68
C PHE A 386 40.78 13.21 -17.22
N PRO A 387 41.05 14.14 -16.27
CA PRO A 387 40.68 13.94 -14.86
C PRO A 387 39.15 13.94 -14.70
N GLU A 388 38.42 14.54 -15.65
CA GLU A 388 36.93 14.55 -15.69
C GLU A 388 36.38 13.14 -15.98
N VAL A 389 37.14 12.25 -16.60
CA VAL A 389 36.67 10.85 -16.82
C VAL A 389 37.05 10.01 -15.59
N ALA A 390 36.05 9.57 -14.82
CA ALA A 390 36.25 8.78 -13.59
C ALA A 390 36.49 7.32 -13.98
N GLU A 391 35.86 6.88 -15.04
CA GLU A 391 35.75 5.44 -15.34
C GLU A 391 35.19 5.21 -16.74
N ILE A 392 35.71 4.20 -17.40
CA ILE A 392 35.16 3.61 -18.64
C ILE A 392 34.69 2.24 -18.24
N ARG A 393 33.44 1.90 -18.49
CA ARG A 393 32.91 0.62 -18.02
C ARG A 393 31.85 0.09 -18.98
N GLY A 394 31.50 -1.17 -18.73
CA GLY A 394 30.55 -1.98 -19.50
C GLY A 394 31.27 -3.00 -20.36
N ARG A 395 30.55 -3.70 -21.21
CA ARG A 395 31.10 -4.76 -22.09
C ARG A 395 30.41 -4.71 -23.46
N GLY A 396 31.07 -5.22 -24.51
CA GLY A 396 30.46 -5.29 -25.85
C GLY A 396 29.98 -3.93 -26.33
N ALA A 397 28.72 -3.84 -26.78
CA ALA A 397 28.09 -2.62 -27.31
C ALA A 397 27.26 -1.94 -26.22
N MET A 398 27.61 -2.17 -24.94
CA MET A 398 26.98 -1.52 -23.76
C MET A 398 28.10 -0.92 -22.92
N MET A 399 28.59 0.24 -23.36
CA MET A 399 29.77 0.89 -22.77
C MET A 399 29.37 2.30 -22.33
N ALA A 400 30.11 2.84 -21.38
CA ALA A 400 29.81 4.14 -20.78
C ALA A 400 31.06 4.83 -20.26
N ILE A 401 30.94 6.14 -20.11
CA ILE A 401 31.97 6.90 -19.37
C ILE A 401 31.27 7.75 -18.32
N GLU A 402 31.81 7.73 -17.11
CA GLU A 402 31.30 8.53 -15.97
C GLU A 402 32.22 9.74 -15.82
N LEU A 403 31.61 10.90 -15.73
CA LEU A 403 32.24 12.23 -15.74
C LEU A 403 32.12 12.83 -14.33
N ILE A 404 33.19 13.49 -13.85
CA ILE A 404 33.29 14.07 -12.47
C ILE A 404 33.85 15.49 -12.57
N ASP A 405 33.68 16.26 -11.51
CA ASP A 405 34.28 17.63 -11.40
C ASP A 405 35.62 17.48 -10.67
N ALA A 406 36.25 18.59 -10.34
CA ALA A 406 37.60 18.66 -9.75
C ALA A 406 37.64 18.06 -8.34
N THR A 407 36.50 17.97 -7.65
CA THR A 407 36.32 17.39 -6.28
C THR A 407 36.09 15.88 -6.34
N GLY A 408 35.87 15.31 -7.53
CA GLY A 408 35.40 13.92 -7.69
C GLY A 408 33.89 13.76 -7.56
N ARG A 409 33.11 14.85 -7.57
CA ARG A 409 31.63 14.76 -7.48
C ARG A 409 31.06 14.55 -8.89
N PRO A 410 29.84 13.98 -9.02
CA PRO A 410 29.18 13.88 -10.32
C PRO A 410 29.09 15.23 -11.06
N ASN A 411 29.37 15.20 -12.36
CA ASN A 411 29.27 16.35 -13.28
C ASN A 411 28.20 16.09 -14.33
N ALA A 412 26.92 16.22 -13.95
CA ALA A 412 25.76 16.17 -14.89
C ALA A 412 25.88 17.30 -15.93
N ALA A 413 26.42 18.47 -15.55
CA ALA A 413 26.40 19.66 -16.44
C ALA A 413 27.27 19.39 -17.67
N LEU A 414 28.46 18.86 -17.45
CA LEU A 414 29.44 18.51 -18.51
C LEU A 414 28.84 17.40 -19.37
N THR A 415 28.20 16.42 -18.73
CA THR A 415 27.54 15.27 -19.41
C THR A 415 26.51 15.81 -20.42
N ALA A 416 25.62 16.71 -20.00
CA ALA A 416 24.56 17.31 -20.85
C ALA A 416 25.21 18.13 -21.97
N ALA A 417 26.27 18.89 -21.65
CA ALA A 417 26.91 19.81 -22.62
C ALA A 417 27.59 18.99 -23.73
N VAL A 418 28.27 17.90 -23.36
CA VAL A 418 28.94 16.98 -24.32
C VAL A 418 27.89 16.32 -25.24
N ALA A 419 26.81 15.75 -24.65
CA ALA A 419 25.67 15.19 -25.41
C ALA A 419 25.11 16.25 -26.38
N ALA A 420 24.89 17.48 -25.95
CA ALA A 420 24.27 18.53 -26.81
C ALA A 420 25.26 18.93 -27.92
N ARG A 421 26.56 19.02 -27.61
CA ARG A 421 27.63 19.33 -28.60
C ARG A 421 27.73 18.22 -29.65
N ALA A 422 27.74 16.95 -29.22
CA ALA A 422 27.77 15.78 -30.13
C ALA A 422 26.57 15.83 -31.08
N LYS A 423 25.37 16.11 -30.55
CA LYS A 423 24.12 16.18 -31.33
C LYS A 423 24.25 17.26 -32.40
N ALA A 424 24.83 18.41 -32.04
CA ALA A 424 24.95 19.55 -32.97
C ALA A 424 25.91 19.18 -34.12
N GLU A 425 26.85 18.28 -33.89
CA GLU A 425 27.82 17.75 -34.90
C GLU A 425 27.26 16.52 -35.63
N GLY A 426 26.05 16.09 -35.31
CA GLY A 426 25.33 15.02 -36.01
C GLY A 426 25.58 13.64 -35.44
N VAL A 427 25.84 13.54 -34.13
CA VAL A 427 26.01 12.24 -33.42
C VAL A 427 24.98 12.20 -32.28
N LEU A 428 24.10 11.20 -32.32
CA LEU A 428 23.13 10.95 -31.21
C LEU A 428 23.79 10.06 -30.16
N LEU A 429 24.04 10.60 -28.98
CA LEU A 429 24.49 9.77 -27.85
C LEU A 429 23.63 10.09 -26.64
N LEU A 430 23.35 9.06 -25.87
CA LEU A 430 22.42 9.14 -24.74
C LEU A 430 23.23 9.36 -23.46
N THR A 431 22.55 9.88 -22.44
CA THR A 431 23.10 10.04 -21.10
C THR A 431 22.24 9.19 -20.16
N CYS A 432 22.76 8.91 -18.98
CA CYS A 432 22.01 8.19 -17.93
C CYS A 432 22.72 8.41 -16.60
N GLY A 433 22.36 7.62 -15.60
CA GLY A 433 23.07 7.62 -14.30
C GLY A 433 22.18 8.23 -13.24
N THR A 434 22.19 7.63 -12.07
CA THR A 434 21.46 8.14 -10.89
C THR A 434 21.69 9.66 -10.74
N ASP A 435 22.92 10.12 -10.98
CA ASP A 435 23.35 11.53 -10.83
C ASP A 435 23.50 12.22 -12.19
N GLY A 436 23.04 11.60 -13.27
CA GLY A 436 22.93 12.22 -14.61
C GLY A 436 24.32 12.49 -15.21
N ASN A 437 25.37 11.81 -14.78
CA ASN A 437 26.75 12.13 -15.24
C ASN A 437 27.40 10.97 -16.00
N VAL A 438 26.61 10.20 -16.75
CA VAL A 438 27.14 9.03 -17.51
C VAL A 438 26.70 9.22 -18.96
N ILE A 439 27.68 9.22 -19.87
CA ILE A 439 27.45 9.11 -21.31
C ILE A 439 27.45 7.63 -21.66
N ARG A 440 26.40 7.17 -22.31
CA ARG A 440 26.32 5.72 -22.59
C ARG A 440 26.50 5.54 -24.09
N LEU A 441 27.02 4.39 -24.51
CA LEU A 441 27.18 4.04 -25.93
C LEU A 441 26.36 2.79 -26.19
N LEU A 442 25.41 2.89 -27.10
CA LEU A 442 24.52 1.74 -27.44
C LEU A 442 24.38 1.67 -28.96
N PRO A 443 25.50 1.55 -29.70
CA PRO A 443 25.42 1.43 -31.15
C PRO A 443 24.66 0.17 -31.53
N PRO A 444 23.95 0.18 -32.69
CA PRO A 444 23.48 -1.06 -33.27
C PRO A 444 24.70 -1.90 -33.65
N LEU A 445 24.57 -3.21 -33.56
CA LEU A 445 25.71 -4.15 -33.78
C LEU A 445 26.12 -4.22 -35.27
N VAL A 446 25.36 -3.60 -36.15
CA VAL A 446 25.56 -3.60 -37.63
C VAL A 446 26.23 -2.30 -38.03
N ILE A 447 26.67 -1.49 -37.08
CA ILE A 447 27.29 -0.17 -37.42
C ILE A 447 28.62 -0.43 -38.14
N ALA A 448 28.90 0.36 -39.17
CA ALA A 448 30.19 0.27 -39.89
C ALA A 448 31.28 0.85 -38.98
N GLU A 449 32.43 0.16 -38.92
CA GLU A 449 33.62 0.58 -38.13
C GLU A 449 33.91 2.07 -38.39
N ASP A 450 33.94 2.52 -39.64
CA ASP A 450 34.27 3.93 -39.95
C ASP A 450 33.23 4.86 -39.32
N THR A 451 31.95 4.50 -39.37
CA THR A 451 30.85 5.31 -38.78
C THR A 451 31.04 5.38 -37.26
N LEU A 452 31.24 4.24 -36.62
CA LEU A 452 31.45 4.15 -35.16
C LEU A 452 32.67 4.99 -34.76
N ARG A 453 33.79 4.83 -35.46
CA ARG A 453 35.00 5.65 -35.15
C ARG A 453 34.69 7.14 -35.30
N ASP A 454 34.03 7.58 -36.37
CA ASP A 454 33.66 9.00 -36.59
C ASP A 454 32.83 9.48 -35.39
N GLY A 455 31.84 8.67 -34.97
CA GLY A 455 30.96 9.00 -33.82
C GLY A 455 31.78 9.22 -32.55
N LEU A 456 32.65 8.27 -32.25
CA LEU A 456 33.50 8.29 -31.03
C LEU A 456 34.49 9.45 -31.08
N GLN A 457 34.99 9.82 -32.27
CA GLN A 457 35.95 10.95 -32.41
C GLN A 457 35.19 12.23 -32.10
N VAL A 458 33.94 12.36 -32.58
CA VAL A 458 33.09 13.54 -32.32
C VAL A 458 32.87 13.66 -30.80
N LEU A 459 32.58 12.55 -30.11
CA LEU A 459 32.38 12.49 -28.65
C LEU A 459 33.64 13.00 -27.95
N VAL A 460 34.80 12.48 -28.32
CA VAL A 460 36.09 12.87 -27.68
C VAL A 460 36.35 14.36 -27.90
N ALA A 461 36.06 14.93 -29.07
CA ALA A 461 36.37 16.37 -29.34
C ALA A 461 35.33 17.25 -28.63
N ALA A 462 34.10 16.76 -28.47
CA ALA A 462 33.04 17.44 -27.70
C ALA A 462 33.48 17.56 -26.23
N LEU A 463 34.06 16.50 -25.68
CA LEU A 463 34.55 16.46 -24.30
C LEU A 463 35.72 17.47 -24.16
N GLU A 464 36.70 17.41 -25.05
CA GLU A 464 37.81 18.40 -25.14
C GLU A 464 37.24 19.82 -25.16
N ARG A 465 36.41 20.15 -26.14
CA ARG A 465 35.86 21.52 -26.29
C ARG A 465 35.21 21.95 -24.97
N GLU A 466 34.41 21.07 -24.35
CA GLU A 466 33.48 21.40 -23.24
C GLU A 466 34.20 21.49 -21.88
N THR A 467 35.39 20.90 -21.75
CA THR A 467 36.23 20.93 -20.52
C THR A 467 37.24 22.07 -20.61
N ALA A 468 37.14 22.93 -21.64
CA ALA A 468 37.93 24.18 -21.74
C ALA A 468 36.98 25.37 -21.89
N LEU B 29 -17.77 -5.70 -50.07
CA LEU B 29 -16.45 -6.14 -49.50
C LEU B 29 -15.89 -7.32 -50.30
N SER B 30 -14.59 -7.28 -50.57
CA SER B 30 -13.80 -8.40 -51.18
C SER B 30 -12.96 -9.05 -50.08
N TYR B 31 -12.83 -10.38 -50.13
CA TYR B 31 -12.12 -11.19 -49.13
C TYR B 31 -10.96 -11.91 -49.79
N ARG B 32 -9.95 -12.26 -49.00
CA ARG B 32 -8.74 -12.98 -49.49
C ARG B 32 -8.92 -14.48 -49.30
N ILE B 33 -9.62 -14.91 -48.24
CA ILE B 33 -9.78 -16.37 -47.95
C ILE B 33 -11.29 -16.66 -48.04
N PRO B 34 -11.68 -17.92 -48.31
CA PRO B 34 -13.09 -18.29 -48.38
C PRO B 34 -13.81 -17.93 -47.05
N GLN B 35 -15.01 -17.36 -47.12
CA GLN B 35 -15.75 -16.86 -45.92
C GLN B 35 -16.80 -17.87 -45.46
N SER B 36 -16.58 -19.16 -45.65
CA SER B 36 -17.50 -20.25 -45.24
C SER B 36 -16.81 -21.09 -44.16
N ARG B 37 -17.59 -21.47 -43.16
CA ARG B 37 -17.25 -22.40 -42.07
C ARG B 37 -16.99 -23.79 -42.64
N THR B 38 -15.94 -24.47 -42.17
CA THR B 38 -15.74 -25.91 -42.40
C THR B 38 -14.81 -26.45 -41.33
N VAL B 39 -15.20 -27.53 -40.65
CA VAL B 39 -14.38 -28.22 -39.61
C VAL B 39 -14.30 -29.69 -40.01
N ALA B 40 -13.13 -30.32 -39.85
CA ALA B 40 -12.92 -31.76 -40.03
C ALA B 40 -13.66 -32.56 -38.94
N GLU B 41 -13.77 -33.87 -39.12
CA GLU B 41 -14.39 -34.82 -38.14
C GLU B 41 -13.54 -34.84 -36.87
N GLN B 42 -12.20 -34.78 -37.00
CA GLN B 42 -11.22 -34.74 -35.87
C GLN B 42 -10.60 -33.33 -35.79
N VAL B 43 -10.97 -32.57 -34.75
CA VAL B 43 -10.31 -31.27 -34.39
C VAL B 43 -9.79 -31.38 -32.96
N PRO B 44 -8.53 -31.01 -32.67
CA PRO B 44 -7.59 -30.45 -33.65
C PRO B 44 -7.08 -31.46 -34.68
N GLY B 45 -6.69 -30.98 -35.87
CA GLY B 45 -5.95 -31.75 -36.87
C GLY B 45 -4.51 -32.02 -36.43
N PRO B 46 -3.73 -32.76 -37.23
CA PRO B 46 -2.43 -33.24 -36.78
C PRO B 46 -1.39 -32.12 -36.57
N LYS B 47 -1.35 -31.14 -37.45
CA LYS B 47 -0.35 -30.04 -37.34
C LYS B 47 -0.64 -29.21 -36.08
N SER B 48 -1.91 -28.94 -35.81
CA SER B 48 -2.37 -28.17 -34.62
C SER B 48 -2.13 -28.98 -33.35
N LYS B 49 -2.36 -30.29 -33.37
CA LYS B 49 -2.08 -31.21 -32.23
C LYS B 49 -0.58 -31.18 -31.92
N ALA B 50 0.26 -31.23 -32.94
CA ALA B 50 1.73 -31.10 -32.85
C ALA B 50 2.11 -29.75 -32.23
N LEU B 51 1.47 -28.67 -32.65
CA LEU B 51 1.82 -27.31 -32.17
C LEU B 51 1.37 -27.21 -30.70
N ASP B 52 0.23 -27.79 -30.33
CA ASP B 52 -0.30 -27.84 -28.95
C ASP B 52 0.66 -28.56 -28.01
N GLU B 53 1.32 -29.65 -28.44
CA GLU B 53 2.35 -30.37 -27.64
C GLU B 53 3.60 -29.50 -27.47
N ARG B 54 4.00 -28.78 -28.52
CA ARG B 54 5.13 -27.84 -28.41
C ARG B 54 4.76 -26.75 -27.38
N ARG B 55 3.50 -26.29 -27.41
CA ARG B 55 3.01 -25.24 -26.48
C ARG B 55 3.10 -25.78 -25.05
N GLN B 56 2.64 -27.02 -24.81
CA GLN B 56 2.72 -27.65 -23.46
C GLN B 56 4.18 -27.68 -22.97
N ALA B 57 5.17 -27.94 -23.84
CA ALA B 57 6.57 -28.11 -23.44
C ALA B 57 7.19 -26.72 -23.15
N ALA B 58 6.77 -25.67 -23.88
CA ALA B 58 7.55 -24.40 -23.97
C ALA B 58 6.89 -23.21 -23.24
N VAL B 59 5.56 -23.20 -23.07
CA VAL B 59 4.76 -22.01 -22.66
C VAL B 59 4.14 -22.22 -21.29
N ALA B 60 4.25 -21.21 -20.41
CA ALA B 60 3.61 -21.19 -19.07
C ALA B 60 2.21 -21.78 -19.16
N ARG B 61 1.83 -22.67 -18.24
CA ARG B 61 0.52 -23.39 -18.37
C ARG B 61 -0.65 -22.43 -18.23
N ALA B 62 -0.50 -21.24 -17.61
CA ALA B 62 -1.57 -20.21 -17.53
C ALA B 62 -2.13 -19.86 -18.91
N LEU B 63 -1.30 -19.92 -19.95
CA LEU B 63 -1.69 -19.60 -21.35
C LEU B 63 -2.23 -20.88 -21.99
N ALA B 64 -3.53 -21.05 -21.86
CA ALA B 64 -4.30 -22.25 -22.21
C ALA B 64 -5.30 -21.83 -23.27
N PRO B 65 -4.89 -21.76 -24.56
CA PRO B 65 -5.75 -21.22 -25.60
C PRO B 65 -7.00 -22.08 -25.80
N GLY B 66 -8.12 -21.46 -26.17
CA GLY B 66 -9.43 -22.11 -26.37
C GLY B 66 -9.62 -22.70 -27.76
N LEU B 67 -9.14 -22.05 -28.83
CA LEU B 67 -9.32 -22.54 -30.22
C LEU B 67 -8.51 -23.81 -30.40
N PRO B 68 -9.15 -24.94 -30.84
CA PRO B 68 -8.47 -26.22 -31.06
C PRO B 68 -7.81 -26.29 -32.45
N GLY B 69 -7.05 -25.25 -32.79
CA GLY B 69 -6.39 -25.08 -34.09
C GLY B 69 -5.41 -23.93 -34.01
N TYR B 70 -4.32 -24.01 -34.75
CA TYR B 70 -3.26 -22.99 -34.86
C TYR B 70 -3.56 -22.14 -36.09
N VAL B 71 -3.72 -20.84 -35.88
CA VAL B 71 -4.10 -19.87 -36.92
C VAL B 71 -2.94 -19.68 -37.90
N VAL B 72 -3.28 -19.65 -39.21
CA VAL B 72 -2.35 -19.31 -40.34
C VAL B 72 -2.91 -18.11 -41.12
N ASP B 73 -4.21 -17.84 -41.04
CA ASP B 73 -4.91 -16.70 -41.69
C ASP B 73 -6.09 -16.24 -40.84
N ALA B 74 -6.24 -14.93 -40.74
CA ALA B 74 -7.40 -14.25 -40.11
C ALA B 74 -7.85 -13.16 -41.10
N ASP B 75 -9.02 -13.33 -41.69
CA ASP B 75 -9.45 -12.43 -42.79
C ASP B 75 -10.98 -12.40 -42.89
N GLY B 76 -11.56 -11.19 -42.98
CA GLY B 76 -13.02 -11.01 -42.96
C GLY B 76 -13.61 -11.59 -41.68
N GLY B 77 -14.44 -12.64 -41.78
CA GLY B 77 -15.04 -13.29 -40.60
C GLY B 77 -14.52 -14.70 -40.35
N ILE B 78 -13.32 -15.02 -40.82
CA ILE B 78 -12.81 -16.41 -40.73
C ILE B 78 -11.44 -16.42 -40.03
N LEU B 79 -11.24 -17.44 -39.19
CA LEU B 79 -9.91 -17.91 -38.75
C LEU B 79 -9.64 -19.26 -39.41
N ALA B 80 -8.60 -19.34 -40.23
CA ALA B 80 -8.14 -20.56 -40.93
C ALA B 80 -6.97 -21.13 -40.15
N ASP B 81 -7.03 -22.43 -39.84
CA ASP B 81 -6.00 -23.11 -39.02
C ASP B 81 -5.05 -23.89 -39.90
N ALA B 82 -3.98 -24.41 -39.29
CA ALA B 82 -2.86 -25.11 -39.97
C ALA B 82 -3.37 -26.40 -40.66
N ASP B 83 -4.57 -26.89 -40.29
CA ASP B 83 -5.09 -28.16 -40.85
C ASP B 83 -6.19 -27.92 -41.88
N GLY B 84 -6.48 -26.67 -42.25
CA GLY B 84 -7.46 -26.32 -43.28
C GLY B 84 -8.86 -26.05 -42.73
N ASN B 85 -9.07 -26.07 -41.42
CA ASN B 85 -10.38 -25.69 -40.81
C ASN B 85 -10.60 -24.19 -40.97
N ARG B 86 -11.85 -23.78 -41.16
CA ARG B 86 -12.22 -22.36 -41.21
C ARG B 86 -13.26 -22.15 -40.12
N PHE B 87 -12.89 -21.40 -39.09
CA PHE B 87 -13.79 -21.12 -37.93
C PHE B 87 -14.42 -19.76 -38.18
N ILE B 88 -15.71 -19.63 -37.90
CA ILE B 88 -16.35 -18.30 -37.90
C ILE B 88 -15.86 -17.54 -36.65
N ASP B 89 -15.41 -16.32 -36.87
CA ASP B 89 -14.72 -15.46 -35.88
C ASP B 89 -15.74 -14.47 -35.31
N LEU B 90 -16.35 -14.79 -34.18
CA LEU B 90 -17.22 -13.82 -33.48
C LEU B 90 -16.44 -13.28 -32.26
N ALA B 91 -15.10 -13.29 -32.31
CA ALA B 91 -14.19 -12.90 -31.19
C ALA B 91 -13.41 -11.62 -31.55
N SER B 92 -12.99 -11.48 -32.81
CA SER B 92 -12.04 -10.44 -33.30
C SER B 92 -10.82 -10.31 -32.35
N GLY B 93 -10.31 -11.45 -31.87
CA GLY B 93 -9.17 -11.48 -30.92
C GLY B 93 -9.43 -10.63 -29.68
N ILE B 94 -10.69 -10.63 -29.22
CA ILE B 94 -11.29 -9.82 -28.12
C ILE B 94 -11.40 -8.35 -28.57
N ALA B 95 -12.19 -8.07 -29.61
CA ALA B 95 -12.58 -6.71 -30.01
C ALA B 95 -11.37 -5.93 -30.57
N VAL B 96 -10.35 -6.60 -31.10
CA VAL B 96 -9.11 -5.95 -31.63
C VAL B 96 -9.20 -5.80 -33.17
N THR B 97 -9.55 -6.85 -33.88
CA THR B 97 -9.45 -6.90 -35.36
C THR B 97 -10.81 -6.47 -35.97
N THR B 98 -11.24 -5.28 -35.56
CA THR B 98 -12.45 -4.55 -36.00
C THR B 98 -12.44 -4.39 -37.53
N VAL B 99 -11.26 -4.12 -38.12
CA VAL B 99 -11.12 -3.89 -39.58
C VAL B 99 -10.84 -5.22 -40.30
N GLY B 100 -10.86 -6.34 -39.58
CA GLY B 100 -10.42 -7.62 -40.13
C GLY B 100 -9.03 -7.95 -39.61
N GLY B 101 -8.66 -9.22 -39.60
CA GLY B 101 -7.39 -9.67 -39.00
C GLY B 101 -6.22 -9.45 -39.93
N SER B 102 -6.45 -9.14 -41.21
CA SER B 102 -5.34 -9.01 -42.20
C SER B 102 -5.73 -8.04 -43.29
N ASN B 103 -6.27 -6.90 -42.88
CA ASN B 103 -6.79 -5.86 -43.78
C ASN B 103 -5.65 -5.42 -44.70
N ALA B 104 -5.90 -5.30 -46.00
CA ALA B 104 -4.86 -5.11 -47.03
C ALA B 104 -4.16 -3.76 -46.82
N ALA B 105 -4.91 -2.72 -46.51
CA ALA B 105 -4.37 -1.36 -46.27
C ALA B 105 -3.46 -1.40 -45.03
N VAL B 106 -3.86 -2.11 -43.99
CA VAL B 106 -3.06 -2.18 -42.73
C VAL B 106 -1.76 -2.98 -42.99
N ALA B 107 -1.85 -4.14 -43.63
CA ALA B 107 -0.68 -5.01 -43.94
C ALA B 107 0.31 -4.26 -44.85
N LYS B 108 -0.18 -3.49 -45.83
CA LYS B 108 0.66 -2.69 -46.75
C LYS B 108 1.41 -1.60 -45.96
N ALA B 109 0.73 -0.90 -45.04
CA ALA B 109 1.30 0.22 -44.25
C ALA B 109 2.34 -0.32 -43.27
N VAL B 110 2.07 -1.48 -42.67
CA VAL B 110 2.98 -2.22 -41.74
C VAL B 110 4.27 -2.60 -42.48
N GLY B 111 4.15 -3.33 -43.60
CA GLY B 111 5.31 -3.67 -44.45
C GLY B 111 6.13 -2.45 -44.82
N ALA B 112 5.47 -1.37 -45.29
CA ALA B 112 6.16 -0.17 -45.83
C ALA B 112 6.92 0.51 -44.68
N ALA B 113 6.29 0.67 -43.51
CA ALA B 113 6.89 1.34 -42.33
C ALA B 113 8.12 0.55 -41.85
N ALA B 114 8.01 -0.77 -41.66
CA ALA B 114 9.10 -1.64 -41.16
C ALA B 114 10.32 -1.51 -42.09
N ALA B 115 10.11 -1.28 -43.38
CA ALA B 115 11.21 -1.18 -44.38
C ALA B 115 11.93 0.15 -44.25
N ARG B 116 11.36 1.13 -43.54
CA ARG B 116 11.93 2.49 -43.35
C ARG B 116 12.57 2.55 -41.95
N PHE B 117 11.82 2.14 -40.92
CA PHE B 117 12.37 1.89 -39.55
C PHE B 117 11.29 1.28 -38.68
N THR B 118 11.68 0.38 -37.78
CA THR B 118 10.74 -0.35 -36.90
C THR B 118 10.53 0.43 -35.60
N HIS B 119 11.50 1.24 -35.20
CA HIS B 119 11.58 1.83 -33.84
C HIS B 119 12.70 2.85 -33.76
N THR B 120 12.47 3.96 -33.07
CA THR B 120 13.53 4.90 -32.65
C THR B 120 13.38 5.30 -31.18
N CYS B 121 12.24 5.00 -30.56
CA CYS B 121 11.84 5.50 -29.23
C CYS B 121 11.49 6.98 -29.34
N PHE B 122 10.19 7.29 -29.36
CA PHE B 122 9.73 8.66 -29.68
C PHE B 122 10.40 9.70 -28.78
N MET B 123 10.56 9.39 -27.50
CA MET B 123 11.18 10.31 -26.49
C MET B 123 12.64 10.60 -26.86
N VAL B 124 13.26 9.75 -27.67
CA VAL B 124 14.68 9.91 -28.03
C VAL B 124 14.74 10.57 -29.41
N SER B 125 14.23 9.88 -30.44
CA SER B 125 14.17 10.41 -31.83
C SER B 125 12.73 10.38 -32.30
N PRO B 126 12.10 11.54 -32.58
CA PRO B 126 10.67 11.53 -32.93
C PRO B 126 10.44 11.19 -34.39
N TYR B 127 9.18 10.98 -34.73
CA TYR B 127 8.76 10.61 -36.09
C TYR B 127 7.32 11.04 -36.27
N GLU B 128 6.95 11.28 -37.54
CA GLU B 128 5.64 11.91 -37.88
C GLU B 128 4.46 11.00 -37.48
N THR B 129 4.52 9.68 -37.64
CA THR B 129 3.28 8.87 -37.49
C THR B 129 2.80 8.89 -36.03
N TYR B 130 3.70 9.10 -35.09
CA TYR B 130 3.33 9.30 -33.66
C TYR B 130 2.45 10.55 -33.56
N VAL B 131 2.97 11.67 -34.06
CA VAL B 131 2.26 12.97 -33.96
C VAL B 131 0.93 12.82 -34.71
N ALA B 132 0.93 12.16 -35.87
CA ALA B 132 -0.28 12.04 -36.72
C ALA B 132 -1.31 11.21 -35.96
N MET B 133 -0.87 10.18 -35.22
CA MET B 133 -1.88 9.35 -34.48
C MET B 133 -2.43 10.16 -33.30
N ALA B 134 -1.59 10.93 -32.61
CA ALA B 134 -2.07 11.85 -31.55
C ALA B 134 -3.11 12.80 -32.14
N GLU B 135 -2.84 13.39 -33.32
CA GLU B 135 -3.80 14.33 -33.94
C GLU B 135 -5.11 13.60 -34.23
N ARG B 136 -5.04 12.41 -34.79
CA ARG B 136 -6.23 11.59 -35.15
C ARG B 136 -7.06 11.38 -33.88
N LEU B 137 -6.42 11.00 -32.78
CA LEU B 137 -7.13 10.67 -31.52
C LEU B 137 -7.76 11.94 -30.97
N ASN B 138 -7.03 13.06 -31.00
CA ASN B 138 -7.51 14.36 -30.46
C ASN B 138 -8.78 14.77 -31.23
N ALA B 139 -8.80 14.53 -32.54
CA ALA B 139 -9.92 14.89 -33.46
C ALA B 139 -11.14 13.98 -33.22
N LEU B 140 -10.94 12.67 -33.04
CA LEU B 140 -12.02 11.65 -33.11
C LEU B 140 -12.72 11.52 -31.75
N THR B 141 -12.04 11.83 -30.65
CA THR B 141 -12.59 11.67 -29.28
C THR B 141 -13.66 12.75 -29.03
N PRO B 142 -14.59 12.49 -28.08
CA PRO B 142 -15.63 13.44 -27.74
C PRO B 142 -15.12 14.83 -27.30
N GLY B 143 -15.94 15.85 -27.59
CA GLY B 143 -15.71 17.23 -27.13
C GLY B 143 -14.90 18.02 -28.13
N ASP B 144 -15.05 19.35 -28.08
CA ASP B 144 -14.41 20.36 -28.96
C ASP B 144 -13.27 21.09 -28.25
N HIS B 145 -13.08 20.82 -26.95
CA HIS B 145 -12.02 21.41 -26.11
C HIS B 145 -10.64 20.95 -26.60
N ASP B 146 -9.61 21.68 -26.22
CA ASP B 146 -8.19 21.39 -26.55
C ASP B 146 -7.76 20.08 -25.88
N LYS B 147 -7.29 19.11 -26.67
CA LYS B 147 -6.88 17.76 -26.18
C LYS B 147 -5.45 17.45 -26.60
N LYS B 148 -4.77 16.62 -25.79
CA LYS B 148 -3.46 16.06 -26.17
C LYS B 148 -3.50 14.56 -25.89
N SER B 149 -2.59 13.84 -26.52
CA SER B 149 -2.52 12.37 -26.43
C SER B 149 -1.10 11.94 -26.07
N ALA B 150 -1.00 10.73 -25.53
CA ALA B 150 0.28 10.01 -25.32
C ALA B 150 0.01 8.56 -25.69
N LEU B 151 0.95 7.93 -26.40
CA LEU B 151 0.81 6.55 -26.96
C LEU B 151 1.65 5.52 -26.20
N PHE B 152 1.08 4.34 -25.96
CA PHE B 152 1.77 3.25 -25.22
C PHE B 152 1.55 1.97 -26.02
N ASN B 153 1.71 0.81 -25.39
CA ASN B 153 1.62 -0.48 -26.13
C ASN B 153 0.33 -1.20 -25.73
N SER B 154 0.11 -1.44 -24.44
CA SER B 154 -1.03 -2.27 -23.96
C SER B 154 -2.14 -1.40 -23.38
N GLY B 155 -3.35 -1.95 -23.27
CA GLY B 155 -4.45 -1.28 -22.57
C GLY B 155 -4.12 -1.02 -21.11
N ALA B 156 -3.51 -1.99 -20.43
CA ALA B 156 -3.10 -1.81 -19.01
C ALA B 156 -2.18 -0.58 -18.91
N GLU B 157 -1.18 -0.46 -19.78
CA GLU B 157 -0.28 0.73 -19.74
C GLU B 157 -1.09 2.00 -19.95
N ALA B 158 -2.07 2.00 -20.87
CA ALA B 158 -2.91 3.20 -21.09
C ALA B 158 -3.66 3.57 -19.79
N VAL B 159 -4.28 2.60 -19.15
CA VAL B 159 -5.01 2.87 -17.88
C VAL B 159 -4.05 3.39 -16.81
N GLU B 160 -2.86 2.78 -16.66
CA GLU B 160 -1.81 3.22 -15.70
C GLU B 160 -1.46 4.68 -15.97
N ASN B 161 -1.34 5.09 -17.23
CA ASN B 161 -0.90 6.47 -17.58
C ASN B 161 -2.06 7.46 -17.43
N ALA B 162 -3.28 6.98 -17.58
CA ALA B 162 -4.49 7.79 -17.36
C ALA B 162 -4.56 8.11 -15.86
N VAL B 163 -4.26 7.14 -15.01
CA VAL B 163 -4.20 7.38 -13.54
C VAL B 163 -3.05 8.35 -13.24
N LYS B 164 -1.90 8.16 -13.90
CA LYS B 164 -0.71 9.03 -13.68
C LYS B 164 -1.08 10.49 -14.00
N VAL B 165 -1.74 10.78 -15.11
CA VAL B 165 -1.99 12.20 -15.50
C VAL B 165 -3.01 12.81 -14.53
N ALA B 166 -4.01 12.03 -14.08
CA ALA B 166 -5.03 12.50 -13.13
C ALA B 166 -4.40 12.82 -11.79
N ARG B 167 -3.54 11.92 -11.28
CA ARG B 167 -2.80 12.23 -10.02
C ARG B 167 -1.88 13.46 -10.20
N ALA B 168 -1.17 13.57 -11.31
CA ALA B 168 -0.21 14.69 -11.53
C ALA B 168 -1.03 15.99 -11.59
N TYR B 169 -2.19 15.96 -12.24
CA TYR B 169 -3.02 17.17 -12.47
C TYR B 169 -3.68 17.62 -11.17
N THR B 170 -4.33 16.68 -10.47
CA THR B 170 -5.18 17.01 -9.29
C THR B 170 -4.33 17.19 -8.05
N GLY B 171 -3.17 16.52 -7.98
CA GLY B 171 -2.44 16.38 -6.71
C GLY B 171 -3.16 15.51 -5.69
N LYS B 172 -4.13 14.68 -6.10
CA LYS B 172 -4.89 13.81 -5.18
C LYS B 172 -4.56 12.36 -5.57
N GLY B 173 -4.79 11.41 -4.67
CA GLY B 173 -4.24 10.04 -4.80
C GLY B 173 -5.28 9.00 -5.17
N ALA B 174 -6.49 9.09 -4.63
CA ALA B 174 -7.43 7.95 -4.67
C ALA B 174 -7.99 7.76 -6.09
N VAL B 175 -8.28 6.50 -6.41
CA VAL B 175 -8.87 6.03 -7.68
C VAL B 175 -10.17 5.34 -7.32
N VAL B 176 -11.26 5.74 -7.95
CA VAL B 176 -12.57 5.05 -7.80
C VAL B 176 -12.83 4.30 -9.10
N VAL B 177 -13.20 3.04 -8.94
CA VAL B 177 -13.58 2.06 -9.98
C VAL B 177 -14.94 1.47 -9.55
N PHE B 178 -15.50 0.58 -10.37
CA PHE B 178 -16.89 0.10 -10.19
C PHE B 178 -16.93 -1.41 -10.05
N ASP B 179 -18.01 -1.91 -9.44
CA ASP B 179 -18.34 -3.35 -9.47
C ASP B 179 -18.29 -3.80 -10.93
N ASN B 180 -17.77 -5.01 -11.13
CA ASN B 180 -17.67 -5.74 -12.41
C ASN B 180 -16.59 -5.12 -13.33
N ALA B 181 -15.74 -4.22 -12.84
CA ALA B 181 -14.74 -3.55 -13.72
C ALA B 181 -13.65 -4.53 -14.14
N TYR B 182 -13.06 -4.29 -15.31
CA TYR B 182 -11.82 -4.92 -15.74
C TYR B 182 -10.94 -3.86 -16.39
N HIS B 183 -9.71 -3.70 -15.87
CA HIS B 183 -8.77 -2.66 -16.38
C HIS B 183 -7.38 -3.20 -16.73
N GLY B 184 -7.09 -4.48 -16.51
CA GLY B 184 -5.81 -5.07 -16.95
C GLY B 184 -5.11 -5.86 -15.86
N ARG B 185 -3.93 -6.36 -16.18
CA ARG B 185 -3.21 -7.39 -15.38
C ARG B 185 -1.92 -6.88 -14.74
N THR B 186 -1.68 -5.58 -14.69
CA THR B 186 -0.54 -5.00 -13.92
C THR B 186 -0.98 -4.84 -12.45
N ASN B 187 -0.04 -4.54 -11.57
CA ASN B 187 -0.35 -4.48 -10.13
C ASN B 187 -1.51 -3.47 -9.94
N LEU B 188 -1.42 -2.25 -10.46
CA LEU B 188 -2.49 -1.26 -10.25
C LEU B 188 -3.78 -1.66 -10.99
N THR B 189 -3.68 -2.20 -12.21
CA THR B 189 -4.89 -2.49 -13.01
C THR B 189 -5.57 -3.74 -12.44
N MET B 190 -4.81 -4.58 -11.76
CA MET B 190 -5.37 -5.73 -11.00
C MET B 190 -6.17 -5.18 -9.81
N ALA B 191 -5.63 -4.24 -9.01
CA ALA B 191 -6.38 -3.52 -7.94
C ALA B 191 -7.69 -2.94 -8.49
N MET B 192 -7.64 -2.34 -9.68
CA MET B 192 -8.80 -1.65 -10.29
C MET B 192 -9.83 -2.66 -10.81
N THR B 193 -9.38 -3.85 -11.22
CA THR B 193 -10.20 -4.96 -11.75
C THR B 193 -10.97 -5.55 -10.58
N ALA B 194 -12.23 -5.93 -10.77
CA ALA B 194 -13.10 -6.37 -9.65
C ALA B 194 -12.86 -7.84 -9.32
N LYS B 195 -12.67 -8.67 -10.32
CA LYS B 195 -12.74 -10.15 -10.18
C LYS B 195 -11.42 -10.75 -9.71
N ASN B 196 -11.49 -11.49 -8.61
CA ASN B 196 -10.30 -12.06 -7.95
C ASN B 196 -9.77 -13.22 -8.80
N ARG B 197 -10.64 -14.11 -9.26
CA ARG B 197 -10.27 -15.33 -10.03
C ARG B 197 -10.54 -15.10 -11.52
N PRO B 198 -9.55 -15.29 -12.44
CA PRO B 198 -8.17 -15.60 -12.12
C PRO B 198 -7.21 -14.40 -12.15
N TYR B 199 -7.72 -13.19 -12.24
CA TYR B 199 -6.90 -11.98 -12.55
C TYR B 199 -6.01 -11.56 -11.38
N LYS B 200 -6.45 -11.76 -10.13
CA LYS B 200 -5.78 -11.08 -8.97
C LYS B 200 -5.18 -12.10 -8.00
N SER B 201 -5.79 -13.25 -7.89
CA SER B 201 -5.48 -14.20 -6.77
C SER B 201 -3.99 -14.55 -6.75
N GLY B 202 -3.37 -14.35 -5.58
CA GLY B 202 -1.99 -14.77 -5.32
C GLY B 202 -0.96 -13.76 -5.79
N PHE B 203 -1.37 -12.63 -6.35
CA PHE B 203 -0.42 -11.68 -6.97
C PHE B 203 -0.17 -10.45 -6.09
N GLY B 204 -0.90 -10.35 -4.98
CA GLY B 204 -0.82 -9.19 -4.07
C GLY B 204 0.48 -9.24 -3.27
N PRO B 205 0.78 -8.20 -2.45
CA PRO B 205 -0.09 -7.02 -2.30
C PRO B 205 -0.22 -6.07 -3.51
N LEU B 206 -1.44 -5.52 -3.70
CA LEU B 206 -1.80 -4.62 -4.82
C LEU B 206 -1.81 -3.16 -4.33
N ALA B 207 -1.55 -2.26 -5.27
CA ALA B 207 -1.64 -0.78 -5.12
C ALA B 207 -2.84 -0.42 -4.23
N ALA B 208 -2.59 0.42 -3.25
CA ALA B 208 -3.54 0.98 -2.27
C ALA B 208 -4.29 2.17 -2.88
N ASP B 209 -5.26 2.69 -2.13
CA ASP B 209 -5.98 3.95 -2.41
C ASP B 209 -6.91 3.77 -3.61
N VAL B 210 -7.31 2.53 -3.87
CA VAL B 210 -8.32 2.18 -4.89
C VAL B 210 -9.61 1.79 -4.17
N TYR B 211 -10.71 2.45 -4.53
CA TYR B 211 -12.05 2.35 -3.88
C TYR B 211 -13.07 1.95 -4.94
N ARG B 212 -14.03 1.11 -4.56
CA ARG B 212 -15.01 0.53 -5.51
C ARG B 212 -16.43 1.00 -5.18
N ALA B 213 -17.17 1.38 -6.20
CA ALA B 213 -18.53 1.92 -6.12
C ALA B 213 -19.44 0.97 -6.88
N PRO B 214 -20.73 0.90 -6.49
CA PRO B 214 -21.72 0.08 -7.18
C PRO B 214 -22.01 0.61 -8.60
N MET B 215 -22.09 -0.34 -9.53
CA MET B 215 -22.30 -0.15 -11.00
C MET B 215 -23.81 -0.12 -11.26
N SER B 216 -24.26 0.62 -12.26
CA SER B 216 -25.62 0.46 -12.82
C SER B 216 -25.69 -0.84 -13.64
N TYR B 217 -26.32 -1.88 -13.09
CA TYR B 217 -26.55 -3.21 -13.72
C TYR B 217 -28.06 -3.45 -13.69
N PRO B 218 -28.80 -2.82 -14.65
CA PRO B 218 -30.26 -2.78 -14.57
C PRO B 218 -30.95 -4.14 -14.48
N LEU B 219 -30.44 -5.16 -15.15
CA LEU B 219 -31.01 -6.54 -15.04
C LEU B 219 -31.03 -6.97 -13.56
N ARG B 220 -30.03 -6.61 -12.77
CA ARG B 220 -29.93 -7.08 -11.39
C ARG B 220 -30.51 -6.06 -10.39
N ASP B 221 -30.39 -4.76 -10.61
CA ASP B 221 -30.71 -3.77 -9.55
C ASP B 221 -31.98 -3.00 -9.88
N GLY B 222 -32.45 -3.09 -11.12
CA GLY B 222 -33.71 -2.46 -11.55
C GLY B 222 -33.73 -0.97 -11.27
N LEU B 223 -32.57 -0.34 -11.09
CA LEU B 223 -32.49 1.11 -10.83
C LEU B 223 -32.41 1.85 -12.16
N SER B 224 -32.94 3.07 -12.19
CA SER B 224 -32.74 4.04 -13.27
C SER B 224 -31.28 4.52 -13.22
N GLY B 225 -30.81 5.11 -14.31
CA GLY B 225 -29.48 5.73 -14.41
C GLY B 225 -29.25 6.74 -13.29
N PRO B 226 -30.14 7.73 -13.13
CA PRO B 226 -30.01 8.73 -12.06
C PRO B 226 -30.03 8.14 -10.65
N GLU B 227 -30.88 7.14 -10.39
CA GLU B 227 -30.93 6.42 -9.09
C GLU B 227 -29.58 5.71 -8.84
N ALA B 228 -29.06 5.00 -9.84
CA ALA B 228 -27.79 4.24 -9.71
C ALA B 228 -26.66 5.23 -9.48
N ALA B 229 -26.74 6.43 -10.07
CA ALA B 229 -25.71 7.47 -9.96
C ALA B 229 -25.73 8.03 -8.54
N GLU B 230 -26.91 8.34 -8.02
CA GLU B 230 -27.09 8.79 -6.61
C GLU B 230 -26.50 7.74 -5.67
N ARG B 231 -26.73 6.46 -5.91
CA ARG B 231 -26.22 5.38 -5.02
C ARG B 231 -24.68 5.37 -5.06
N ALA B 232 -24.10 5.40 -6.25
CA ALA B 232 -22.63 5.42 -6.45
C ALA B 232 -22.03 6.68 -5.80
N ILE B 233 -22.61 7.85 -6.06
CA ILE B 233 -22.11 9.15 -5.53
C ILE B 233 -22.15 9.12 -3.99
N SER B 234 -23.21 8.58 -3.39
CA SER B 234 -23.35 8.40 -1.92
C SER B 234 -22.17 7.60 -1.35
N VAL B 235 -21.83 6.46 -1.94
CA VAL B 235 -20.65 5.64 -1.53
C VAL B 235 -19.37 6.49 -1.64
N ILE B 236 -19.12 7.11 -2.80
CA ILE B 236 -17.84 7.80 -3.07
C ILE B 236 -17.70 8.94 -2.06
N GLU B 237 -18.75 9.73 -1.86
CA GLU B 237 -18.69 10.89 -0.94
C GLU B 237 -18.48 10.41 0.49
N SER B 238 -19.15 9.31 0.90
CA SER B 238 -19.15 8.84 2.29
C SER B 238 -17.76 8.25 2.62
N GLN B 239 -17.26 7.39 1.74
CA GLN B 239 -16.14 6.47 2.00
C GLN B 239 -14.81 7.05 1.46
N VAL B 240 -14.85 7.92 0.45
CA VAL B 240 -13.60 8.38 -0.21
C VAL B 240 -13.40 9.89 0.00
N GLY B 241 -14.34 10.69 -0.47
CA GLY B 241 -14.25 12.14 -0.35
C GLY B 241 -13.54 12.75 -1.56
N ALA B 242 -14.18 13.72 -2.21
CA ALA B 242 -13.67 14.38 -3.44
C ALA B 242 -12.26 14.90 -3.18
N GLU B 243 -12.01 15.37 -1.96
CA GLU B 243 -10.75 16.06 -1.59
C GLU B 243 -9.61 15.05 -1.57
N ASN B 244 -9.91 13.74 -1.59
CA ASN B 244 -8.86 12.67 -1.64
C ASN B 244 -8.74 12.02 -3.03
N LEU B 245 -9.62 12.35 -3.96
CA LEU B 245 -9.91 11.52 -5.16
C LEU B 245 -9.32 12.20 -6.41
N ALA B 246 -8.37 11.54 -7.08
CA ALA B 246 -7.82 12.01 -8.39
C ALA B 246 -8.84 11.77 -9.49
N CYS B 247 -9.43 10.57 -9.53
CA CYS B 247 -10.15 10.12 -10.73
C CYS B 247 -11.20 9.06 -10.40
N VAL B 248 -12.26 9.10 -11.22
CA VAL B 248 -13.29 8.05 -11.36
C VAL B 248 -13.15 7.45 -12.75
N VAL B 249 -12.97 6.14 -12.80
CA VAL B 249 -12.63 5.39 -14.03
C VAL B 249 -13.76 4.39 -14.27
N ILE B 250 -14.35 4.43 -15.46
CA ILE B 250 -15.44 3.48 -15.78
C ILE B 250 -15.40 3.13 -17.27
N GLU B 251 -15.74 1.89 -17.56
CA GLU B 251 -15.99 1.40 -18.93
C GLU B 251 -17.43 1.77 -19.27
N PRO B 252 -17.68 2.58 -20.31
CA PRO B 252 -19.04 2.95 -20.67
C PRO B 252 -19.96 1.74 -20.97
N ILE B 253 -19.38 0.68 -21.52
CA ILE B 253 -19.94 -0.70 -21.47
C ILE B 253 -18.89 -1.61 -20.84
N GLN B 254 -19.24 -2.35 -19.76
CA GLN B 254 -18.24 -3.15 -19.04
C GLN B 254 -18.06 -4.43 -19.84
N GLY B 255 -16.83 -4.74 -20.20
CA GLY B 255 -16.47 -5.84 -21.11
C GLY B 255 -16.39 -7.16 -20.39
N GLU B 256 -15.29 -7.44 -19.71
CA GLU B 256 -15.05 -8.79 -19.10
C GLU B 256 -16.10 -9.02 -18.02
N GLY B 257 -16.67 -7.92 -17.50
CA GLY B 257 -17.71 -7.91 -16.46
C GLY B 257 -19.06 -8.43 -16.95
N GLY B 258 -19.28 -8.45 -18.27
CA GLY B 258 -20.43 -9.14 -18.89
C GLY B 258 -21.22 -8.29 -19.86
N PHE B 259 -20.58 -7.36 -20.59
CA PHE B 259 -21.23 -6.39 -21.52
C PHE B 259 -22.39 -5.70 -20.80
N ILE B 260 -22.07 -5.15 -19.61
CA ILE B 260 -23.06 -4.45 -18.74
C ILE B 260 -23.18 -3.02 -19.26
N VAL B 261 -24.36 -2.68 -19.76
CA VAL B 261 -24.69 -1.33 -20.24
C VAL B 261 -25.37 -0.63 -19.07
N PRO B 262 -24.83 0.50 -18.60
CA PRO B 262 -25.47 1.24 -17.53
C PRO B 262 -26.80 1.84 -18.03
N ALA B 263 -27.78 1.93 -17.13
CA ALA B 263 -29.08 2.62 -17.37
C ALA B 263 -28.81 4.02 -17.92
N PRO B 264 -29.59 4.48 -18.93
CA PRO B 264 -29.48 5.85 -19.45
C PRO B 264 -29.46 6.90 -18.33
N GLY B 265 -28.57 7.87 -18.45
CA GLY B 265 -28.39 9.00 -17.52
C GLY B 265 -27.31 8.73 -16.46
N PHE B 266 -26.91 7.48 -16.27
CA PHE B 266 -25.92 7.09 -15.23
C PHE B 266 -24.57 7.75 -15.53
N LEU B 267 -24.02 7.51 -16.71
CA LEU B 267 -22.65 8.02 -17.04
C LEU B 267 -22.64 9.55 -16.97
N ALA B 268 -23.68 10.22 -17.49
CA ALA B 268 -23.84 11.69 -17.47
C ALA B 268 -23.76 12.27 -16.05
N ALA B 269 -24.45 11.61 -15.12
CA ALA B 269 -24.57 11.98 -13.70
C ALA B 269 -23.19 11.83 -13.05
N ILE B 270 -22.43 10.79 -13.39
CA ILE B 270 -21.09 10.57 -12.79
C ILE B 270 -20.15 11.65 -13.33
N SER B 271 -20.20 11.92 -14.64
CA SER B 271 -19.40 13.00 -15.30
C SER B 271 -19.70 14.36 -14.64
N THR B 272 -20.97 14.69 -14.41
CA THR B 272 -21.39 15.99 -13.79
C THR B 272 -20.78 16.11 -12.39
N TRP B 273 -20.90 15.05 -11.59
CA TRP B 273 -20.38 15.02 -10.19
C TRP B 273 -18.87 15.29 -10.23
N CYS B 274 -18.16 14.63 -11.14
CA CYS B 274 -16.67 14.77 -11.26
C CYS B 274 -16.34 16.22 -11.58
N ARG B 275 -17.09 16.86 -12.48
CA ARG B 275 -16.81 18.26 -12.88
C ARG B 275 -17.04 19.19 -11.67
N GLU B 276 -18.10 18.96 -10.91
CA GLU B 276 -18.48 19.79 -9.74
C GLU B 276 -17.47 19.60 -8.61
N ASN B 277 -16.82 18.43 -8.53
CA ASN B 277 -15.96 18.06 -7.38
C ASN B 277 -14.47 18.02 -7.75
N ASP B 278 -14.07 18.58 -8.89
CA ASP B 278 -12.67 18.67 -9.35
C ASP B 278 -12.03 17.27 -9.33
N VAL B 279 -12.76 16.29 -9.84
CA VAL B 279 -12.28 14.89 -10.00
C VAL B 279 -12.21 14.65 -11.51
N VAL B 280 -11.17 13.96 -11.98
CA VAL B 280 -10.95 13.63 -13.40
C VAL B 280 -11.83 12.43 -13.74
N PHE B 281 -12.76 12.59 -14.69
CA PHE B 281 -13.62 11.49 -15.17
C PHE B 281 -12.92 10.79 -16.34
N ILE B 282 -12.61 9.51 -16.18
CA ILE B 282 -11.81 8.71 -17.16
C ILE B 282 -12.72 7.61 -17.70
N ALA B 283 -13.02 7.67 -18.99
CA ALA B 283 -13.71 6.58 -19.71
C ALA B 283 -12.67 5.58 -20.23
N ASP B 284 -12.81 4.33 -19.84
CA ASP B 284 -11.96 3.24 -20.37
C ASP B 284 -12.69 2.67 -21.56
N GLU B 285 -12.30 3.12 -22.76
CA GLU B 285 -12.92 2.71 -24.04
C GLU B 285 -11.99 1.77 -24.79
N ILE B 286 -11.14 1.04 -24.07
CA ILE B 286 -10.19 0.07 -24.68
C ILE B 286 -11.00 -0.96 -25.46
N GLN B 287 -12.08 -1.50 -24.86
CA GLN B 287 -12.94 -2.51 -25.52
C GLN B 287 -14.06 -1.85 -26.33
N SER B 288 -14.64 -0.77 -25.84
CA SER B 288 -15.87 -0.15 -26.40
C SER B 288 -15.57 0.86 -27.52
N GLY B 289 -14.31 1.28 -27.67
CA GLY B 289 -13.91 2.32 -28.64
C GLY B 289 -13.76 1.87 -30.09
N PHE B 290 -13.49 2.83 -30.99
CA PHE B 290 -13.23 2.63 -32.44
C PHE B 290 -14.37 1.82 -33.09
N LEU B 291 -15.59 2.37 -32.99
CA LEU B 291 -16.81 1.99 -33.76
C LEU B 291 -17.38 0.65 -33.34
N ARG B 292 -16.78 -0.03 -32.37
CA ARG B 292 -17.26 -1.33 -31.84
C ARG B 292 -18.77 -1.26 -31.58
N THR B 293 -19.27 -0.16 -31.00
CA THR B 293 -20.66 0.02 -30.54
C THR B 293 -21.56 0.75 -31.56
N GLY B 294 -21.05 1.09 -32.75
CA GLY B 294 -21.82 1.83 -33.76
C GLY B 294 -21.74 3.34 -33.60
N ASP B 295 -20.94 3.79 -32.63
CA ASP B 295 -20.46 5.19 -32.47
C ASP B 295 -18.93 5.16 -32.43
N TRP B 296 -18.25 6.26 -32.68
CA TRP B 296 -16.77 6.24 -32.63
C TRP B 296 -16.35 5.77 -31.23
N PHE B 297 -16.98 6.32 -30.20
CA PHE B 297 -16.80 5.89 -28.78
C PHE B 297 -18.18 5.67 -28.15
N ALA B 298 -18.28 4.70 -27.27
CA ALA B 298 -19.52 4.36 -26.55
C ALA B 298 -20.04 5.57 -25.76
N SER B 299 -19.14 6.42 -25.28
CA SER B 299 -19.47 7.70 -24.60
C SER B 299 -20.43 8.53 -25.46
N ASP B 300 -20.29 8.47 -26.79
CA ASP B 300 -21.08 9.31 -27.74
C ASP B 300 -22.58 8.99 -27.70
N ALA B 301 -23.00 7.78 -27.34
CA ALA B 301 -24.43 7.39 -27.38
C ALA B 301 -25.21 8.26 -26.38
N GLU B 302 -24.60 8.66 -25.25
CA GLU B 302 -25.24 9.59 -24.28
C GLU B 302 -24.59 10.97 -24.33
N GLY B 303 -23.74 11.22 -25.32
CA GLY B 303 -23.04 12.51 -25.49
C GLY B 303 -22.32 12.91 -24.21
N VAL B 304 -21.79 11.92 -23.45
CA VAL B 304 -20.86 12.18 -22.32
C VAL B 304 -19.51 12.61 -22.93
N ILE B 305 -18.90 13.64 -22.36
CA ILE B 305 -17.55 14.12 -22.74
C ILE B 305 -16.58 13.82 -21.60
N PRO B 306 -15.87 12.67 -21.62
CA PRO B 306 -14.87 12.37 -20.61
C PRO B 306 -13.72 13.38 -20.61
N ASP B 307 -13.12 13.62 -19.44
CA ASP B 307 -11.87 14.41 -19.31
C ASP B 307 -10.69 13.65 -19.94
N VAL B 308 -10.68 12.33 -19.80
CA VAL B 308 -9.58 11.44 -20.29
C VAL B 308 -10.24 10.18 -20.81
N ILE B 309 -9.73 9.66 -21.92
CA ILE B 309 -10.18 8.39 -22.55
C ILE B 309 -8.96 7.52 -22.81
N THR B 310 -9.07 6.25 -22.45
CA THR B 310 -8.06 5.23 -22.81
C THR B 310 -8.60 4.49 -24.00
N THR B 311 -7.74 4.22 -24.98
CA THR B 311 -8.04 3.39 -26.15
C THR B 311 -6.92 2.38 -26.39
N ALA B 312 -7.27 1.28 -27.05
CA ALA B 312 -6.34 0.21 -27.46
C ALA B 312 -7.12 -0.70 -28.42
N LYS B 313 -6.84 -2.00 -28.41
CA LYS B 313 -7.59 -3.01 -29.22
C LYS B 313 -7.83 -2.57 -30.68
N GLY B 314 -9.03 -2.13 -31.03
CA GLY B 314 -9.41 -1.81 -32.42
C GLY B 314 -8.59 -0.67 -33.06
N ILE B 315 -7.84 0.11 -32.26
CA ILE B 315 -7.07 1.29 -32.73
C ILE B 315 -6.13 0.98 -33.92
N ALA B 316 -5.44 -0.16 -33.93
CA ALA B 316 -4.26 -0.35 -34.82
C ALA B 316 -4.35 -1.64 -35.64
N GLY B 317 -5.55 -2.11 -35.94
CA GLY B 317 -5.78 -3.27 -36.80
C GLY B 317 -5.10 -4.54 -36.34
N GLY B 318 -4.84 -4.69 -35.03
CA GLY B 318 -4.17 -5.85 -34.43
C GLY B 318 -2.75 -5.55 -33.98
N MET B 319 -2.14 -4.45 -34.41
CA MET B 319 -0.77 -4.11 -33.97
C MET B 319 -0.81 -3.57 -32.54
N PRO B 320 0.27 -3.75 -31.74
CA PRO B 320 0.26 -3.30 -30.33
C PRO B 320 0.42 -1.79 -30.16
N LEU B 321 -0.69 -1.10 -29.91
CA LEU B 321 -0.76 0.35 -29.68
C LEU B 321 -1.86 0.59 -28.65
N SER B 322 -1.67 1.61 -27.83
CA SER B 322 -2.71 2.10 -26.91
C SER B 322 -2.49 3.60 -26.77
N ALA B 323 -3.44 4.28 -26.18
CA ALA B 323 -3.42 5.75 -26.09
C ALA B 323 -4.17 6.25 -24.87
N VAL B 324 -3.76 7.41 -24.43
CA VAL B 324 -4.45 8.21 -23.42
C VAL B 324 -4.69 9.56 -24.07
N THR B 325 -5.96 9.94 -24.17
CA THR B 325 -6.30 11.23 -24.79
C THR B 325 -7.07 12.03 -23.77
N GLY B 326 -6.76 13.31 -23.57
CA GLY B 326 -7.52 14.07 -22.59
C GLY B 326 -7.37 15.55 -22.76
N ARG B 327 -8.07 16.30 -21.91
CA ARG B 327 -7.92 17.78 -21.77
C ARG B 327 -6.43 18.12 -21.74
N ALA B 328 -6.04 19.09 -22.55
CA ALA B 328 -4.61 19.45 -22.72
C ALA B 328 -3.98 19.73 -21.33
N GLU B 329 -4.68 20.43 -20.43
CA GLU B 329 -4.12 20.86 -19.13
C GLU B 329 -3.90 19.63 -18.23
N ILE B 330 -4.73 18.59 -18.37
CA ILE B 330 -4.52 17.32 -17.61
C ILE B 330 -3.31 16.60 -18.19
N MET B 331 -3.31 16.38 -19.49
CA MET B 331 -2.24 15.62 -20.19
C MET B 331 -0.90 16.33 -20.00
N ASP B 332 -0.88 17.67 -19.83
CA ASP B 332 0.39 18.43 -19.65
C ASP B 332 0.87 18.50 -18.20
N ALA B 333 0.14 17.94 -17.22
CA ALA B 333 0.54 18.05 -15.80
C ALA B 333 1.89 17.40 -15.60
N PRO B 334 2.14 16.15 -16.11
CA PRO B 334 3.45 15.53 -15.92
C PRO B 334 4.56 16.32 -16.61
N GLY B 335 5.73 16.35 -15.99
CA GLY B 335 6.87 17.12 -16.49
C GLY B 335 7.64 16.34 -17.54
N PRO B 336 8.69 16.96 -18.09
CA PRO B 336 9.51 16.37 -19.15
C PRO B 336 10.08 15.04 -18.69
N GLY B 337 9.87 14.00 -19.51
CA GLY B 337 10.33 12.63 -19.22
C GLY B 337 9.49 11.90 -18.18
N ALA B 338 8.43 12.48 -17.64
CA ALA B 338 7.62 11.86 -16.56
C ALA B 338 6.68 10.77 -17.08
N LEU B 339 6.37 10.75 -18.38
CA LEU B 339 5.64 9.65 -19.03
C LEU B 339 6.60 9.05 -20.03
N GLY B 340 6.45 7.77 -20.33
CA GLY B 340 7.33 7.16 -21.32
C GLY B 340 7.10 5.68 -21.44
N GLY B 341 8.19 4.97 -21.72
CA GLY B 341 8.19 3.57 -22.11
C GLY B 341 8.96 3.44 -23.40
N THR B 342 9.67 2.36 -23.59
CA THR B 342 10.60 2.28 -24.74
C THR B 342 9.81 2.24 -26.05
N TYR B 343 8.83 1.34 -26.14
CA TYR B 343 8.20 1.00 -27.44
C TYR B 343 7.01 1.88 -27.77
N GLY B 344 6.47 2.63 -26.79
CA GLY B 344 5.14 3.25 -26.90
C GLY B 344 4.96 4.02 -28.20
N GLY B 345 3.83 3.86 -28.87
CA GLY B 345 3.64 4.60 -30.13
C GLY B 345 4.60 4.09 -31.19
N ASN B 346 4.72 2.77 -31.31
CA ASN B 346 5.65 2.17 -32.29
C ASN B 346 5.26 2.69 -33.67
N PRO B 347 6.22 3.12 -34.51
CA PRO B 347 5.90 3.69 -35.82
C PRO B 347 5.20 2.71 -36.77
N VAL B 348 5.52 1.44 -36.72
CA VAL B 348 4.81 0.41 -37.51
C VAL B 348 3.37 0.31 -37.01
N ALA B 349 3.15 0.33 -35.69
CA ALA B 349 1.78 0.24 -35.13
C ALA B 349 1.03 1.53 -35.48
N CYS B 350 1.72 2.67 -35.46
CA CYS B 350 1.08 3.98 -35.80
C CYS B 350 0.65 4.02 -37.28
N ALA B 351 1.46 3.46 -38.16
CA ALA B 351 1.17 3.37 -39.61
C ALA B 351 -0.05 2.46 -39.77
N ALA B 352 -0.06 1.35 -39.04
CA ALA B 352 -1.21 0.41 -39.02
C ALA B 352 -2.49 1.15 -38.61
N ALA B 353 -2.45 1.92 -37.51
CA ALA B 353 -3.63 2.63 -36.96
C ALA B 353 -4.15 3.69 -37.95
N LEU B 354 -3.25 4.42 -38.57
CA LEU B 354 -3.61 5.48 -39.55
C LEU B 354 -4.34 4.84 -40.73
N ALA B 355 -3.87 3.67 -41.17
CA ALA B 355 -4.47 2.90 -42.27
C ALA B 355 -5.83 2.34 -41.83
N ALA B 356 -5.93 1.77 -40.63
CA ALA B 356 -7.17 1.14 -40.09
C ALA B 356 -8.26 2.21 -39.91
N ILE B 357 -7.91 3.36 -39.38
CA ILE B 357 -8.88 4.44 -39.08
C ILE B 357 -9.48 4.93 -40.40
N GLU B 358 -8.64 5.16 -41.40
CA GLU B 358 -9.10 5.55 -42.76
C GLU B 358 -10.03 4.48 -43.33
N VAL B 359 -9.66 3.21 -43.21
CA VAL B 359 -10.55 2.08 -43.63
C VAL B 359 -11.92 2.23 -42.95
N MET B 360 -11.93 2.48 -41.64
CA MET B 360 -13.17 2.59 -40.84
C MET B 360 -14.07 3.65 -41.51
N GLU B 361 -13.49 4.78 -41.95
CA GLU B 361 -14.25 5.85 -42.65
C GLU B 361 -14.66 5.37 -44.05
N GLN B 362 -13.69 4.96 -44.87
CA GLN B 362 -13.88 4.58 -46.30
C GLN B 362 -14.92 3.48 -46.44
N ALA B 363 -14.82 2.43 -45.62
CA ALA B 363 -15.72 1.25 -45.69
C ALA B 363 -17.00 1.48 -44.87
N ASP B 364 -17.19 2.67 -44.30
CA ASP B 364 -18.36 3.04 -43.47
C ASP B 364 -18.61 1.95 -42.41
N LEU B 365 -17.60 1.62 -41.61
CA LEU B 365 -17.76 0.51 -40.64
C LEU B 365 -18.77 0.93 -39.57
N LYS B 366 -19.02 2.25 -39.36
CA LYS B 366 -20.01 2.75 -38.40
C LYS B 366 -21.38 2.17 -38.81
N THR B 367 -21.74 2.29 -40.08
CA THR B 367 -23.03 1.74 -40.58
C THR B 367 -22.98 0.22 -40.47
N ARG B 368 -21.83 -0.41 -40.72
CA ARG B 368 -21.78 -1.89 -40.65
C ARG B 368 -22.03 -2.33 -39.20
N ALA B 369 -21.47 -1.63 -38.23
CA ALA B 369 -21.65 -1.96 -36.79
C ALA B 369 -23.16 -1.94 -36.49
N GLN B 370 -23.85 -0.91 -36.96
CA GLN B 370 -25.32 -0.72 -36.76
C GLN B 370 -26.05 -1.88 -37.42
N GLU B 371 -25.65 -2.33 -38.61
CA GLU B 371 -26.28 -3.46 -39.34
C GLU B 371 -26.02 -4.75 -38.59
N ILE B 372 -24.83 -4.89 -37.98
CA ILE B 372 -24.46 -6.12 -37.23
C ILE B 372 -25.44 -6.30 -36.06
N GLU B 373 -25.77 -5.23 -35.36
CA GLU B 373 -26.74 -5.26 -34.22
C GLU B 373 -28.10 -5.76 -34.75
N THR B 374 -28.63 -5.12 -35.79
CA THR B 374 -29.92 -5.49 -36.46
C THR B 374 -29.91 -6.99 -36.75
N ILE B 375 -28.86 -7.50 -37.41
CA ILE B 375 -28.75 -8.95 -37.77
C ILE B 375 -28.75 -9.83 -36.51
N ILE B 376 -27.99 -9.46 -35.47
CA ILE B 376 -27.89 -10.27 -34.21
C ILE B 376 -29.28 -10.34 -33.58
N ARG B 377 -29.95 -9.20 -33.42
CA ARG B 377 -31.30 -9.12 -32.78
C ARG B 377 -32.30 -9.94 -33.62
N ASP B 378 -32.16 -9.88 -34.94
CA ASP B 378 -32.99 -10.66 -35.91
C ASP B 378 -32.75 -12.15 -35.64
N GLU B 379 -31.49 -12.59 -35.63
CA GLU B 379 -31.19 -14.04 -35.49
C GLU B 379 -31.53 -14.52 -34.07
N PHE B 380 -31.65 -13.61 -33.10
CA PHE B 380 -31.92 -13.99 -31.70
C PHE B 380 -33.41 -13.83 -31.38
N ALA B 381 -34.25 -13.61 -32.39
CA ALA B 381 -35.68 -13.24 -32.20
C ALA B 381 -36.40 -14.35 -31.43
N GLN B 382 -35.95 -15.61 -31.53
CA GLN B 382 -36.61 -16.77 -30.88
C GLN B 382 -36.08 -16.97 -29.45
N LEU B 383 -35.08 -16.20 -29.01
CA LEU B 383 -34.37 -16.46 -27.72
C LEU B 383 -35.25 -16.16 -26.50
N SER B 384 -36.23 -15.26 -26.64
CA SER B 384 -37.28 -14.99 -25.62
C SER B 384 -37.86 -16.32 -25.09
N ALA B 385 -38.11 -17.29 -25.96
CA ALA B 385 -38.81 -18.54 -25.62
C ALA B 385 -38.00 -19.30 -24.54
N PHE B 386 -36.70 -19.01 -24.37
CA PHE B 386 -35.76 -19.82 -23.54
C PHE B 386 -35.75 -19.27 -22.11
N PRO B 387 -36.23 -20.01 -21.09
CA PRO B 387 -36.16 -19.48 -19.72
C PRO B 387 -34.71 -19.26 -19.24
N GLU B 388 -33.73 -19.87 -19.91
CA GLU B 388 -32.30 -19.75 -19.55
C GLU B 388 -31.74 -18.39 -19.99
N VAL B 389 -32.42 -17.67 -20.89
CA VAL B 389 -31.93 -16.37 -21.46
C VAL B 389 -32.55 -15.24 -20.65
N ALA B 390 -31.76 -14.62 -19.79
CA ALA B 390 -32.20 -13.51 -18.91
C ALA B 390 -32.28 -12.22 -19.71
N GLU B 391 -31.32 -11.95 -20.59
CA GLU B 391 -31.18 -10.61 -21.22
C GLU B 391 -30.33 -10.76 -22.48
N ILE B 392 -30.67 -10.00 -23.51
CA ILE B 392 -29.83 -9.73 -24.71
C ILE B 392 -29.44 -8.25 -24.59
N ARG B 393 -28.16 -7.90 -24.52
CA ARG B 393 -27.79 -6.49 -24.31
C ARG B 393 -26.52 -6.12 -25.12
N GLY B 394 -26.24 -4.83 -25.16
CA GLY B 394 -25.08 -4.25 -25.86
C GLY B 394 -25.54 -3.30 -26.94
N ARG B 395 -24.61 -2.89 -27.81
CA ARG B 395 -24.80 -1.97 -28.95
C ARG B 395 -23.85 -2.34 -30.10
N GLY B 396 -24.27 -2.13 -31.35
CA GLY B 396 -23.43 -2.36 -32.54
C GLY B 396 -22.90 -3.79 -32.60
N ALA B 397 -21.58 -3.95 -32.69
CA ALA B 397 -20.94 -5.29 -32.78
C ALA B 397 -20.38 -5.65 -31.40
N MET B 398 -21.00 -5.18 -30.31
CA MET B 398 -20.65 -5.54 -28.91
C MET B 398 -21.94 -5.99 -28.20
N MET B 399 -22.36 -7.23 -28.44
CA MET B 399 -23.67 -7.75 -27.99
C MET B 399 -23.43 -8.98 -27.14
N ALA B 400 -24.35 -9.28 -26.21
CA ALA B 400 -24.24 -10.43 -25.29
C ALA B 400 -25.60 -11.03 -24.91
N ILE B 401 -25.56 -12.31 -24.56
CA ILE B 401 -26.66 -13.05 -23.90
C ILE B 401 -26.23 -13.36 -22.48
N GLU B 402 -27.07 -13.07 -21.48
CA GLU B 402 -26.82 -13.55 -20.10
C GLU B 402 -27.67 -14.81 -19.80
N LEU B 403 -27.05 -15.89 -19.32
CA LEU B 403 -27.73 -17.21 -19.15
C LEU B 403 -27.93 -17.49 -17.67
N ILE B 404 -29.11 -17.98 -17.31
CA ILE B 404 -29.48 -18.32 -15.90
C ILE B 404 -30.03 -19.74 -15.80
N ASP B 405 -30.18 -20.25 -14.58
CA ASP B 405 -30.76 -21.59 -14.31
C ASP B 405 -32.24 -21.42 -13.98
N ALA B 406 -32.95 -22.53 -13.65
CA ALA B 406 -34.40 -22.57 -13.34
C ALA B 406 -34.76 -21.58 -12.23
N THR B 407 -33.90 -21.40 -11.22
CA THR B 407 -34.16 -20.52 -10.05
C THR B 407 -33.59 -19.10 -10.26
N GLY B 408 -32.94 -18.80 -11.39
CA GLY B 408 -32.49 -17.41 -11.69
C GLY B 408 -31.07 -17.16 -11.26
N ARG B 409 -30.36 -18.18 -10.77
CA ARG B 409 -28.92 -18.08 -10.45
C ARG B 409 -28.12 -18.11 -11.75
N PRO B 410 -26.94 -17.47 -11.79
CA PRO B 410 -26.06 -17.50 -12.96
C PRO B 410 -25.72 -18.92 -13.41
N ASN B 411 -25.72 -19.15 -14.73
CA ASN B 411 -25.55 -20.47 -15.36
C ASN B 411 -24.24 -20.54 -16.15
N ALA B 412 -23.13 -20.60 -15.44
CA ALA B 412 -21.77 -20.65 -16.00
C ALA B 412 -21.57 -22.01 -16.70
N ALA B 413 -22.12 -23.09 -16.12
CA ALA B 413 -22.07 -24.45 -16.70
C ALA B 413 -22.60 -24.41 -18.15
N LEU B 414 -23.81 -23.90 -18.32
CA LEU B 414 -24.48 -23.86 -19.63
C LEU B 414 -23.68 -22.94 -20.56
N THR B 415 -23.23 -21.80 -20.08
CA THR B 415 -22.42 -20.83 -20.87
C THR B 415 -21.21 -21.55 -21.49
N ALA B 416 -20.41 -22.24 -20.67
CA ALA B 416 -19.22 -23.04 -21.07
C ALA B 416 -19.62 -24.11 -22.11
N ALA B 417 -20.71 -24.83 -21.87
CA ALA B 417 -21.19 -25.95 -22.74
C ALA B 417 -21.58 -25.42 -24.13
N VAL B 418 -22.37 -24.36 -24.16
CA VAL B 418 -22.80 -23.70 -25.43
C VAL B 418 -21.58 -23.23 -26.24
N ALA B 419 -20.56 -22.67 -25.59
CA ALA B 419 -19.35 -22.12 -26.26
C ALA B 419 -18.53 -23.28 -26.80
N ALA B 420 -18.36 -24.35 -26.03
CA ALA B 420 -17.59 -25.55 -26.43
C ALA B 420 -18.28 -26.21 -27.63
N ARG B 421 -19.60 -26.25 -27.62
CA ARG B 421 -20.44 -26.87 -28.68
C ARG B 421 -20.29 -26.07 -29.98
N ALA B 422 -20.54 -24.76 -29.93
CA ALA B 422 -20.32 -23.82 -31.06
C ALA B 422 -18.94 -24.08 -31.69
N LYS B 423 -17.93 -24.10 -30.84
CA LYS B 423 -16.52 -24.33 -31.20
C LYS B 423 -16.37 -25.64 -31.98
N ALA B 424 -16.96 -26.73 -31.49
CA ALA B 424 -16.91 -28.05 -32.16
C ALA B 424 -17.59 -27.96 -33.54
N GLU B 425 -18.56 -27.05 -33.71
CA GLU B 425 -19.28 -26.81 -34.99
C GLU B 425 -18.55 -25.74 -35.82
N GLY B 426 -17.42 -25.21 -35.36
CA GLY B 426 -16.60 -24.31 -36.19
C GLY B 426 -16.95 -22.85 -35.98
N VAL B 427 -17.47 -22.50 -34.80
CA VAL B 427 -17.77 -21.07 -34.48
C VAL B 427 -17.03 -20.72 -33.20
N LEU B 428 -16.22 -19.66 -33.25
CA LEU B 428 -15.47 -19.16 -32.09
C LEU B 428 -16.33 -18.09 -31.41
N LEU B 429 -16.81 -18.42 -30.21
CA LEU B 429 -17.61 -17.57 -29.32
C LEU B 429 -16.83 -17.37 -28.02
N LEU B 430 -16.83 -16.17 -27.44
CA LEU B 430 -16.14 -15.89 -26.16
C LEU B 430 -17.19 -15.83 -25.04
N THR B 431 -16.78 -16.15 -23.82
CA THR B 431 -17.62 -15.96 -22.62
C THR B 431 -16.96 -14.86 -21.78
N CYS B 432 -17.73 -14.30 -20.86
CA CYS B 432 -17.30 -13.32 -19.85
C CYS B 432 -18.33 -13.32 -18.71
N GLY B 433 -18.32 -12.25 -17.93
CA GLY B 433 -19.26 -12.02 -16.82
C GLY B 433 -18.60 -12.27 -15.48
N THR B 434 -18.88 -11.37 -14.54
CA THR B 434 -18.55 -11.51 -13.09
C THR B 434 -18.83 -12.95 -12.66
N ASP B 435 -19.95 -13.53 -13.11
CA ASP B 435 -20.40 -14.89 -12.72
C ASP B 435 -20.15 -15.93 -13.83
N GLY B 436 -19.46 -15.58 -14.93
CA GLY B 436 -19.11 -16.53 -16.00
C GLY B 436 -20.34 -17.01 -16.79
N ASN B 437 -21.40 -16.23 -16.85
CA ASN B 437 -22.68 -16.69 -17.45
C ASN B 437 -23.09 -15.77 -18.60
N VAL B 438 -22.14 -15.18 -19.32
CA VAL B 438 -22.46 -14.26 -20.44
C VAL B 438 -21.71 -14.73 -21.69
N ILE B 439 -22.45 -14.93 -22.79
CA ILE B 439 -21.86 -15.21 -24.12
C ILE B 439 -21.79 -13.85 -24.80
N ARG B 440 -20.62 -13.46 -25.26
CA ARG B 440 -20.47 -12.17 -25.95
C ARG B 440 -20.21 -12.46 -27.42
N LEU B 441 -20.58 -11.49 -28.24
CA LEU B 441 -20.40 -11.47 -29.70
C LEU B 441 -19.52 -10.27 -30.02
N LEU B 442 -18.36 -10.54 -30.61
CA LEU B 442 -17.42 -9.47 -31.00
C LEU B 442 -16.97 -9.71 -32.43
N PRO B 443 -17.88 -9.75 -33.43
CA PRO B 443 -17.47 -10.06 -34.81
C PRO B 443 -16.66 -8.89 -35.32
N PRO B 444 -15.74 -9.12 -36.27
CA PRO B 444 -15.10 -8.02 -36.99
C PRO B 444 -16.20 -7.29 -37.76
N LEU B 445 -16.07 -5.97 -37.91
CA LEU B 445 -17.07 -5.14 -38.61
C LEU B 445 -17.10 -5.45 -40.12
N VAL B 446 -16.13 -6.21 -40.64
CA VAL B 446 -16.06 -6.60 -42.09
C VAL B 446 -16.62 -8.02 -42.31
N ILE B 447 -17.23 -8.65 -41.32
CA ILE B 447 -17.82 -10.01 -41.47
C ILE B 447 -18.94 -9.93 -42.52
N ALA B 448 -19.04 -10.92 -43.40
CA ALA B 448 -20.13 -11.00 -44.41
C ALA B 448 -21.43 -11.31 -43.67
N GLU B 449 -22.54 -10.76 -44.11
CA GLU B 449 -23.87 -11.02 -43.50
C GLU B 449 -24.10 -12.54 -43.46
N ASP B 450 -23.83 -13.23 -44.56
CA ASP B 450 -24.01 -14.70 -44.69
C ASP B 450 -23.25 -15.41 -43.57
N THR B 451 -22.00 -15.04 -43.37
CA THR B 451 -21.12 -15.70 -42.37
C THR B 451 -21.63 -15.42 -40.95
N LEU B 452 -22.01 -14.17 -40.66
CA LEU B 452 -22.51 -13.77 -39.32
C LEU B 452 -23.78 -14.58 -38.99
N ARG B 453 -24.75 -14.61 -39.90
CA ARG B 453 -26.05 -15.32 -39.66
C ARG B 453 -25.78 -16.81 -39.47
N ASP B 454 -24.85 -17.40 -40.23
CA ASP B 454 -24.48 -18.83 -40.03
C ASP B 454 -23.96 -18.98 -38.60
N GLY B 455 -23.07 -18.07 -38.19
CA GLY B 455 -22.47 -18.13 -36.84
C GLY B 455 -23.55 -18.07 -35.77
N LEU B 456 -24.50 -17.14 -35.90
CA LEU B 456 -25.55 -16.88 -34.88
C LEU B 456 -26.54 -18.07 -34.84
N GLN B 457 -26.84 -18.65 -36.00
CA GLN B 457 -27.63 -19.91 -36.14
C GLN B 457 -26.95 -21.08 -35.42
N VAL B 458 -25.62 -21.19 -35.45
CA VAL B 458 -24.92 -22.29 -34.77
C VAL B 458 -25.09 -22.09 -33.26
N LEU B 459 -24.93 -20.84 -32.81
CA LEU B 459 -25.08 -20.46 -31.37
C LEU B 459 -26.47 -20.88 -30.87
N VAL B 460 -27.52 -20.49 -31.57
CA VAL B 460 -28.94 -20.78 -31.17
C VAL B 460 -29.20 -22.31 -31.15
N ALA B 461 -28.69 -23.11 -32.10
CA ALA B 461 -28.85 -24.58 -32.12
C ALA B 461 -28.05 -25.21 -30.96
N ALA B 462 -26.87 -24.67 -30.67
CA ALA B 462 -26.02 -25.16 -29.55
C ALA B 462 -26.76 -24.91 -28.24
N LEU B 463 -27.46 -23.76 -28.14
CA LEU B 463 -28.29 -23.38 -26.96
C LEU B 463 -29.49 -24.32 -26.90
N GLU B 464 -30.17 -24.57 -28.03
CA GLU B 464 -31.24 -25.59 -28.14
C GLU B 464 -30.71 -26.93 -27.62
N ARG B 465 -29.62 -27.46 -28.20
CA ARG B 465 -29.04 -28.79 -27.83
C ARG B 465 -28.75 -28.85 -26.31
N GLU B 466 -28.04 -27.86 -25.76
CA GLU B 466 -27.56 -27.91 -24.35
C GLU B 466 -28.71 -27.73 -23.34
N THR B 467 -29.83 -27.11 -23.72
CA THR B 467 -30.98 -26.93 -22.80
C THR B 467 -32.04 -28.02 -23.04
N ALA B 468 -32.05 -28.70 -24.18
CA ALA B 468 -33.12 -29.67 -24.53
C ALA B 468 -32.82 -31.03 -23.88
N LEU C 29 17.06 11.39 48.97
CA LEU C 29 15.73 10.79 48.60
C LEU C 29 15.30 9.80 49.71
N SER C 30 13.99 9.62 49.89
CA SER C 30 13.39 8.65 50.86
C SER C 30 12.77 7.46 50.11
N TYR C 31 12.97 6.25 50.62
CA TYR C 31 12.54 5.01 49.92
C TYR C 31 11.49 4.32 50.79
N ARG C 32 10.64 3.52 50.15
CA ARG C 32 9.51 2.82 50.80
C ARG C 32 9.95 1.39 51.12
N ILE C 33 10.73 0.73 50.24
CA ILE C 33 11.23 -0.68 50.41
C ILE C 33 12.75 -0.62 50.53
N PRO C 34 13.35 -1.68 51.12
CA PRO C 34 14.79 -1.77 51.23
C PRO C 34 15.47 -1.66 49.85
N GLN C 35 16.60 -0.95 49.76
CA GLN C 35 17.24 -0.57 48.48
C GLN C 35 18.44 -1.45 48.17
N SER C 36 18.59 -2.57 48.84
CA SER C 36 19.72 -3.50 48.64
C SER C 36 19.25 -4.74 47.91
N ARG C 37 20.10 -5.22 47.03
CA ARG C 37 19.88 -6.42 46.21
C ARG C 37 19.85 -7.60 47.16
N THR C 38 18.95 -8.55 46.93
CA THR C 38 18.89 -9.82 47.67
C THR C 38 18.11 -10.80 46.78
N VAL C 39 18.84 -11.71 46.17
CA VAL C 39 18.26 -12.73 45.27
C VAL C 39 18.75 -14.11 45.68
N ALA C 40 17.79 -15.01 45.79
CA ALA C 40 17.96 -16.42 46.19
C ALA C 40 18.84 -17.13 45.16
N GLU C 41 19.55 -18.18 45.60
CA GLU C 41 20.39 -19.09 44.77
C GLU C 41 19.54 -19.64 43.61
N GLN C 42 18.26 -19.90 43.86
CA GLN C 42 17.31 -20.54 42.92
C GLN C 42 16.17 -19.57 42.65
N VAL C 43 16.05 -19.20 41.39
CA VAL C 43 15.05 -18.22 40.89
C VAL C 43 14.57 -18.75 39.54
N PRO C 44 13.25 -18.80 39.27
CA PRO C 44 12.22 -18.22 40.14
C PRO C 44 11.91 -18.98 41.45
N GLY C 45 11.46 -18.27 42.48
CA GLY C 45 10.95 -18.86 43.72
C GLY C 45 9.60 -19.54 43.52
N PRO C 46 9.09 -20.21 44.55
CA PRO C 46 7.83 -20.95 44.44
C PRO C 46 6.58 -20.17 44.02
N LYS C 47 6.37 -18.97 44.55
CA LYS C 47 5.17 -18.15 44.23
C LYS C 47 5.29 -17.69 42.77
N SER C 48 6.48 -17.25 42.34
CA SER C 48 6.73 -16.83 40.94
C SER C 48 6.65 -18.03 39.97
N LYS C 49 7.12 -19.22 40.36
CA LYS C 49 6.95 -20.45 39.53
C LYS C 49 5.46 -20.73 39.32
N ALA C 50 4.63 -20.62 40.36
CA ALA C 50 3.18 -20.93 40.25
C ALA C 50 2.51 -19.87 39.35
N LEU C 51 2.90 -18.61 39.50
CA LEU C 51 2.37 -17.51 38.64
C LEU C 51 2.78 -17.76 37.18
N ASP C 52 4.01 -18.22 36.92
CA ASP C 52 4.51 -18.48 35.54
C ASP C 52 3.70 -19.62 34.91
N GLU C 53 3.33 -20.66 35.67
CA GLU C 53 2.43 -21.74 35.19
C GLU C 53 1.10 -21.14 34.79
N ARG C 54 0.57 -20.18 35.54
CA ARG C 54 -0.72 -19.55 35.20
C ARG C 54 -0.56 -18.69 33.94
N ARG C 55 0.59 -18.02 33.81
CA ARG C 55 0.89 -17.20 32.60
C ARG C 55 0.88 -18.08 31.36
N GLN C 56 1.57 -19.22 31.44
CA GLN C 56 1.71 -20.15 30.28
C GLN C 56 0.34 -20.61 29.83
N ALA C 57 -0.61 -20.82 30.77
CA ALA C 57 -1.97 -21.31 30.47
C ALA C 57 -2.81 -20.20 29.82
N ALA C 58 -2.64 -18.94 30.22
CA ALA C 58 -3.67 -17.91 29.97
C ALA C 58 -3.22 -16.84 28.96
N VAL C 59 -1.92 -16.63 28.79
CA VAL C 59 -1.36 -15.44 28.05
C VAL C 59 -0.72 -15.93 26.75
N ALA C 60 -0.99 -15.22 25.65
CA ALA C 60 -0.35 -15.51 24.35
C ALA C 60 1.15 -15.71 24.53
N ARG C 61 1.66 -16.73 23.85
CA ARG C 61 3.04 -17.24 23.97
C ARG C 61 4.05 -16.17 23.54
N ALA C 62 3.67 -15.19 22.73
CA ALA C 62 4.62 -14.10 22.33
C ALA C 62 5.07 -13.30 23.56
N LEU C 63 4.22 -13.24 24.57
CA LEU C 63 4.56 -12.49 25.80
C LEU C 63 5.35 -13.44 26.70
N ALA C 64 6.66 -13.33 26.62
CA ALA C 64 7.63 -14.24 27.27
C ALA C 64 8.49 -13.38 28.17
N PRO C 65 8.00 -13.08 29.39
CA PRO C 65 8.68 -12.14 30.29
C PRO C 65 10.07 -12.66 30.67
N GLY C 66 11.02 -11.75 30.90
CA GLY C 66 12.42 -12.09 31.14
C GLY C 66 12.74 -12.27 32.62
N LEU C 67 12.22 -11.41 33.50
CA LEU C 67 12.60 -11.43 34.94
C LEU C 67 12.06 -12.71 35.57
N PRO C 68 12.91 -13.51 36.24
CA PRO C 68 12.47 -14.78 36.84
C PRO C 68 11.88 -14.49 38.22
N GLY C 69 10.84 -13.67 38.23
CA GLY C 69 10.11 -13.23 39.43
C GLY C 69 8.91 -12.40 39.05
N TYR C 70 7.83 -12.56 39.80
CA TYR C 70 6.57 -11.81 39.64
C TYR C 70 6.63 -10.62 40.60
N VAL C 71 6.48 -9.42 40.04
CA VAL C 71 6.69 -8.14 40.79
C VAL C 71 5.54 -7.89 41.76
N VAL C 72 5.86 -7.51 42.99
CA VAL C 72 4.83 -7.01 43.97
C VAL C 72 5.08 -5.54 44.38
N ASP C 73 6.28 -5.04 44.19
CA ASP C 73 6.65 -3.62 44.50
C ASP C 73 7.72 -3.21 43.51
N ALA C 74 7.64 -1.97 43.06
CA ALA C 74 8.71 -1.31 42.30
C ALA C 74 8.93 0.03 42.96
N ASP C 75 10.09 0.22 43.61
CA ASP C 75 10.36 1.46 44.35
C ASP C 75 11.84 1.78 44.29
N GLY C 76 12.14 3.03 44.01
CA GLY C 76 13.53 3.52 43.98
C GLY C 76 14.30 2.79 42.91
N GLY C 77 15.32 2.01 43.29
CA GLY C 77 16.19 1.25 42.37
C GLY C 77 15.89 -0.23 42.38
N ILE C 78 14.74 -0.65 42.94
CA ILE C 78 14.48 -2.08 43.26
C ILE C 78 13.15 -2.57 42.68
N LEU C 79 13.16 -3.80 42.13
CA LEU C 79 11.98 -4.61 41.80
C LEU C 79 11.93 -5.75 42.82
N ALA C 80 10.89 -5.77 43.67
CA ALA C 80 10.66 -6.78 44.72
C ALA C 80 9.68 -7.81 44.18
N ASP C 81 10.01 -9.09 44.28
CA ASP C 81 9.13 -10.13 43.68
C ASP C 81 8.29 -10.83 44.75
N ALA C 82 7.42 -11.73 44.31
CA ALA C 82 6.42 -12.42 45.17
C ALA C 82 7.15 -13.31 46.18
N ASP C 83 8.38 -13.74 45.87
CA ASP C 83 9.18 -14.63 46.75
C ASP C 83 10.14 -13.82 47.65
N GLY C 84 10.04 -12.50 47.65
CA GLY C 84 10.83 -11.64 48.53
C GLY C 84 12.16 -11.25 47.92
N ASN C 85 12.46 -11.65 46.69
CA ASN C 85 13.73 -11.27 46.02
C ASN C 85 13.70 -9.77 45.74
N ARG C 86 14.84 -9.09 45.83
CA ARG C 86 14.95 -7.66 45.46
C ARG C 86 16.00 -7.55 44.36
N PHE C 87 15.53 -7.30 43.15
CA PHE C 87 16.39 -7.22 41.95
C PHE C 87 16.73 -5.74 41.77
N ILE C 88 17.95 -5.44 41.38
CA ILE C 88 18.33 -4.05 41.02
C ILE C 88 17.73 -3.73 39.66
N ASP C 89 17.00 -2.62 39.58
CA ASP C 89 16.25 -2.23 38.36
C ASP C 89 17.14 -1.31 37.50
N LEU C 90 17.80 -1.82 36.46
CA LEU C 90 18.49 -0.94 35.51
C LEU C 90 17.69 -0.89 34.20
N ALA C 91 16.37 -1.09 34.26
CA ALA C 91 15.49 -1.10 33.07
C ALA C 91 14.43 0.01 33.10
N SER C 92 14.01 0.43 34.31
CA SER C 92 12.82 1.24 34.61
C SER C 92 11.65 0.91 33.67
N GLY C 93 11.38 -0.39 33.48
CA GLY C 93 10.26 -0.81 32.62
C GLY C 93 10.40 -0.28 31.20
N ILE C 94 11.62 -0.29 30.67
CA ILE C 94 12.04 0.28 29.37
C ILE C 94 11.86 1.82 29.40
N ALA C 95 12.61 2.48 30.28
CA ALA C 95 12.79 3.96 30.32
C ALA C 95 11.49 4.68 30.71
N VAL C 96 10.59 4.00 31.43
CA VAL C 96 9.24 4.51 31.78
C VAL C 96 9.23 5.07 33.21
N THR C 97 9.69 4.30 34.20
CA THR C 97 9.56 4.68 35.64
C THR C 97 10.79 5.50 36.07
N THR C 98 11.10 6.55 35.30
CA THR C 98 12.13 7.60 35.54
C THR C 98 12.07 8.17 36.96
N VAL C 99 10.88 8.47 37.47
CA VAL C 99 10.69 9.03 38.84
C VAL C 99 10.53 7.88 39.85
N GLY C 100 10.81 6.63 39.49
CA GLY C 100 10.56 5.46 40.33
C GLY C 100 9.24 4.79 39.97
N GLY C 101 9.10 3.51 40.30
CA GLY C 101 7.90 2.72 39.98
C GLY C 101 6.73 2.91 40.93
N SER C 102 6.89 3.60 42.06
CA SER C 102 5.74 3.84 42.96
C SER C 102 5.95 5.14 43.72
N ASN C 103 6.39 6.18 43.01
CA ASN C 103 6.64 7.51 43.61
C ASN C 103 5.40 7.87 44.44
N ALA C 104 5.60 8.35 45.67
CA ALA C 104 4.48 8.65 46.61
C ALA C 104 3.58 9.74 46.04
N ALA C 105 4.12 10.78 45.38
CA ALA C 105 3.32 11.90 44.82
C ALA C 105 2.48 11.38 43.65
N VAL C 106 3.07 10.54 42.79
CA VAL C 106 2.39 9.91 41.63
C VAL C 106 1.26 9.02 42.17
N ALA C 107 1.56 8.14 43.13
CA ALA C 107 0.59 7.17 43.70
C ALA C 107 -0.62 7.92 44.26
N LYS C 108 -0.39 8.99 45.01
CA LYS C 108 -1.45 9.83 45.65
C LYS C 108 -2.31 10.55 44.60
N ALA C 109 -1.68 11.16 43.58
CA ALA C 109 -2.40 11.79 42.45
C ALA C 109 -3.30 10.75 41.79
N VAL C 110 -2.78 9.54 41.53
CA VAL C 110 -3.55 8.48 40.81
C VAL C 110 -4.78 8.10 41.64
N GLY C 111 -4.60 7.82 42.92
CA GLY C 111 -5.68 7.49 43.87
C GLY C 111 -6.71 8.58 43.93
N ALA C 112 -6.23 9.81 44.07
CA ALA C 112 -7.08 11.00 44.25
C ALA C 112 -7.90 11.21 42.97
N ALA C 113 -7.30 11.12 41.78
CA ALA C 113 -8.03 11.40 40.51
C ALA C 113 -9.16 10.37 40.29
N ALA C 114 -8.88 9.10 40.52
CA ALA C 114 -9.78 7.99 40.20
C ALA C 114 -11.04 8.08 41.09
N ALA C 115 -10.90 8.65 42.27
CA ALA C 115 -12.01 8.80 43.23
C ALA C 115 -12.90 9.96 42.79
N ARG C 116 -12.42 10.83 41.90
CA ARG C 116 -13.21 11.95 41.31
C ARG C 116 -13.86 11.48 40.00
N PHE C 117 -13.06 11.02 39.03
CA PHE C 117 -13.52 10.33 37.79
C PHE C 117 -12.34 9.64 37.11
N THR C 118 -12.54 8.43 36.59
CA THR C 118 -11.48 7.70 35.86
C THR C 118 -11.40 8.24 34.43
N HIS C 119 -12.48 8.75 33.88
CA HIS C 119 -12.58 8.89 32.41
C HIS C 119 -13.85 9.63 32.04
N THR C 120 -13.76 10.54 31.07
CA THR C 120 -14.96 11.11 30.43
C THR C 120 -14.81 11.14 28.90
N CYS C 121 -13.62 10.92 28.35
CA CYS C 121 -13.28 11.18 26.92
C CYS C 121 -13.22 12.69 26.68
N PHE C 122 -12.00 13.23 26.60
CA PHE C 122 -11.78 14.69 26.60
C PHE C 122 -12.61 15.37 25.50
N MET C 123 -12.69 14.76 24.34
CA MET C 123 -13.37 15.40 23.19
C MET C 123 -14.88 15.29 23.35
N VAL C 124 -15.37 14.54 24.32
CA VAL C 124 -16.81 14.62 24.73
C VAL C 124 -16.95 15.62 25.87
N SER C 125 -16.35 15.34 27.03
CA SER C 125 -16.47 16.16 28.27
C SER C 125 -15.06 16.48 28.73
N PRO C 126 -14.64 17.75 28.69
CA PRO C 126 -13.26 18.13 28.99
C PRO C 126 -12.99 18.23 30.47
N TYR C 127 -11.71 18.28 30.80
CA TYR C 127 -11.25 18.31 32.21
C TYR C 127 -9.88 18.96 32.25
N GLU C 128 -9.61 19.61 33.37
CA GLU C 128 -8.46 20.53 33.53
C GLU C 128 -7.12 19.78 33.37
N THR C 129 -6.98 18.56 33.86
CA THR C 129 -5.65 17.88 33.89
C THR C 129 -5.15 17.64 32.46
N TYR C 130 -6.05 17.41 31.49
CA TYR C 130 -5.67 17.31 30.05
C TYR C 130 -5.04 18.63 29.62
N VAL C 131 -5.76 19.73 29.83
CA VAL C 131 -5.28 21.07 29.40
C VAL C 131 -3.95 21.38 30.12
N ALA C 132 -3.83 21.11 31.41
CA ALA C 132 -2.61 21.43 32.19
C ALA C 132 -1.42 20.64 31.61
N MET C 133 -1.66 19.41 31.18
CA MET C 133 -0.56 18.57 30.63
C MET C 133 -0.21 19.09 29.24
N ALA C 134 -1.17 19.50 28.40
CA ALA C 134 -0.83 20.16 27.13
C ALA C 134 0.06 21.38 27.40
N GLU C 135 -0.30 22.22 28.37
CA GLU C 135 0.50 23.43 28.69
C GLU C 135 1.92 23.03 29.15
N ARG C 136 2.04 22.02 30.00
CA ARG C 136 3.36 21.52 30.48
C ARG C 136 4.23 21.13 29.28
N LEU C 137 3.70 20.34 28.34
CA LEU C 137 4.45 19.87 27.15
C LEU C 137 4.81 21.04 26.25
N ASN C 138 3.86 21.93 25.99
CA ASN C 138 4.10 23.12 25.17
C ASN C 138 5.31 23.87 25.74
N ALA C 139 5.43 23.96 27.06
CA ALA C 139 6.41 24.80 27.79
C ALA C 139 7.75 24.07 27.85
N LEU C 140 7.76 22.76 28.11
CA LEU C 140 9.02 22.00 28.39
C LEU C 140 9.74 21.61 27.09
N THR C 141 9.04 21.57 25.95
CA THR C 141 9.61 21.08 24.67
C THR C 141 10.45 22.19 24.07
N PRO C 142 11.37 21.86 23.14
CA PRO C 142 12.25 22.86 22.56
C PRO C 142 11.57 23.95 21.74
N GLY C 143 12.19 25.13 21.73
CA GLY C 143 11.75 26.26 20.90
C GLY C 143 10.81 27.17 21.67
N ASP C 144 10.74 28.42 21.22
CA ASP C 144 9.93 29.51 21.83
C ASP C 144 8.72 29.85 20.95
N HIS C 145 8.57 29.21 19.79
CA HIS C 145 7.42 29.40 18.87
C HIS C 145 6.12 28.89 19.54
N ASP C 146 4.94 29.26 19.02
CA ASP C 146 3.61 28.80 19.52
C ASP C 146 3.48 27.31 19.23
N LYS C 147 3.12 26.56 20.26
CA LYS C 147 3.01 25.07 20.18
C LYS C 147 1.65 24.65 20.67
N LYS C 148 1.14 23.51 20.22
CA LYS C 148 -0.06 22.88 20.79
C LYS C 148 0.20 21.39 20.91
N SER C 149 -0.58 20.72 21.75
CA SER C 149 -0.38 19.29 22.06
C SER C 149 -1.70 18.55 21.90
N ALA C 150 -1.58 17.25 21.66
CA ALA C 150 -2.71 16.30 21.66
C ALA C 150 -2.19 15.05 22.40
N LEU C 151 -3.02 14.45 23.26
CA LEU C 151 -2.62 13.38 24.19
C LEU C 151 -3.27 12.06 23.74
N PHE C 152 -2.48 10.98 23.80
CA PHE C 152 -2.94 9.62 23.43
C PHE C 152 -2.54 8.70 24.56
N ASN C 153 -2.43 7.40 24.26
CA ASN C 153 -2.15 6.37 25.29
C ASN C 153 -0.73 5.83 25.09
N SER C 154 -0.45 5.24 23.92
CA SER C 154 0.81 4.52 23.65
C SER C 154 1.73 5.39 22.79
N GLY C 155 3.02 5.09 22.87
CA GLY C 155 4.00 5.73 21.98
C GLY C 155 3.62 5.48 20.54
N ALA C 156 3.21 4.24 20.16
CA ALA C 156 2.84 4.00 18.75
C ALA C 156 1.73 4.98 18.30
N GLU C 157 0.71 5.20 19.11
CA GLU C 157 -0.39 6.14 18.80
C GLU C 157 0.16 7.55 18.63
N ALA C 158 1.19 7.92 19.39
CA ALA C 158 1.78 9.27 19.31
C ALA C 158 2.53 9.39 17.98
N VAL C 159 3.31 8.37 17.57
CA VAL C 159 3.99 8.39 16.25
C VAL C 159 2.93 8.42 15.13
N GLU C 160 1.88 7.59 15.20
CA GLU C 160 0.77 7.58 14.20
C GLU C 160 0.21 9.00 14.08
N ASN C 161 -0.05 9.67 15.21
CA ASN C 161 -0.69 11.01 15.19
C ASN C 161 0.32 12.08 14.69
N ALA C 162 1.60 11.94 14.94
CA ALA C 162 2.62 12.86 14.41
C ALA C 162 2.62 12.80 12.89
N VAL C 163 2.53 11.59 12.32
CA VAL C 163 2.47 11.42 10.84
C VAL C 163 1.16 12.06 10.34
N LYS C 164 0.04 11.84 11.03
CA LYS C 164 -1.28 12.38 10.62
C LYS C 164 -1.20 13.92 10.56
N VAL C 165 -0.60 14.61 11.54
CA VAL C 165 -0.65 16.10 11.56
C VAL C 165 0.32 16.56 10.45
N ALA C 166 1.43 15.84 10.19
CA ALA C 166 2.37 16.21 9.10
C ALA C 166 1.69 16.02 7.74
N ARG C 167 0.99 14.93 7.52
CA ARG C 167 0.26 14.73 6.23
C ARG C 167 -0.83 15.79 6.06
N ALA C 168 -1.62 16.06 7.09
CA ALA C 168 -2.70 17.07 7.08
C ALA C 168 -2.13 18.46 6.72
N TYR C 169 -1.01 18.81 7.34
CA TYR C 169 -0.36 20.14 7.25
C TYR C 169 0.29 20.30 5.88
N THR C 170 1.02 19.31 5.39
CA THR C 170 1.85 19.46 4.16
C THR C 170 1.03 19.13 2.93
N GLY C 171 -0.03 18.33 3.10
CA GLY C 171 -0.75 17.71 1.98
C GLY C 171 0.15 16.76 1.19
N LYS C 172 1.26 16.30 1.76
CA LYS C 172 2.16 15.32 1.10
C LYS C 172 2.09 13.99 1.87
N GLY C 173 2.48 12.89 1.23
CA GLY C 173 2.16 11.52 1.71
C GLY C 173 3.36 10.83 2.33
N ALA C 174 4.54 10.94 1.73
CA ALA C 174 5.66 10.02 2.07
C ALA C 174 6.20 10.32 3.48
N VAL C 175 6.80 9.30 4.09
CA VAL C 175 7.41 9.32 5.44
C VAL C 175 8.82 8.78 5.29
N VAL C 176 9.76 9.54 5.84
CA VAL C 176 11.16 9.09 5.85
C VAL C 176 11.53 8.72 7.29
N VAL C 177 12.17 7.55 7.40
CA VAL C 177 12.71 6.98 8.68
C VAL C 177 14.14 6.54 8.39
N PHE C 178 14.83 6.02 9.41
CA PHE C 178 16.29 5.74 9.34
C PHE C 178 16.58 4.27 9.64
N ASP C 179 17.72 3.85 9.14
CA ASP C 179 18.33 2.55 9.57
C ASP C 179 18.36 2.51 11.11
N ASN C 180 18.11 1.32 11.66
CA ASN C 180 18.10 1.05 13.12
C ASN C 180 16.90 1.70 13.82
N ALA C 181 15.93 2.31 13.13
CA ALA C 181 14.81 3.02 13.79
C ALA C 181 13.86 2.02 14.45
N TYR C 182 13.19 2.43 15.52
CA TYR C 182 12.09 1.68 16.16
C TYR C 182 11.00 2.69 16.55
N HIS C 183 9.77 2.52 16.04
CA HIS C 183 8.66 3.48 16.26
C HIS C 183 7.38 2.79 16.75
N GLY C 184 7.33 1.47 16.90
CA GLY C 184 6.13 0.82 17.44
C GLY C 184 5.68 -0.42 16.66
N ARG C 185 4.54 -0.99 17.10
CA ARG C 185 3.99 -2.29 16.65
C ARG C 185 2.62 -2.20 15.97
N THR C 186 2.15 -1.00 15.61
CA THR C 186 1.00 -0.84 14.70
C THR C 186 1.43 -1.05 13.25
N ASN C 187 0.47 -1.12 12.33
CA ASN C 187 0.78 -1.43 10.91
C ASN C 187 1.76 -0.35 10.39
N LEU C 188 1.46 0.92 10.64
CA LEU C 188 2.31 2.02 10.12
C LEU C 188 3.61 2.08 10.92
N THR C 189 3.58 1.88 12.25
CA THR C 189 4.83 2.01 13.05
C THR C 189 5.71 0.79 12.83
N MET C 190 5.14 -0.37 12.45
CA MET C 190 5.98 -1.51 12.04
C MET C 190 6.71 -1.18 10.72
N ALA C 191 6.05 -0.61 9.72
CA ALA C 191 6.67 -0.18 8.47
C ALA C 191 7.84 0.77 8.78
N MET C 192 7.63 1.67 9.75
CA MET C 192 8.60 2.71 10.15
C MET C 192 9.80 2.11 10.88
N THR C 193 9.56 1.00 11.59
CA THR C 193 10.60 0.24 12.33
C THR C 193 11.48 -0.50 11.31
N ALA C 194 12.79 -0.57 11.56
CA ALA C 194 13.77 -1.14 10.60
C ALA C 194 13.78 -2.68 10.72
N LYS C 195 13.79 -3.21 11.93
CA LYS C 195 14.13 -4.64 12.16
C LYS C 195 12.93 -5.58 12.00
N ASN C 196 13.10 -6.57 11.13
CA ASN C 196 12.01 -7.51 10.73
C ASN C 196 11.68 -8.47 11.87
N ARG C 197 12.68 -9.05 12.51
CA ARG C 197 12.45 -10.02 13.60
C ARG C 197 12.65 -9.37 14.96
N PRO C 198 11.69 -9.47 15.92
CA PRO C 198 10.38 -10.09 15.74
C PRO C 198 9.23 -9.13 15.39
N TYR C 199 9.54 -7.86 15.17
CA TYR C 199 8.51 -6.78 15.21
C TYR C 199 7.60 -6.80 13.98
N LYS C 200 8.10 -7.18 12.80
CA LYS C 200 7.34 -7.03 11.52
C LYS C 200 6.98 -8.38 10.89
N SER C 201 7.79 -9.40 11.11
CA SER C 201 7.71 -10.65 10.28
C SER C 201 6.30 -11.23 10.39
N GLY C 202 5.63 -11.40 9.24
CA GLY C 202 4.35 -12.14 9.21
C GLY C 202 3.14 -11.24 9.37
N PHE C 203 3.31 -9.93 9.57
CA PHE C 203 2.18 -9.02 9.93
C PHE C 203 1.80 -8.09 8.76
N GLY C 204 2.49 -8.18 7.64
CA GLY C 204 2.17 -7.44 6.40
C GLY C 204 0.92 -7.95 5.68
N PRO C 205 0.48 -7.21 4.64
CA PRO C 205 1.18 -5.99 4.18
C PRO C 205 1.06 -4.74 5.07
N LEU C 206 2.11 -3.95 5.02
CA LEU C 206 2.31 -2.75 5.88
C LEU C 206 2.15 -1.48 5.04
N ALA C 207 1.81 -0.40 5.71
CA ALA C 207 1.61 0.95 5.15
C ALA C 207 2.73 1.24 4.17
N ALA C 208 2.36 1.75 3.00
CA ALA C 208 3.20 2.14 1.84
C ALA C 208 3.70 3.58 2.01
N ASP C 209 4.55 4.03 1.10
CA ASP C 209 5.04 5.42 1.03
C ASP C 209 5.94 5.70 2.24
N VAL C 210 6.58 4.65 2.79
CA VAL C 210 7.59 4.77 3.89
C VAL C 210 8.97 4.45 3.29
N TYR C 211 9.91 5.37 3.40
CA TYR C 211 11.25 5.28 2.78
C TYR C 211 12.29 5.34 3.90
N ARG C 212 13.38 4.61 3.74
CA ARG C 212 14.46 4.57 4.77
C ARG C 212 15.73 5.23 4.25
N ALA C 213 16.40 5.97 5.13
CA ALA C 213 17.66 6.65 4.81
C ALA C 213 18.72 6.11 5.75
N PRO C 214 20.02 6.18 5.37
CA PRO C 214 21.11 5.80 6.27
C PRO C 214 21.23 6.71 7.48
N MET C 215 21.67 6.11 8.59
CA MET C 215 21.80 6.69 9.95
C MET C 215 23.26 7.07 10.16
N SER C 216 23.48 8.10 10.95
CA SER C 216 24.81 8.44 11.51
C SER C 216 25.10 7.44 12.64
N TYR C 217 25.99 6.50 12.39
CA TYR C 217 26.35 5.42 13.34
C TYR C 217 27.87 5.44 13.35
N PRO C 218 28.45 6.42 14.07
CA PRO C 218 29.88 6.72 13.98
C PRO C 218 30.80 5.50 14.15
N LEU C 219 30.48 4.63 15.08
CA LEU C 219 31.31 3.40 15.33
C LEU C 219 31.49 2.61 14.02
N ARG C 220 30.43 2.47 13.21
CA ARG C 220 30.45 1.64 12.00
C ARG C 220 30.85 2.43 10.74
N ASP C 221 30.42 3.69 10.58
CA ASP C 221 30.58 4.44 9.29
C ASP C 221 31.77 5.42 9.35
N GLY C 222 32.26 5.76 10.55
CA GLY C 222 33.38 6.72 10.72
C GLY C 222 33.08 8.12 10.22
N LEU C 223 31.80 8.46 9.95
CA LEU C 223 31.47 9.76 9.28
C LEU C 223 31.22 10.87 10.31
N SER C 224 31.68 12.09 10.01
CA SER C 224 31.23 13.33 10.72
C SER C 224 29.71 13.47 10.58
N GLY C 225 29.08 14.22 11.48
CA GLY C 225 27.65 14.56 11.41
C GLY C 225 27.24 15.17 10.08
N PRO C 226 27.93 16.22 9.62
CA PRO C 226 27.73 16.76 8.29
C PRO C 226 27.86 15.79 7.11
N GLU C 227 28.90 14.95 7.11
CA GLU C 227 29.08 13.85 6.12
C GLU C 227 27.91 12.85 6.15
N ALA C 228 27.51 12.36 7.34
CA ALA C 228 26.36 11.43 7.46
C ALA C 228 25.08 12.12 6.96
N ALA C 229 24.89 13.40 7.27
CA ALA C 229 23.71 14.18 6.87
C ALA C 229 23.70 14.34 5.35
N GLU C 230 24.84 14.69 4.73
CA GLU C 230 24.93 14.78 3.25
C GLU C 230 24.50 13.44 2.63
N ARG C 231 25.00 12.35 3.17
CA ARG C 231 24.69 10.98 2.67
C ARG C 231 23.17 10.74 2.76
N ALA C 232 22.54 11.03 3.91
CA ALA C 232 21.09 10.78 4.09
C ALA C 232 20.28 11.68 3.13
N ILE C 233 20.61 12.97 3.09
CA ILE C 233 19.92 13.94 2.21
C ILE C 233 20.06 13.50 0.75
N SER C 234 21.23 13.00 0.33
CA SER C 234 21.41 12.46 -1.06
C SER C 234 20.40 11.36 -1.37
N VAL C 235 20.26 10.39 -0.48
CA VAL C 235 19.24 9.31 -0.64
C VAL C 235 17.83 9.89 -0.73
N ILE C 236 17.45 10.71 0.23
CA ILE C 236 16.09 11.29 0.33
C ILE C 236 15.80 12.06 -0.97
N GLU C 237 16.70 12.93 -1.42
CA GLU C 237 16.50 13.73 -2.66
C GLU C 237 16.39 12.83 -3.88
N SER C 238 17.23 11.80 -3.98
CA SER C 238 17.33 10.92 -5.16
C SER C 238 16.09 10.02 -5.23
N GLN C 239 15.73 9.38 -4.13
CA GLN C 239 14.76 8.26 -4.10
C GLN C 239 13.36 8.71 -3.69
N VAL C 240 13.22 9.81 -2.95
CA VAL C 240 11.90 10.23 -2.41
C VAL C 240 11.46 11.55 -3.07
N GLY C 241 12.25 12.60 -2.91
CA GLY C 241 11.87 13.95 -3.37
C GLY C 241 11.10 14.71 -2.33
N ALA C 242 11.55 15.93 -1.98
CA ALA C 242 10.84 16.78 -1.00
C ALA C 242 9.38 16.99 -1.42
N GLU C 243 9.09 17.05 -2.72
CA GLU C 243 7.74 17.34 -3.24
C GLU C 243 6.75 16.22 -2.92
N ASN C 244 7.24 15.01 -2.53
CA ASN C 244 6.38 13.85 -2.18
C ASN C 244 6.34 13.62 -0.66
N LEU C 245 7.13 14.36 0.10
CA LEU C 245 7.51 14.00 1.49
C LEU C 245 6.79 14.87 2.54
N ALA C 246 5.93 14.29 3.38
CA ALA C 246 5.31 14.94 4.55
C ALA C 246 6.36 15.16 5.64
N CYS C 247 7.12 14.15 5.99
CA CYS C 247 7.87 14.24 7.26
C CYS C 247 9.12 13.34 7.23
N VAL C 248 10.08 13.75 8.01
CA VAL C 248 11.30 12.98 8.36
C VAL C 248 11.19 12.76 9.86
N VAL C 249 11.28 11.49 10.26
CA VAL C 249 11.07 11.06 11.65
C VAL C 249 12.35 10.38 12.15
N ILE C 250 12.89 10.85 13.25
CA ILE C 250 14.12 10.23 13.79
C ILE C 250 14.08 10.31 15.31
N GLU C 251 14.62 9.27 15.93
CA GLU C 251 14.95 9.24 17.37
C GLU C 251 16.27 9.97 17.58
N PRO C 252 16.35 11.04 18.40
CA PRO C 252 17.64 11.72 18.58
C PRO C 252 18.75 10.83 19.18
N ILE C 253 18.37 9.86 20.00
CA ILE C 253 19.16 8.63 20.33
C ILE C 253 18.28 7.44 20.01
N GLN C 254 18.70 6.59 19.08
CA GLN C 254 17.92 5.40 18.64
C GLN C 254 17.94 4.39 19.76
N GLY C 255 16.77 4.00 20.24
CA GLY C 255 16.67 3.18 21.46
C GLY C 255 16.83 1.71 21.14
N GLU C 256 15.80 1.05 20.64
CA GLU C 256 15.83 -0.42 20.38
C GLU C 256 16.91 -0.72 19.35
N GLY C 257 17.28 0.25 18.51
CA GLY C 257 18.34 0.09 17.50
C GLY C 257 19.73 -0.04 18.09
N GLY C 258 19.93 0.37 19.34
CA GLY C 258 21.20 0.13 20.07
C GLY C 258 21.78 1.36 20.73
N PHE C 259 20.94 2.30 21.18
CA PHE C 259 21.39 3.56 21.82
C PHE C 259 22.42 4.19 20.91
N ILE C 260 22.05 4.31 19.63
CA ILE C 260 22.93 4.93 18.61
C ILE C 260 22.79 6.45 18.79
N VAL C 261 23.92 7.11 19.01
CA VAL C 261 24.02 8.59 19.14
C VAL C 261 24.60 9.10 17.85
N PRO C 262 23.85 9.89 17.06
CA PRO C 262 24.38 10.41 15.81
C PRO C 262 25.55 11.34 16.10
N ALA C 263 26.48 11.43 15.16
CA ALA C 263 27.67 12.30 15.25
C ALA C 263 27.17 13.74 15.38
N PRO C 264 27.89 14.61 16.13
CA PRO C 264 27.54 16.03 16.27
C PRO C 264 27.28 16.72 14.93
N GLY C 265 26.17 17.45 14.87
CA GLY C 265 25.77 18.23 13.68
C GLY C 265 24.82 17.51 12.73
N PHE C 266 24.66 16.18 12.86
CA PHE C 266 23.80 15.38 11.96
C PHE C 266 22.34 15.83 12.12
N LEU C 267 21.83 15.83 13.35
CA LEU C 267 20.41 16.19 13.59
C LEU C 267 20.14 17.63 13.09
N ALA C 268 21.02 18.58 13.41
CA ALA C 268 20.93 19.99 12.94
C ALA C 268 20.81 20.07 11.41
N ALA C 269 21.66 19.36 10.69
CA ALA C 269 21.70 19.39 9.23
C ALA C 269 20.39 18.81 8.64
N ILE C 270 19.91 17.70 9.21
CA ILE C 270 18.61 17.13 8.78
C ILE C 270 17.50 18.16 9.06
N SER C 271 17.44 18.73 10.26
CA SER C 271 16.44 19.78 10.60
C SER C 271 16.51 20.95 9.61
N THR C 272 17.70 21.45 9.29
CA THR C 272 17.88 22.52 8.28
C THR C 272 17.30 22.10 6.93
N TRP C 273 17.65 20.91 6.44
CA TRP C 273 17.13 20.45 5.13
C TRP C 273 15.59 20.43 5.16
N CYS C 274 14.96 19.93 6.22
CA CYS C 274 13.48 19.86 6.35
C CYS C 274 12.86 21.28 6.28
N ARG C 275 13.47 22.23 6.98
CA ARG C 275 13.01 23.65 6.95
C ARG C 275 13.10 24.20 5.51
N GLU C 276 14.23 24.00 4.85
CA GLU C 276 14.50 24.50 3.47
C GLU C 276 13.56 23.87 2.44
N ASN C 277 12.99 22.69 2.71
CA ASN C 277 12.27 21.89 1.70
C ASN C 277 10.81 21.68 2.08
N ASP C 278 10.27 22.41 3.08
CA ASP C 278 8.83 22.37 3.46
C ASP C 278 8.48 20.93 3.90
N VAL C 279 9.35 20.29 4.65
CA VAL C 279 9.12 18.91 5.18
C VAL C 279 9.07 19.04 6.70
N VAL C 280 8.15 18.33 7.36
CA VAL C 280 8.03 18.43 8.85
C VAL C 280 9.13 17.53 9.45
N PHE C 281 9.96 18.09 10.30
CA PHE C 281 10.99 17.36 11.09
C PHE C 281 10.35 16.90 12.41
N ILE C 282 10.22 15.58 12.57
CA ILE C 282 9.57 14.95 13.75
C ILE C 282 10.67 14.24 14.56
N ALA C 283 10.88 14.66 15.78
CA ALA C 283 11.77 13.94 16.72
C ALA C 283 10.91 12.95 17.51
N ASP C 284 11.29 11.66 17.48
CA ASP C 284 10.68 10.62 18.33
C ASP C 284 11.45 10.60 19.65
N GLU C 285 10.91 11.24 20.69
CA GLU C 285 11.54 11.33 22.04
C GLU C 285 10.80 10.46 23.02
N ILE C 286 10.14 9.39 22.53
CA ILE C 286 9.32 8.52 23.39
C ILE C 286 10.24 7.91 24.45
N GLN C 287 11.42 7.49 24.04
CA GLN C 287 12.41 6.83 24.94
C GLN C 287 13.34 7.87 25.55
N SER C 288 13.78 8.81 24.73
CA SER C 288 14.86 9.76 25.08
C SER C 288 14.33 10.96 25.87
N GLY C 289 13.02 11.15 25.97
CA GLY C 289 12.46 12.39 26.54
C GLY C 289 12.33 12.36 28.05
N PHE C 290 12.04 13.52 28.66
CA PHE C 290 11.72 13.69 30.09
C PHE C 290 12.94 13.31 30.93
N LEU C 291 14.05 14.01 30.68
CA LEU C 291 15.29 14.03 31.53
C LEU C 291 16.08 12.71 31.44
N ARG C 292 15.64 11.75 30.63
CA ARG C 292 16.34 10.44 30.48
C ARG C 292 17.81 10.68 30.15
N THR C 293 18.11 11.67 29.29
CA THR C 293 19.48 11.92 28.79
C THR C 293 20.19 13.05 29.56
N GLY C 294 19.60 13.59 30.63
CA GLY C 294 20.18 14.69 31.42
C GLY C 294 19.80 16.07 30.90
N ASP C 295 19.07 16.11 29.80
CA ASP C 295 18.35 17.30 29.29
C ASP C 295 16.87 16.95 29.31
N TRP C 296 15.98 17.94 29.26
CA TRP C 296 14.52 17.67 29.22
C TRP C 296 14.27 16.81 27.98
N PHE C 297 14.88 17.17 26.84
CA PHE C 297 14.75 16.39 25.59
C PHE C 297 16.13 16.24 24.98
N ALA C 298 16.38 15.08 24.38
CA ALA C 298 17.71 14.75 23.83
C ALA C 298 18.03 15.74 22.72
N SER C 299 17.01 16.28 22.04
CA SER C 299 17.15 17.37 21.03
C SER C 299 17.93 18.57 21.63
N ASP C 300 17.81 18.83 22.93
CA ASP C 300 18.39 19.99 23.65
C ASP C 300 19.93 19.94 23.61
N ALA C 301 20.51 18.75 23.63
CA ALA C 301 21.98 18.57 23.72
C ALA C 301 22.64 19.25 22.52
N GLU C 302 21.95 19.33 21.38
CA GLU C 302 22.51 20.03 20.19
C GLU C 302 21.65 21.22 19.75
N GLY C 303 20.81 21.78 20.62
CA GLY C 303 19.93 22.92 20.28
C GLY C 303 19.04 22.68 19.06
N VAL C 304 18.72 21.43 18.70
CA VAL C 304 17.74 21.14 17.61
C VAL C 304 16.33 21.45 18.11
N ILE C 305 15.53 22.08 17.25
CA ILE C 305 14.13 22.47 17.54
C ILE C 305 13.23 21.76 16.55
N PRO C 306 12.71 20.57 16.93
CA PRO C 306 11.82 19.82 16.04
C PRO C 306 10.57 20.62 15.73
N ASP C 307 9.98 20.38 14.57
CA ASP C 307 8.63 20.84 14.23
C ASP C 307 7.61 20.14 15.14
N VAL C 308 7.76 18.84 15.32
CA VAL C 308 6.82 17.99 16.08
C VAL C 308 7.66 17.04 16.95
N ILE C 309 7.24 16.75 18.18
CA ILE C 309 7.97 15.84 19.10
C ILE C 309 6.97 14.89 19.71
N THR C 310 7.26 13.59 19.67
CA THR C 310 6.42 12.54 20.28
C THR C 310 7.05 12.19 21.63
N THR C 311 6.23 12.07 22.66
CA THR C 311 6.67 11.71 24.03
C THR C 311 5.73 10.65 24.57
N ALA C 312 6.24 9.80 25.45
CA ALA C 312 5.46 8.77 26.16
C ALA C 312 6.36 8.29 27.32
N LYS C 313 6.34 7.01 27.67
CA LYS C 313 7.30 6.39 28.63
C LYS C 313 7.43 7.24 29.90
N GLY C 314 8.49 8.07 30.06
CA GLY C 314 8.74 8.72 31.37
C GLY C 314 7.76 9.84 31.74
N ILE C 315 6.88 10.23 30.82
CA ILE C 315 5.93 11.37 30.96
C ILE C 315 4.98 11.19 32.17
N ALA C 316 4.48 9.97 32.47
CA ALA C 316 3.38 9.83 33.46
C ALA C 316 3.71 8.85 34.58
N GLY C 317 4.99 8.69 34.93
CA GLY C 317 5.35 7.90 36.12
C GLY C 317 4.84 6.46 36.06
N GLY C 318 4.61 5.93 34.86
CA GLY C 318 4.17 4.53 34.65
C GLY C 318 2.73 4.44 34.18
N MET C 319 1.94 5.53 34.25
CA MET C 319 0.54 5.49 33.76
C MET C 319 0.56 5.62 32.24
N PRO C 320 -0.42 5.03 31.52
CA PRO C 320 -0.44 5.04 30.05
C PRO C 320 -0.84 6.40 29.45
N LEU C 321 0.17 7.16 29.02
CA LEU C 321 -0.03 8.47 28.38
C LEU C 321 1.06 8.62 27.33
N SER C 322 0.70 9.28 26.26
CA SER C 322 1.63 9.69 25.21
C SER C 322 1.14 11.04 24.71
N ALA C 323 1.93 11.70 23.89
CA ALA C 323 1.66 13.09 23.46
C ALA C 323 2.36 13.37 22.14
N VAL C 324 1.70 14.19 21.32
CA VAL C 324 2.25 14.88 20.13
C VAL C 324 2.22 16.37 20.47
N THR C 325 3.35 17.06 20.31
CA THR C 325 3.54 18.49 20.62
C THR C 325 4.21 19.09 19.39
N GLY C 326 3.71 20.21 18.87
CA GLY C 326 4.26 20.70 17.60
C GLY C 326 3.85 22.13 17.35
N ARG C 327 4.48 22.75 16.36
CA ARG C 327 4.08 24.08 15.83
C ARG C 327 2.55 24.13 15.75
N ALA C 328 1.93 25.17 16.32
CA ALA C 328 0.45 25.35 16.39
C ALA C 328 -0.19 25.15 15.01
N GLU C 329 0.39 25.67 13.94
CA GLU C 329 -0.18 25.63 12.57
C GLU C 329 -0.13 24.19 12.04
N ILE C 330 0.83 23.37 12.48
CA ILE C 330 0.87 21.94 12.08
C ILE C 330 -0.17 21.16 12.90
N MET C 331 -0.15 21.31 14.22
CA MET C 331 -1.09 20.63 15.13
C MET C 331 -2.53 21.01 14.77
N ASP C 332 -2.79 22.23 14.25
CA ASP C 332 -4.17 22.69 13.96
C ASP C 332 -4.62 22.31 12.55
N ALA C 333 -3.78 21.67 11.75
CA ALA C 333 -4.15 21.34 10.35
C ALA C 333 -5.34 20.39 10.33
N PRO C 334 -5.38 19.31 11.16
CA PRO C 334 -6.60 18.50 11.21
C PRO C 334 -7.82 19.28 11.70
N GLY C 335 -8.95 19.02 11.05
CA GLY C 335 -10.23 19.66 11.41
C GLY C 335 -10.88 19.02 12.63
N PRO C 336 -12.06 19.54 13.01
CA PRO C 336 -12.73 19.10 14.23
C PRO C 336 -13.05 17.61 14.15
N GLY C 337 -12.73 16.89 15.23
CA GLY C 337 -12.93 15.44 15.33
C GLY C 337 -11.96 14.63 14.47
N ALA C 338 -10.98 15.25 13.78
CA ALA C 338 -10.10 14.53 12.84
C ALA C 338 -8.95 13.83 13.59
N LEU C 339 -8.67 14.21 14.82
CA LEU C 339 -7.81 13.42 15.74
C LEU C 339 -8.70 12.93 16.88
N GLY C 340 -8.30 11.85 17.55
CA GLY C 340 -9.08 11.31 18.68
C GLY C 340 -8.52 10.02 19.23
N GLY C 341 -9.42 9.15 19.69
CA GLY C 341 -9.10 8.02 20.57
C GLY C 341 -9.90 8.15 21.86
N THR C 342 -10.51 7.07 22.30
CA THR C 342 -11.41 7.11 23.47
C THR C 342 -10.63 7.52 24.72
N TYR C 343 -9.54 6.83 25.03
CA TYR C 343 -8.88 6.95 26.35
C TYR C 343 -7.90 8.13 26.42
N GLY C 344 -7.40 8.60 25.27
CA GLY C 344 -6.26 9.55 25.19
C GLY C 344 -6.31 10.66 26.24
N GLY C 345 -5.19 10.92 26.91
CA GLY C 345 -5.15 11.97 27.95
C GLY C 345 -6.07 11.59 29.11
N ASN C 346 -6.04 10.32 29.48
CA ASN C 346 -6.82 9.79 30.61
C ASN C 346 -6.56 10.70 31.82
N PRO C 347 -7.60 11.13 32.55
CA PRO C 347 -7.45 12.09 33.64
C PRO C 347 -6.59 11.56 34.79
N VAL C 348 -6.65 10.27 35.06
CA VAL C 348 -5.79 9.60 36.08
C VAL C 348 -4.33 9.65 35.58
N ALA C 349 -4.07 9.32 34.31
CA ALA C 349 -2.69 9.36 33.76
C ALA C 349 -2.18 10.82 33.72
N CYS C 350 -3.01 11.79 33.41
CA CYS C 350 -2.59 13.21 33.42
C CYS C 350 -2.28 13.64 34.85
N ALA C 351 -3.08 13.22 35.83
CA ALA C 351 -2.82 13.54 37.25
C ALA C 351 -1.44 12.99 37.61
N ALA C 352 -1.15 11.77 37.11
CA ALA C 352 0.12 11.08 37.39
C ALA C 352 1.26 11.89 36.78
N ALA C 353 1.09 12.32 35.53
CA ALA C 353 2.11 13.05 34.73
C ALA C 353 2.38 14.41 35.39
N LEU C 354 1.37 15.08 35.88
CA LEU C 354 1.61 16.42 36.49
C LEU C 354 2.41 16.23 37.78
N ALA C 355 2.04 15.26 38.62
CA ALA C 355 2.81 14.86 39.81
C ALA C 355 4.24 14.44 39.43
N ALA C 356 4.44 13.57 38.41
CA ALA C 356 5.78 13.07 38.00
C ALA C 356 6.67 14.25 37.56
N ILE C 357 6.13 15.17 36.75
CA ILE C 357 6.92 16.33 36.25
C ILE C 357 7.28 17.22 37.44
N GLU C 358 6.38 17.35 38.41
CA GLU C 358 6.67 18.15 39.63
C GLU C 358 7.82 17.49 40.42
N VAL C 359 7.82 16.17 40.57
CA VAL C 359 8.98 15.43 41.17
C VAL C 359 10.26 15.72 40.38
N MET C 360 10.24 15.60 39.06
CA MET C 360 11.42 15.82 38.21
C MET C 360 12.03 17.19 38.54
N GLU C 361 11.17 18.20 38.73
CA GLU C 361 11.64 19.57 39.07
C GLU C 361 12.10 19.63 40.52
N GLN C 362 11.25 19.22 41.48
CA GLN C 362 11.52 19.37 42.94
C GLN C 362 12.73 18.53 43.37
N ALA C 363 12.92 17.33 42.81
CA ALA C 363 13.97 16.38 43.23
C ALA C 363 15.23 16.61 42.39
N ASP C 364 15.24 17.62 41.52
CA ASP C 364 16.29 17.95 40.53
C ASP C 364 16.76 16.66 39.84
N LEU C 365 15.85 15.95 39.18
CA LEU C 365 16.25 14.67 38.51
C LEU C 365 17.17 14.99 37.32
N LYS C 366 17.17 16.22 36.81
CA LYS C 366 18.09 16.62 35.74
C LYS C 366 19.54 16.39 36.20
N THR C 367 19.93 16.94 37.37
CA THR C 367 21.26 16.76 37.98
C THR C 367 21.50 15.28 38.27
N ARG C 368 20.50 14.59 38.82
CA ARG C 368 20.66 13.14 39.11
C ARG C 368 21.05 12.41 37.82
N ALA C 369 20.48 12.74 36.66
CA ALA C 369 20.73 11.98 35.41
C ALA C 369 22.19 12.20 34.98
N GLN C 370 22.71 13.41 35.19
CA GLN C 370 24.11 13.75 34.85
C GLN C 370 25.04 12.97 35.80
N GLU C 371 24.69 12.85 37.07
CA GLU C 371 25.49 12.13 38.09
C GLU C 371 25.50 10.63 37.76
N ILE C 372 24.35 10.12 37.30
CA ILE C 372 24.19 8.69 36.94
C ILE C 372 25.13 8.43 35.75
N GLU C 373 25.19 9.34 34.76
CA GLU C 373 26.14 9.13 33.63
C GLU C 373 27.57 9.03 34.22
N THR C 374 27.94 9.94 35.11
CA THR C 374 29.30 9.95 35.70
C THR C 374 29.58 8.63 36.45
N ILE C 375 28.61 8.14 37.22
CA ILE C 375 28.79 6.89 38.01
C ILE C 375 28.97 5.73 37.01
N ILE C 376 28.17 5.69 35.94
CA ILE C 376 28.27 4.63 34.92
C ILE C 376 29.65 4.67 34.27
N ARG C 377 30.14 5.84 33.84
CA ARG C 377 31.47 5.92 33.18
C ARG C 377 32.58 5.58 34.18
N ASP C 378 32.42 5.93 35.45
CA ASP C 378 33.37 5.58 36.55
C ASP C 378 33.45 4.05 36.68
N GLU C 379 32.30 3.37 36.86
CA GLU C 379 32.27 1.90 37.09
C GLU C 379 32.74 1.18 35.82
N PHE C 380 32.74 1.79 34.64
CA PHE C 380 33.18 1.16 33.36
C PHE C 380 34.62 1.55 33.01
N ALA C 381 35.39 2.12 33.95
CA ALA C 381 36.79 2.52 33.69
C ALA C 381 37.60 1.32 33.20
N GLN C 382 37.31 0.08 33.63
CA GLN C 382 38.20 -1.07 33.35
C GLN C 382 37.71 -1.87 32.14
N LEU C 383 36.78 -1.35 31.35
CA LEU C 383 36.24 -2.12 30.19
C LEU C 383 37.31 -2.25 29.08
N SER C 384 38.39 -1.46 29.20
CA SER C 384 39.65 -1.56 28.42
C SER C 384 40.38 -2.90 28.65
N ALA C 385 40.04 -3.71 29.64
CA ALA C 385 40.58 -5.09 29.79
C ALA C 385 40.00 -5.96 28.65
N PHE C 386 38.88 -5.51 28.03
CA PHE C 386 38.01 -6.32 27.13
C PHE C 386 38.10 -5.86 25.68
N PRO C 387 38.71 -6.67 24.80
CA PRO C 387 38.61 -6.40 23.37
C PRO C 387 37.16 -6.59 22.85
N GLU C 388 36.30 -7.25 23.63
CA GLU C 388 34.86 -7.45 23.30
C GLU C 388 34.08 -6.13 23.38
N VAL C 389 34.56 -5.14 24.14
CA VAL C 389 33.83 -3.84 24.27
C VAL C 389 34.24 -2.92 23.12
N ALA C 390 33.32 -2.68 22.17
CA ALA C 390 33.61 -1.85 20.98
C ALA C 390 33.40 -0.37 21.33
N GLU C 391 32.40 -0.04 22.14
CA GLU C 391 32.04 1.34 22.46
C GLU C 391 31.25 1.37 23.76
N ILE C 392 31.41 2.45 24.52
CA ILE C 392 30.47 2.93 25.56
C ILE C 392 29.87 4.22 25.05
N ARG C 393 28.56 4.32 24.98
CA ARG C 393 27.92 5.50 24.35
C ARG C 393 26.61 5.79 25.06
N GLY C 394 26.06 6.97 24.77
CA GLY C 394 24.80 7.44 25.37
C GLY C 394 25.03 8.68 26.21
N ARG C 395 24.01 9.10 26.94
CA ARG C 395 24.02 10.34 27.76
C ARG C 395 23.12 10.10 28.97
N GLY C 396 23.47 10.68 30.12
CA GLY C 396 22.60 10.68 31.31
C GLY C 396 22.33 9.26 31.77
N ALA C 397 21.05 8.90 31.89
CA ALA C 397 20.59 7.57 32.33
C ALA C 397 20.17 6.77 31.10
N MET C 398 20.80 7.04 29.95
CA MET C 398 20.59 6.28 28.68
C MET C 398 21.97 5.94 28.13
N MET C 399 22.58 4.91 28.71
CA MET C 399 23.98 4.50 28.43
C MET C 399 24.01 3.06 27.94
N ALA C 400 25.01 2.73 27.14
CA ALA C 400 25.08 1.43 26.45
C ALA C 400 26.53 1.02 26.20
N ILE C 401 26.69 -0.30 26.10
CA ILE C 401 27.94 -0.98 25.72
C ILE C 401 27.64 -1.83 24.50
N GLU C 402 28.45 -1.68 23.45
CA GLU C 402 28.30 -2.54 22.25
C GLU C 402 29.40 -3.62 22.31
N LEU C 403 29.00 -4.87 22.12
CA LEU C 403 29.91 -6.03 22.23
C LEU C 403 30.19 -6.63 20.86
N ILE C 404 31.44 -7.00 20.66
CA ILE C 404 31.93 -7.61 19.39
C ILE C 404 32.71 -8.88 19.73
N ASP C 405 32.99 -9.69 18.71
CA ASP C 405 33.80 -10.92 18.84
C ASP C 405 35.22 -10.59 18.38
N ALA C 406 36.11 -11.57 18.35
CA ALA C 406 37.56 -11.39 18.08
C ALA C 406 37.79 -10.92 16.62
N THR C 407 36.86 -11.17 15.70
CA THR C 407 36.94 -10.69 14.29
C THR C 407 36.25 -9.32 14.13
N GLY C 408 35.73 -8.70 15.19
CA GLY C 408 35.07 -7.38 15.13
C GLY C 408 33.59 -7.45 14.72
N ARG C 409 33.00 -8.64 14.63
CA ARG C 409 31.58 -8.82 14.23
C ARG C 409 30.69 -8.67 15.47
N PRO C 410 29.38 -8.42 15.29
CA PRO C 410 28.46 -8.32 16.42
C PRO C 410 28.44 -9.58 17.28
N ASN C 411 28.38 -9.40 18.61
CA ASN C 411 28.47 -10.54 19.58
C ASN C 411 27.19 -10.63 20.39
N ALA C 412 26.10 -11.08 19.76
CA ALA C 412 24.79 -11.20 20.43
C ALA C 412 24.85 -12.31 21.48
N ALA C 413 25.65 -13.34 21.27
CA ALA C 413 25.73 -14.47 22.25
C ALA C 413 26.30 -13.94 23.57
N LEU C 414 27.36 -13.13 23.52
CA LEU C 414 27.97 -12.61 24.76
C LEU C 414 26.98 -11.66 25.41
N THR C 415 26.35 -10.81 24.60
CA THR C 415 25.32 -9.87 25.12
C THR C 415 24.27 -10.67 25.91
N ALA C 416 23.72 -11.72 25.33
CA ALA C 416 22.61 -12.47 25.96
C ALA C 416 23.16 -13.20 27.22
N ALA C 417 24.37 -13.75 27.15
CA ALA C 417 25.04 -14.43 28.30
C ALA C 417 25.20 -13.45 29.47
N VAL C 418 25.75 -12.28 29.19
CA VAL C 418 25.99 -11.28 30.26
C VAL C 418 24.67 -10.91 30.92
N ALA C 419 23.63 -10.58 30.14
CA ALA C 419 22.30 -10.21 30.64
C ALA C 419 21.72 -11.37 31.48
N ALA C 420 21.88 -12.62 31.03
CA ALA C 420 21.32 -13.80 31.76
C ALA C 420 22.06 -14.00 33.09
N ARG C 421 23.39 -13.83 33.08
CA ARG C 421 24.26 -13.92 34.29
C ARG C 421 23.86 -12.81 35.28
N ALA C 422 23.74 -11.57 34.82
CA ALA C 422 23.30 -10.44 35.67
C ALA C 422 21.97 -10.76 36.38
N LYS C 423 20.95 -11.18 35.62
CA LYS C 423 19.61 -11.45 36.17
C LYS C 423 19.72 -12.48 37.30
N ALA C 424 20.46 -13.57 37.06
CA ALA C 424 20.63 -14.69 38.02
C ALA C 424 21.28 -14.15 39.30
N GLU C 425 22.17 -13.15 39.17
CA GLU C 425 22.86 -12.49 40.30
C GLU C 425 21.95 -11.41 40.92
N GLY C 426 20.78 -11.12 40.33
CA GLY C 426 19.78 -10.20 40.92
C GLY C 426 19.83 -8.79 40.35
N VAL C 427 20.20 -8.64 39.08
CA VAL C 427 20.26 -7.33 38.37
C VAL C 427 19.50 -7.45 37.04
N LEU C 428 18.49 -6.61 36.85
CA LEU C 428 17.73 -6.60 35.59
C LEU C 428 18.40 -5.62 34.63
N LEU C 429 18.90 -6.17 33.54
CA LEU C 429 19.71 -5.51 32.50
C LEU C 429 19.04 -5.84 31.17
N LEU C 430 18.73 -4.83 30.38
CA LEU C 430 18.11 -5.07 29.06
C LEU C 430 19.18 -5.11 27.97
N THR C 431 18.84 -5.75 26.87
CA THR C 431 19.70 -5.76 25.68
C THR C 431 18.90 -5.13 24.56
N CYS C 432 19.56 -4.75 23.47
CA CYS C 432 18.90 -4.13 22.31
C CYS C 432 19.88 -4.23 21.14
N GLY C 433 19.57 -3.52 20.06
CA GLY C 433 20.49 -3.41 18.94
C GLY C 433 19.96 -4.10 17.71
N THR C 434 20.18 -3.48 16.56
CA THR C 434 19.90 -4.09 15.23
C THR C 434 20.47 -5.52 15.22
N ASP C 435 21.70 -5.71 15.72
CA ASP C 435 22.36 -7.04 15.68
C ASP C 435 22.37 -7.69 17.07
N GLY C 436 21.56 -7.22 18.02
CA GLY C 436 21.35 -7.84 19.34
C GLY C 436 22.62 -7.88 20.20
N ASN C 437 23.54 -6.94 20.01
CA ASN C 437 24.89 -6.97 20.62
C ASN C 437 25.13 -5.73 21.49
N VAL C 438 24.07 -5.18 22.07
CA VAL C 438 24.15 -3.97 22.93
C VAL C 438 23.47 -4.24 24.26
N ILE C 439 24.20 -3.98 25.33
CA ILE C 439 23.63 -3.97 26.69
C ILE C 439 23.24 -2.52 26.97
N ARG C 440 22.02 -2.28 27.42
CA ARG C 440 21.59 -0.89 27.70
C ARG C 440 21.38 -0.71 29.21
N LEU C 441 21.53 0.53 29.66
CA LEU C 441 21.34 0.93 31.08
C LEU C 441 20.27 2.03 31.11
N LEU C 442 19.17 1.74 31.81
CA LEU C 442 17.98 2.63 31.92
C LEU C 442 17.52 2.62 33.37
N PRO C 443 18.44 2.94 34.30
CA PRO C 443 18.06 3.00 35.70
C PRO C 443 17.06 4.14 35.89
N PRO C 444 16.15 4.02 36.88
CA PRO C 444 15.31 5.16 37.25
C PRO C 444 16.22 6.26 37.80
N LEU C 445 15.81 7.52 37.64
CA LEU C 445 16.66 8.64 38.08
C LEU C 445 16.69 8.75 39.61
N VAL C 446 15.86 7.99 40.34
CA VAL C 446 15.79 8.06 41.83
C VAL C 446 16.64 6.93 42.45
N ILE C 447 17.41 6.19 41.64
CA ILE C 447 18.23 5.04 42.11
C ILE C 447 19.26 5.57 43.11
N ALA C 448 19.47 4.87 44.22
CA ALA C 448 20.51 5.22 45.21
C ALA C 448 21.89 4.89 44.63
N GLU C 449 22.86 5.75 44.95
CA GLU C 449 24.22 5.60 44.38
C GLU C 449 24.74 4.18 44.70
N ASP C 450 24.59 3.72 45.93
CA ASP C 450 25.13 2.41 46.36
C ASP C 450 24.46 1.26 45.58
N THR C 451 23.16 1.38 45.27
CA THR C 451 22.38 0.40 44.46
C THR C 451 22.90 0.40 43.02
N LEU C 452 23.05 1.56 42.43
CA LEU C 452 23.56 1.69 41.05
C LEU C 452 24.97 1.10 40.96
N ARG C 453 25.89 1.46 41.87
CA ARG C 453 27.26 0.90 41.83
C ARG C 453 27.23 -0.64 41.98
N ASP C 454 26.45 -1.20 42.90
CA ASP C 454 26.30 -2.68 43.06
C ASP C 454 25.88 -3.28 41.72
N GLY C 455 24.83 -2.70 41.09
CA GLY C 455 24.30 -3.13 39.78
C GLY C 455 25.39 -3.12 38.73
N LEU C 456 26.14 -2.02 38.62
CA LEU C 456 27.18 -1.89 37.59
C LEU C 456 28.33 -2.86 37.86
N GLN C 457 28.70 -3.05 39.13
CA GLN C 457 29.77 -3.98 39.53
C GLN C 457 29.35 -5.40 39.14
N VAL C 458 28.07 -5.73 39.27
CA VAL C 458 27.58 -7.06 38.81
C VAL C 458 27.77 -7.21 37.31
N LEU C 459 27.41 -6.18 36.56
CA LEU C 459 27.52 -6.21 35.08
C LEU C 459 28.99 -6.41 34.69
N VAL C 460 29.89 -5.66 35.29
CA VAL C 460 31.34 -5.73 34.95
C VAL C 460 31.84 -7.13 35.30
N ALA C 461 31.42 -7.66 36.44
CA ALA C 461 31.86 -9.01 36.86
C ALA C 461 31.25 -10.05 35.92
N ALA C 462 30.03 -9.85 35.42
CA ALA C 462 29.40 -10.77 34.44
C ALA C 462 30.21 -10.75 33.12
N LEU C 463 30.63 -9.57 32.69
CA LEU C 463 31.48 -9.44 31.48
C LEU C 463 32.85 -10.12 31.67
N GLU C 464 33.52 -9.91 32.81
CA GLU C 464 34.79 -10.61 33.17
C GLU C 464 34.53 -12.11 33.11
N ARG C 465 33.46 -12.59 33.74
CA ARG C 465 33.18 -14.05 33.85
C ARG C 465 32.87 -14.62 32.46
N GLU C 466 32.04 -13.94 31.66
CA GLU C 466 31.60 -14.45 30.34
C GLU C 466 32.71 -14.34 29.30
N THR C 467 33.76 -13.58 29.57
CA THR C 467 34.92 -13.50 28.63
C THR C 467 36.18 -14.17 29.20
N ALA C 468 36.25 -14.51 30.50
CA ALA C 468 37.53 -14.62 31.25
C ALA C 468 38.37 -15.81 30.77
N LEU D 29 -28.65 1.26 44.94
CA LEU D 29 -27.24 1.75 44.80
C LEU D 29 -27.05 3.05 45.60
N SER D 30 -25.79 3.37 45.90
CA SER D 30 -25.37 4.53 46.74
C SER D 30 -24.47 5.48 45.97
N TYR D 31 -24.85 6.74 45.93
CA TYR D 31 -24.21 7.77 45.10
C TYR D 31 -23.43 8.71 46.00
N ARG D 32 -22.26 9.11 45.53
CA ARG D 32 -21.35 10.04 46.25
C ARG D 32 -21.79 11.49 46.01
N ILE D 33 -22.32 11.77 44.83
CA ILE D 33 -22.74 13.14 44.45
C ILE D 33 -24.25 13.10 44.20
N PRO D 34 -24.93 14.23 44.48
CA PRO D 34 -26.37 14.39 44.20
C PRO D 34 -26.71 14.03 42.75
N GLN D 35 -27.77 13.24 42.55
CA GLN D 35 -28.11 12.62 41.23
C GLN D 35 -29.20 13.41 40.51
N SER D 36 -29.34 14.68 40.84
CA SER D 36 -30.34 15.56 40.20
C SER D 36 -29.65 16.50 39.21
N ARG D 37 -30.27 16.70 38.07
CA ARG D 37 -29.89 17.70 37.05
C ARG D 37 -29.99 19.12 37.63
N THR D 38 -28.99 19.98 37.40
CA THR D 38 -29.04 21.45 37.65
C THR D 38 -28.06 22.13 36.70
N VAL D 39 -28.55 23.05 35.86
CA VAL D 39 -27.69 23.94 35.02
C VAL D 39 -28.17 25.38 35.18
N ALA D 40 -27.20 26.30 35.21
CA ALA D 40 -27.41 27.75 35.15
C ALA D 40 -27.99 28.08 33.79
N GLU D 41 -28.64 29.25 33.67
CA GLU D 41 -29.16 29.81 32.39
C GLU D 41 -28.01 29.95 31.38
N GLN D 42 -26.79 30.29 31.85
CA GLN D 42 -25.60 30.49 30.96
C GLN D 42 -24.58 29.40 31.29
N VAL D 43 -24.28 28.58 30.29
CA VAL D 43 -23.17 27.59 30.30
C VAL D 43 -22.36 27.85 29.04
N PRO D 44 -21.02 27.84 29.06
CA PRO D 44 -20.26 27.45 30.26
C PRO D 44 -20.28 28.52 31.37
N GLY D 45 -20.22 28.08 32.62
CA GLY D 45 -19.91 28.94 33.77
C GLY D 45 -18.48 29.49 33.63
N PRO D 46 -18.05 30.32 34.59
CA PRO D 46 -16.81 31.08 34.41
C PRO D 46 -15.51 30.26 34.56
N LYS D 47 -15.46 29.31 35.49
CA LYS D 47 -14.26 28.44 35.64
C LYS D 47 -14.12 27.62 34.36
N SER D 48 -15.24 27.12 33.81
CA SER D 48 -15.25 26.29 32.58
C SER D 48 -14.87 27.16 31.39
N LYS D 49 -15.27 28.44 31.40
CA LYS D 49 -14.91 29.37 30.31
C LYS D 49 -13.40 29.64 30.37
N ALA D 50 -12.84 29.86 31.55
CA ALA D 50 -11.39 30.09 31.72
C ALA D 50 -10.63 28.84 31.23
N LEU D 51 -11.14 27.66 31.52
CA LEU D 51 -10.51 26.38 31.07
C LEU D 51 -10.61 26.22 29.55
N ASP D 52 -11.71 26.62 28.93
CA ASP D 52 -11.93 26.54 27.47
C ASP D 52 -10.94 27.48 26.78
N GLU D 53 -10.70 28.65 27.34
CA GLU D 53 -9.69 29.60 26.77
C GLU D 53 -8.29 28.95 26.85
N ARG D 54 -7.98 28.31 27.96
CA ARG D 54 -6.69 27.60 28.14
C ARG D 54 -6.61 26.45 27.10
N ARG D 55 -7.71 25.71 26.89
CA ARG D 55 -7.74 24.60 25.90
C ARG D 55 -7.45 25.18 24.52
N GLN D 56 -8.13 26.28 24.15
CA GLN D 56 -7.94 26.85 22.78
C GLN D 56 -6.47 27.25 22.57
N ALA D 57 -5.78 27.72 23.60
CA ALA D 57 -4.37 28.16 23.50
C ALA D 57 -3.43 26.95 23.36
N ALA D 58 -3.76 25.82 23.98
CA ALA D 58 -2.77 24.78 24.30
C ALA D 58 -3.01 23.47 23.53
N VAL D 59 -4.26 23.17 23.15
CA VAL D 59 -4.67 21.83 22.66
C VAL D 59 -5.03 21.97 21.19
N ALA D 60 -4.61 20.99 20.39
CA ALA D 60 -4.87 20.93 18.95
C ALA D 60 -6.37 21.14 18.70
N ARG D 61 -6.62 21.97 17.70
CA ARG D 61 -7.96 22.41 17.23
C ARG D 61 -8.91 21.23 17.00
N ALA D 62 -8.43 20.07 16.54
CA ALA D 62 -9.32 18.91 16.26
C ALA D 62 -10.09 18.48 17.53
N LEU D 63 -9.53 18.70 18.70
CA LEU D 63 -10.10 18.21 19.99
C LEU D 63 -10.96 19.33 20.58
N ALA D 64 -12.08 19.62 19.92
CA ALA D 64 -13.12 20.58 20.34
C ALA D 64 -14.18 19.82 21.14
N PRO D 65 -14.13 19.87 22.48
CA PRO D 65 -15.07 19.12 23.31
C PRO D 65 -16.50 19.66 23.19
N GLY D 66 -17.48 18.78 23.32
CA GLY D 66 -18.92 19.07 23.21
C GLY D 66 -19.52 19.58 24.51
N LEU D 67 -19.17 19.03 25.67
CA LEU D 67 -19.81 19.45 26.95
C LEU D 67 -19.38 20.88 27.28
N PRO D 68 -20.35 21.82 27.50
CA PRO D 68 -20.05 23.19 27.93
C PRO D 68 -19.71 23.27 29.43
N GLY D 69 -18.86 22.38 29.91
CA GLY D 69 -18.42 22.39 31.30
C GLY D 69 -17.18 21.53 31.46
N TYR D 70 -16.29 21.94 32.35
CA TYR D 70 -15.08 21.16 32.74
C TYR D 70 -15.46 20.26 33.91
N VAL D 71 -15.21 18.96 33.75
CA VAL D 71 -15.69 17.90 34.70
C VAL D 71 -14.80 17.89 35.96
N VAL D 72 -15.40 17.88 37.15
CA VAL D 72 -14.65 17.71 38.43
C VAL D 72 -15.08 16.39 39.10
N ASP D 73 -16.28 15.89 38.78
CA ASP D 73 -16.79 14.58 39.28
C ASP D 73 -17.67 13.92 38.22
N ALA D 74 -17.54 12.60 38.13
CA ALA D 74 -18.42 11.70 37.36
C ALA D 74 -18.79 10.54 38.27
N ASP D 75 -20.07 10.44 38.61
CA ASP D 75 -20.57 9.47 39.61
C ASP D 75 -22.04 9.18 39.29
N GLY D 76 -22.38 7.90 39.26
CA GLY D 76 -23.73 7.42 38.97
C GLY D 76 -24.09 7.83 37.56
N GLY D 77 -25.09 8.70 37.41
CA GLY D 77 -25.52 9.19 36.11
C GLY D 77 -25.26 10.67 35.97
N ILE D 78 -24.27 11.20 36.68
CA ILE D 78 -24.08 12.67 36.72
C ILE D 78 -22.63 13.00 36.31
N LEU D 79 -22.49 14.05 35.51
CA LEU D 79 -21.22 14.80 35.37
C LEU D 79 -21.36 16.14 36.08
N ALA D 80 -20.58 16.37 37.11
CA ALA D 80 -20.51 17.64 37.86
C ALA D 80 -19.37 18.49 37.30
N ASP D 81 -19.63 19.75 36.96
CA ASP D 81 -18.61 20.59 36.32
C ASP D 81 -18.03 21.54 37.37
N ALA D 82 -17.00 22.30 36.99
CA ALA D 82 -16.18 23.13 37.89
C ALA D 82 -17.04 24.28 38.46
N ASP D 83 -18.18 24.59 37.82
CA ASP D 83 -19.04 25.76 38.14
C ASP D 83 -20.28 25.36 38.93
N GLY D 84 -20.38 24.10 39.37
CA GLY D 84 -21.51 23.56 40.15
C GLY D 84 -22.62 23.00 39.28
N ASN D 85 -22.52 22.99 37.96
CA ASN D 85 -23.61 22.41 37.13
C ASN D 85 -23.57 20.89 37.25
N ARG D 86 -24.72 20.24 37.10
CA ARG D 86 -24.84 18.76 37.19
C ARG D 86 -25.58 18.28 35.94
N PHE D 87 -24.84 17.71 34.96
CA PHE D 87 -25.41 17.22 33.68
C PHE D 87 -25.75 15.75 33.86
N ILE D 88 -26.90 15.35 33.34
CA ILE D 88 -27.25 13.92 33.26
C ILE D 88 -26.37 13.28 32.17
N ASP D 89 -25.72 12.18 32.51
CA ASP D 89 -24.72 11.46 31.67
C ASP D 89 -25.45 10.34 30.93
N LEU D 90 -25.80 10.59 29.67
CA LEU D 90 -26.31 9.53 28.76
C LEU D 90 -25.19 9.14 27.78
N ALA D 91 -23.91 9.42 28.11
CA ALA D 91 -22.72 9.18 27.26
C ALA D 91 -21.84 8.05 27.82
N SER D 92 -21.65 8.00 29.13
CA SER D 92 -20.63 7.19 29.85
C SER D 92 -19.27 7.25 29.12
N GLY D 93 -18.83 8.43 28.70
CA GLY D 93 -17.50 8.61 28.09
C GLY D 93 -17.35 7.78 26.82
N ILE D 94 -18.45 7.67 26.05
CA ILE D 94 -18.67 6.79 24.88
C ILE D 94 -18.60 5.32 25.33
N ALA D 95 -19.47 4.87 26.24
CA ALA D 95 -19.68 3.43 26.55
C ALA D 95 -18.50 2.86 27.38
N VAL D 96 -17.79 3.72 28.08
CA VAL D 96 -16.60 3.31 28.87
C VAL D 96 -17.00 3.14 30.34
N THR D 97 -17.62 4.13 30.94
CA THR D 97 -17.86 4.14 32.41
C THR D 97 -19.18 3.43 32.75
N THR D 98 -19.29 2.23 32.24
CA THR D 98 -20.37 1.24 32.49
C THR D 98 -20.64 1.10 34.00
N VAL D 99 -19.60 0.96 34.84
CA VAL D 99 -19.75 0.76 36.32
C VAL D 99 -19.85 2.11 37.05
N GLY D 100 -20.02 3.22 36.31
CA GLY D 100 -19.92 4.58 36.85
C GLY D 100 -18.54 5.19 36.64
N GLY D 101 -18.47 6.52 36.68
CA GLY D 101 -17.26 7.32 36.42
C GLY D 101 -16.22 7.28 37.56
N SER D 102 -16.59 6.86 38.77
CA SER D 102 -15.67 6.89 39.93
C SER D 102 -16.11 5.81 40.91
N ASN D 103 -16.35 4.62 40.39
CA ASN D 103 -16.84 3.49 41.20
C ASN D 103 -15.87 3.34 42.39
N ALA D 104 -16.41 3.13 43.59
CA ALA D 104 -15.57 3.08 44.82
C ALA D 104 -14.62 1.89 44.78
N ALA D 105 -15.04 0.66 44.40
CA ALA D 105 -14.17 -0.52 44.34
C ALA D 105 -13.06 -0.29 43.29
N VAL D 106 -13.40 0.31 42.16
CA VAL D 106 -12.40 0.63 41.09
C VAL D 106 -11.40 1.65 41.62
N ALA D 107 -11.85 2.75 42.20
CA ALA D 107 -10.99 3.82 42.73
C ALA D 107 -10.03 3.28 43.81
N LYS D 108 -10.50 2.40 44.69
CA LYS D 108 -9.67 1.82 45.78
C LYS D 108 -8.59 0.89 45.19
N ALA D 109 -8.97 0.06 44.23
CA ALA D 109 -8.10 -0.88 43.49
C ALA D 109 -6.99 -0.07 42.78
N VAL D 110 -7.37 1.03 42.14
CA VAL D 110 -6.41 1.89 41.41
C VAL D 110 -5.44 2.53 42.41
N GLY D 111 -5.92 3.17 43.49
CA GLY D 111 -5.04 3.73 44.53
C GLY D 111 -4.08 2.70 45.10
N ALA D 112 -4.57 1.53 45.46
CA ALA D 112 -3.75 0.49 46.15
C ALA D 112 -2.64 0.02 45.19
N ALA D 113 -2.96 -0.17 43.92
CA ALA D 113 -2.01 -0.72 42.91
C ALA D 113 -0.90 0.29 42.63
N ALA D 114 -1.23 1.57 42.43
CA ALA D 114 -0.27 2.64 42.11
C ALA D 114 0.76 2.78 43.23
N ALA D 115 0.33 2.54 44.47
CA ALA D 115 1.16 2.69 45.67
C ALA D 115 2.18 1.53 45.75
N ARG D 116 1.97 0.39 45.07
CA ARG D 116 2.91 -0.75 45.02
C ARG D 116 3.80 -0.61 43.78
N PHE D 117 3.18 -0.43 42.60
CA PHE D 117 3.90 -0.16 41.33
C PHE D 117 2.89 0.23 40.25
N THR D 118 3.27 1.22 39.45
CA THR D 118 2.45 1.76 38.33
C THR D 118 2.64 0.92 37.06
N HIS D 119 3.82 0.33 36.86
CA HIS D 119 4.29 -0.20 35.53
C HIS D 119 5.58 -0.97 35.74
N THR D 120 5.73 -2.09 35.03
CA THR D 120 7.05 -2.76 34.86
C THR D 120 7.34 -3.13 33.42
N CYS D 121 6.36 -3.04 32.51
CA CYS D 121 6.32 -3.70 31.19
C CYS D 121 6.26 -5.22 31.34
N PHE D 122 5.06 -5.79 31.17
CA PHE D 122 4.80 -7.21 31.43
C PHE D 122 5.85 -8.08 30.73
N MET D 123 6.15 -7.81 29.47
CA MET D 123 7.12 -8.67 28.74
C MET D 123 8.55 -8.51 29.27
N VAL D 124 8.85 -7.54 30.11
CA VAL D 124 10.16 -7.48 30.79
C VAL D 124 10.02 -8.15 32.15
N SER D 125 9.16 -7.63 33.02
CA SER D 125 8.97 -8.10 34.41
C SER D 125 7.48 -8.35 34.61
N PRO D 126 7.04 -9.62 34.82
CA PRO D 126 5.63 -9.94 34.85
C PRO D 126 5.05 -9.65 36.23
N TYR D 127 3.72 -9.66 36.31
CA TYR D 127 2.98 -9.36 37.56
C TYR D 127 1.63 -10.07 37.48
N GLU D 128 1.07 -10.40 38.63
CA GLU D 128 -0.10 -11.27 38.72
C GLU D 128 -1.35 -10.66 38.06
N THR D 129 -1.62 -9.35 38.17
CA THR D 129 -2.90 -8.78 37.72
C THR D 129 -3.04 -8.90 36.20
N TYR D 130 -1.95 -8.88 35.45
CA TYR D 130 -1.99 -9.11 33.97
C TYR D 130 -2.50 -10.54 33.73
N VAL D 131 -1.89 -11.50 34.41
CA VAL D 131 -2.26 -12.93 34.30
C VAL D 131 -3.72 -13.09 34.73
N ALA D 132 -4.13 -12.47 35.84
CA ALA D 132 -5.50 -12.60 36.37
C ALA D 132 -6.52 -12.03 35.38
N MET D 133 -6.21 -10.92 34.71
CA MET D 133 -7.11 -10.36 33.68
C MET D 133 -7.19 -11.27 32.44
N ALA D 134 -6.09 -11.87 32.02
CA ALA D 134 -6.10 -12.85 30.89
C ALA D 134 -7.03 -14.01 31.27
N GLU D 135 -6.95 -14.51 32.49
CA GLU D 135 -7.79 -15.65 32.97
C GLU D 135 -9.26 -15.21 32.94
N ARG D 136 -9.55 -14.01 33.43
CA ARG D 136 -10.91 -13.45 33.49
C ARG D 136 -11.51 -13.39 32.08
N LEU D 137 -10.76 -12.82 31.14
CA LEU D 137 -11.22 -12.69 29.74
C LEU D 137 -11.40 -14.07 29.10
N ASN D 138 -10.45 -14.98 29.30
CA ASN D 138 -10.55 -16.34 28.73
C ASN D 138 -11.87 -16.96 29.21
N ALA D 139 -12.25 -16.74 30.48
CA ALA D 139 -13.46 -17.33 31.10
C ALA D 139 -14.74 -16.60 30.66
N LEU D 140 -14.74 -15.28 30.47
CA LEU D 140 -16.00 -14.52 30.29
C LEU D 140 -16.44 -14.52 28.82
N THR D 141 -15.50 -14.68 27.90
CA THR D 141 -15.74 -14.53 26.44
C THR D 141 -16.46 -15.78 25.93
N PRO D 142 -17.17 -15.68 24.77
CA PRO D 142 -17.94 -16.80 24.24
C PRO D 142 -17.12 -18.06 23.97
N GLY D 143 -17.76 -19.22 24.15
CA GLY D 143 -17.20 -20.53 23.81
C GLY D 143 -16.49 -21.17 24.98
N ASP D 144 -16.36 -22.51 24.92
CA ASP D 144 -15.72 -23.39 25.94
C ASP D 144 -14.36 -23.85 25.47
N HIS D 145 -13.95 -23.50 24.24
CA HIS D 145 -12.65 -23.91 23.65
C HIS D 145 -11.50 -23.25 24.43
N ASP D 146 -10.28 -23.76 24.28
CA ASP D 146 -9.05 -23.21 24.90
C ASP D 146 -8.78 -21.81 24.31
N LYS D 147 -8.55 -20.83 25.17
CA LYS D 147 -8.38 -19.41 24.74
C LYS D 147 -7.14 -18.87 25.43
N LYS D 148 -6.54 -17.85 24.82
CA LYS D 148 -5.44 -17.10 25.45
C LYS D 148 -5.70 -15.63 25.17
N SER D 149 -5.10 -14.73 25.93
CA SER D 149 -5.35 -13.27 25.78
C SER D 149 -4.00 -12.55 25.74
N ALA D 150 -4.06 -11.32 25.23
CA ALA D 150 -2.94 -10.34 25.21
C ALA D 150 -3.59 -8.98 25.49
N LEU D 151 -2.96 -8.19 26.34
CA LEU D 151 -3.54 -6.91 26.85
C LEU D 151 -2.81 -5.72 26.21
N PHE D 152 -3.54 -4.70 25.78
CA PHE D 152 -2.95 -3.47 25.21
C PHE D 152 -3.60 -2.28 25.89
N ASN D 153 -3.49 -1.09 25.29
CA ASN D 153 -3.97 0.15 25.93
C ASN D 153 -5.26 0.59 25.27
N SER D 154 -5.28 0.82 23.97
CA SER D 154 -6.46 1.37 23.27
C SER D 154 -7.22 0.29 22.50
N GLY D 155 -8.48 0.58 22.15
CA GLY D 155 -9.28 -0.24 21.23
C GLY D 155 -8.58 -0.40 19.89
N ALA D 156 -8.00 0.67 19.31
CA ALA D 156 -7.32 0.57 18.01
C ALA D 156 -6.15 -0.43 18.10
N GLU D 157 -5.33 -0.39 19.14
CA GLU D 157 -4.23 -1.37 19.35
C GLU D 157 -4.77 -2.80 19.40
N ALA D 158 -5.90 -3.01 20.08
CA ALA D 158 -6.55 -4.35 20.15
C ALA D 158 -6.93 -4.83 18.74
N VAL D 159 -7.59 -3.98 17.95
CA VAL D 159 -7.97 -4.33 16.55
C VAL D 159 -6.70 -4.64 15.75
N GLU D 160 -5.66 -3.80 15.88
CA GLU D 160 -4.38 -4.00 15.16
C GLU D 160 -3.79 -5.35 15.55
N ASN D 161 -3.83 -5.73 16.84
CA ASN D 161 -3.22 -7.02 17.26
C ASN D 161 -4.11 -8.19 16.85
N ALA D 162 -5.42 -8.02 16.80
CA ALA D 162 -6.35 -9.06 16.29
C ALA D 162 -6.01 -9.39 14.85
N VAL D 163 -5.79 -8.37 14.03
CA VAL D 163 -5.36 -8.53 12.62
C VAL D 163 -4.02 -9.26 12.58
N LYS D 164 -3.08 -8.88 13.45
CA LYS D 164 -1.72 -9.47 13.48
C LYS D 164 -1.81 -10.95 13.80
N VAL D 165 -2.59 -11.35 14.80
CA VAL D 165 -2.66 -12.81 15.13
C VAL D 165 -3.34 -13.56 13.99
N ALA D 166 -4.37 -12.99 13.36
CA ALA D 166 -5.10 -13.57 12.20
C ALA D 166 -4.15 -13.76 11.01
N ARG D 167 -3.32 -12.77 10.69
CA ARG D 167 -2.28 -12.91 9.64
C ARG D 167 -1.21 -13.95 10.03
N ALA D 168 -0.64 -13.91 11.24
CA ALA D 168 0.39 -14.86 11.68
C ALA D 168 -0.17 -16.30 11.56
N TYR D 169 -1.39 -16.52 12.02
CA TYR D 169 -2.00 -17.87 12.11
C TYR D 169 -2.31 -18.40 10.71
N THR D 170 -2.95 -17.60 9.86
CA THR D 170 -3.43 -18.01 8.51
C THR D 170 -2.30 -17.97 7.47
N GLY D 171 -1.30 -17.12 7.65
CA GLY D 171 -0.33 -16.81 6.61
C GLY D 171 -0.97 -16.12 5.42
N LYS D 172 -2.18 -15.59 5.57
CA LYS D 172 -2.91 -14.81 4.53
C LYS D 172 -3.01 -13.34 4.98
N GLY D 173 -3.26 -12.45 4.01
CA GLY D 173 -3.01 -11.01 4.13
C GLY D 173 -4.27 -10.19 4.26
N ALA D 174 -5.33 -10.46 3.48
CA ALA D 174 -6.45 -9.50 3.34
C ALA D 174 -7.31 -9.47 4.60
N VAL D 175 -7.95 -8.33 4.82
CA VAL D 175 -8.87 -7.99 5.93
C VAL D 175 -10.18 -7.60 5.28
N VAL D 176 -11.28 -8.28 5.63
CA VAL D 176 -12.63 -7.82 5.26
C VAL D 176 -13.28 -7.09 6.43
N VAL D 177 -13.82 -5.93 6.11
CA VAL D 177 -14.65 -5.07 6.99
C VAL D 177 -15.94 -4.78 6.24
N PHE D 178 -16.84 -4.09 6.91
CA PHE D 178 -18.22 -3.81 6.45
C PHE D 178 -18.49 -2.32 6.29
N ASP D 179 -19.49 -2.00 5.46
CA ASP D 179 -20.12 -0.66 5.40
C ASP D 179 -20.48 -0.22 6.82
N ASN D 180 -20.30 1.08 7.10
CA ASN D 180 -20.68 1.76 8.37
C ASN D 180 -19.73 1.38 9.52
N ALA D 181 -18.74 0.52 9.30
CA ALA D 181 -17.75 0.06 10.31
C ALA D 181 -16.96 1.23 10.92
N TYR D 182 -16.62 1.09 12.20
CA TYR D 182 -15.65 2.01 12.83
C TYR D 182 -14.73 1.17 13.70
N HIS D 183 -13.43 1.28 13.47
CA HIS D 183 -12.40 0.43 14.14
C HIS D 183 -11.21 1.23 14.72
N GLY D 184 -11.15 2.55 14.57
CA GLY D 184 -10.06 3.30 15.23
C GLY D 184 -9.39 4.30 14.31
N ARG D 185 -8.35 4.97 14.82
CA ARG D 185 -7.72 6.16 14.19
C ARG D 185 -6.24 5.95 13.85
N THR D 186 -5.72 4.72 13.91
CA THR D 186 -4.38 4.36 13.39
C THR D 186 -4.52 4.11 11.88
N ASN D 187 -3.38 4.05 11.18
CA ASN D 187 -3.33 3.88 9.71
C ASN D 187 -4.21 2.67 9.32
N LEU D 188 -3.97 1.50 9.89
CA LEU D 188 -4.75 0.28 9.51
C LEU D 188 -6.21 0.47 9.94
N THR D 189 -6.47 0.97 11.17
CA THR D 189 -7.86 1.00 11.67
C THR D 189 -8.64 2.08 10.95
N MET D 190 -7.99 3.11 10.42
CA MET D 190 -8.67 4.13 9.57
C MET D 190 -9.08 3.44 8.26
N ALA D 191 -8.19 2.65 7.66
CA ALA D 191 -8.43 1.87 6.43
C ALA D 191 -9.68 1.03 6.68
N MET D 192 -9.75 0.45 7.87
CA MET D 192 -10.84 -0.50 8.24
C MET D 192 -12.16 0.26 8.51
N THR D 193 -12.06 1.52 8.94
CA THR D 193 -13.20 2.43 9.21
C THR D 193 -13.83 2.86 7.87
N ALA D 194 -15.15 2.88 7.77
CA ALA D 194 -15.87 3.21 6.50
C ALA D 194 -15.83 4.72 6.26
N LYS D 195 -16.12 5.56 7.26
CA LYS D 195 -16.48 6.99 7.00
C LYS D 195 -15.23 7.89 6.83
N ASN D 196 -15.20 8.64 5.75
CA ASN D 196 -14.04 9.48 5.36
C ASN D 196 -13.89 10.67 6.31
N ARG D 197 -15.00 11.38 6.59
CA ARG D 197 -15.05 12.67 7.35
C ARG D 197 -15.58 12.36 8.74
N PRO D 198 -14.83 12.67 9.83
CA PRO D 198 -13.50 13.29 9.78
C PRO D 198 -12.35 12.30 9.98
N TYR D 199 -12.65 11.00 9.98
CA TYR D 199 -11.74 9.98 10.55
C TYR D 199 -10.56 9.70 9.64
N LYS D 200 -10.69 9.87 8.33
CA LYS D 200 -9.70 9.33 7.35
C LYS D 200 -9.10 10.46 6.50
N SER D 201 -9.89 11.51 6.28
CA SER D 201 -9.58 12.47 5.19
C SER D 201 -8.20 13.11 5.43
N GLY D 202 -7.34 13.07 4.41
CA GLY D 202 -6.03 13.73 4.40
C GLY D 202 -4.94 12.94 5.13
N PHE D 203 -5.21 11.72 5.63
CA PHE D 203 -4.24 10.98 6.48
C PHE D 203 -3.59 9.80 5.73
N GLY D 204 -3.97 9.57 4.48
CA GLY D 204 -3.41 8.49 3.67
C GLY D 204 -2.03 8.82 3.11
N PRO D 205 -1.41 7.85 2.41
CA PRO D 205 -2.10 6.60 2.06
C PRO D 205 -2.22 5.59 3.20
N LEU D 206 -3.33 4.87 3.19
CA LEU D 206 -3.65 3.88 4.24
C LEU D 206 -3.26 2.46 3.81
N ALA D 207 -3.00 1.62 4.80
CA ALA D 207 -2.69 0.17 4.66
C ALA D 207 -3.63 -0.45 3.62
N ALA D 208 -3.06 -1.27 2.75
CA ALA D 208 -3.72 -1.96 1.62
C ALA D 208 -4.31 -3.30 2.07
N ASP D 209 -4.94 -4.02 1.13
CA ASP D 209 -5.43 -5.42 1.32
C ASP D 209 -6.58 -5.38 2.35
N VAL D 210 -7.26 -4.25 2.46
CA VAL D 210 -8.53 -4.09 3.22
C VAL D 210 -9.66 -3.99 2.19
N TYR D 211 -10.66 -4.87 2.30
CA TYR D 211 -11.84 -4.93 1.40
C TYR D 211 -13.10 -4.74 2.24
N ARG D 212 -14.09 -4.05 1.69
CA ARG D 212 -15.35 -3.73 2.39
C ARG D 212 -16.51 -4.52 1.74
N ALA D 213 -17.31 -5.17 2.57
CA ALA D 213 -18.54 -5.89 2.17
C ALA D 213 -19.75 -5.13 2.68
N PRO D 214 -20.91 -5.22 2.00
CA PRO D 214 -22.12 -4.57 2.47
C PRO D 214 -22.61 -5.16 3.79
N MET D 215 -23.24 -4.31 4.59
CA MET D 215 -23.74 -4.57 5.97
C MET D 215 -25.25 -4.85 5.95
N SER D 216 -25.72 -5.56 6.96
CA SER D 216 -27.16 -5.76 7.25
C SER D 216 -27.63 -4.50 7.99
N TYR D 217 -28.40 -3.67 7.29
CA TYR D 217 -28.96 -2.40 7.78
C TYR D 217 -30.44 -2.39 7.41
N PRO D 218 -31.25 -3.21 8.12
CA PRO D 218 -32.60 -3.59 7.68
C PRO D 218 -33.50 -2.39 7.39
N LEU D 219 -33.43 -1.38 8.24
CA LEU D 219 -34.16 -0.12 8.01
C LEU D 219 -33.93 0.39 6.58
N ARG D 220 -32.70 0.28 6.07
CA ARG D 220 -32.28 0.94 4.81
C ARG D 220 -32.41 -0.04 3.64
N ASP D 221 -32.01 -1.30 3.83
CA ASP D 221 -31.92 -2.29 2.72
C ASP D 221 -33.19 -3.16 2.68
N GLY D 222 -34.10 -3.02 3.65
CA GLY D 222 -35.28 -3.91 3.77
C GLY D 222 -34.91 -5.39 3.59
N LEU D 223 -33.66 -5.77 3.76
CA LEU D 223 -33.22 -7.18 3.55
C LEU D 223 -33.35 -7.95 4.85
N SER D 224 -33.53 -9.27 4.70
CA SER D 224 -33.55 -10.28 5.80
C SER D 224 -32.11 -10.55 6.23
N GLY D 225 -31.95 -11.13 7.42
CA GLY D 225 -30.67 -11.65 7.92
C GLY D 225 -29.95 -12.52 6.88
N PRO D 226 -30.53 -13.69 6.54
CA PRO D 226 -29.96 -14.58 5.53
C PRO D 226 -29.58 -13.94 4.18
N GLU D 227 -30.46 -13.10 3.61
CA GLU D 227 -30.27 -12.44 2.30
C GLU D 227 -28.99 -11.59 2.42
N ALA D 228 -28.97 -10.71 3.44
CA ALA D 228 -27.86 -9.75 3.71
C ALA D 228 -26.55 -10.51 3.76
N ALA D 229 -26.50 -11.67 4.42
CA ALA D 229 -25.28 -12.48 4.55
C ALA D 229 -24.86 -13.05 3.19
N GLU D 230 -25.81 -13.58 2.45
CA GLU D 230 -25.51 -14.11 1.08
C GLU D 230 -24.92 -12.95 0.24
N ARG D 231 -25.48 -11.76 0.33
CA ARG D 231 -25.08 -10.54 -0.41
C ARG D 231 -23.61 -10.19 -0.05
N ALA D 232 -23.31 -10.10 1.25
CA ALA D 232 -21.94 -9.88 1.77
C ALA D 232 -21.00 -10.99 1.29
N ILE D 233 -21.39 -12.26 1.39
CA ILE D 233 -20.50 -13.40 1.05
C ILE D 233 -20.20 -13.42 -0.47
N SER D 234 -21.20 -13.12 -1.30
CA SER D 234 -21.03 -12.98 -2.77
C SER D 234 -19.92 -11.97 -3.12
N VAL D 235 -19.94 -10.81 -2.47
CA VAL D 235 -18.86 -9.79 -2.66
C VAL D 235 -17.50 -10.36 -2.25
N ILE D 236 -17.39 -11.00 -1.09
CA ILE D 236 -16.11 -11.46 -0.53
C ILE D 236 -15.52 -12.56 -1.44
N GLU D 237 -16.34 -13.51 -1.85
CA GLU D 237 -15.89 -14.62 -2.74
C GLU D 237 -15.40 -14.08 -4.09
N SER D 238 -16.11 -13.13 -4.65
CA SER D 238 -15.93 -12.64 -6.03
C SER D 238 -14.72 -11.69 -6.07
N GLN D 239 -14.67 -10.77 -5.13
CA GLN D 239 -13.67 -9.65 -5.14
C GLN D 239 -12.42 -10.02 -4.32
N VAL D 240 -12.53 -10.86 -3.29
CA VAL D 240 -11.38 -11.04 -2.36
C VAL D 240 -10.85 -12.47 -2.52
N GLY D 241 -11.70 -13.46 -2.33
CA GLY D 241 -11.24 -14.86 -2.34
C GLY D 241 -10.69 -15.29 -0.99
N ALA D 242 -11.25 -16.37 -0.44
CA ALA D 242 -10.85 -16.96 0.86
C ALA D 242 -9.34 -17.26 0.90
N GLU D 243 -8.76 -17.73 -0.20
CA GLU D 243 -7.34 -18.12 -0.27
C GLU D 243 -6.44 -16.90 0.00
N ASN D 244 -6.98 -15.66 -0.07
CA ASN D 244 -6.20 -14.41 0.15
C ASN D 244 -6.54 -13.75 1.50
N LEU D 245 -7.56 -14.26 2.21
CA LEU D 245 -8.26 -13.55 3.31
C LEU D 245 -7.80 -14.08 4.67
N ALA D 246 -7.16 -13.25 5.49
CA ALA D 246 -6.76 -13.60 6.88
C ALA D 246 -8.00 -13.59 7.78
N CYS D 247 -8.82 -12.55 7.70
CA CYS D 247 -9.89 -12.29 8.69
C CYS D 247 -11.03 -11.44 8.15
N VAL D 248 -12.21 -11.70 8.70
CA VAL D 248 -13.45 -10.89 8.64
C VAL D 248 -13.61 -10.25 10.03
N VAL D 249 -13.78 -8.93 10.08
CA VAL D 249 -13.87 -8.13 11.34
C VAL D 249 -15.20 -7.39 11.31
N ILE D 250 -16.04 -7.56 12.34
CA ILE D 250 -17.35 -6.87 12.36
C ILE D 250 -17.71 -6.57 13.80
N GLU D 251 -18.36 -5.44 13.98
CA GLU D 251 -19.02 -5.04 15.24
C GLU D 251 -20.38 -5.74 15.31
N PRO D 252 -20.68 -6.54 16.35
CA PRO D 252 -21.98 -7.22 16.43
C PRO D 252 -23.14 -6.22 16.42
N ILE D 253 -22.89 -5.03 16.97
CA ILE D 253 -23.72 -3.80 16.79
C ILE D 253 -22.75 -2.69 16.41
N GLN D 254 -23.06 -1.97 15.32
CA GLN D 254 -22.11 -0.98 14.76
C GLN D 254 -22.35 0.31 15.51
N GLY D 255 -21.31 0.76 16.22
CA GLY D 255 -21.38 1.90 17.15
C GLY D 255 -21.39 3.23 16.44
N GLU D 256 -20.22 3.73 16.04
CA GLU D 256 -20.11 5.09 15.45
C GLU D 256 -20.96 5.16 14.18
N GLY D 257 -21.13 4.05 13.47
CA GLY D 257 -21.91 3.97 12.23
C GLY D 257 -23.41 4.23 12.43
N GLY D 258 -23.95 4.14 13.66
CA GLY D 258 -25.35 4.54 13.94
C GLY D 258 -26.12 3.54 14.82
N PHE D 259 -25.40 2.71 15.60
CA PHE D 259 -25.98 1.62 16.42
C PHE D 259 -26.82 0.75 15.48
N ILE D 260 -26.19 0.30 14.41
CA ILE D 260 -26.83 -0.56 13.38
C ILE D 260 -26.80 -1.97 13.93
N VAL D 261 -27.97 -2.51 14.21
CA VAL D 261 -28.10 -3.93 14.61
C VAL D 261 -28.43 -4.73 13.36
N PRO D 262 -27.58 -5.70 13.00
CA PRO D 262 -27.78 -6.48 11.79
C PRO D 262 -29.05 -7.31 11.97
N ALA D 263 -29.70 -7.68 10.87
CA ALA D 263 -30.92 -8.51 10.94
C ALA D 263 -30.53 -9.84 11.58
N PRO D 264 -31.42 -10.44 12.40
CA PRO D 264 -31.14 -11.75 12.97
C PRO D 264 -30.69 -12.75 11.90
N GLY D 265 -29.68 -13.56 12.20
CA GLY D 265 -29.09 -14.58 11.33
C GLY D 265 -27.89 -14.09 10.52
N PHE D 266 -27.73 -12.78 10.33
CA PHE D 266 -26.58 -12.21 9.57
C PHE D 266 -25.25 -12.70 10.15
N LEU D 267 -25.00 -12.48 11.43
CA LEU D 267 -23.66 -12.73 12.04
C LEU D 267 -23.36 -14.22 12.04
N ALA D 268 -24.36 -15.04 12.36
CA ALA D 268 -24.23 -16.51 12.43
C ALA D 268 -23.67 -16.99 11.08
N ALA D 269 -24.27 -16.54 9.99
CA ALA D 269 -23.96 -16.96 8.61
C ALA D 269 -22.55 -16.49 8.23
N ILE D 270 -22.19 -15.27 8.60
CA ILE D 270 -20.81 -14.82 8.31
C ILE D 270 -19.84 -15.68 9.12
N SER D 271 -20.18 -15.97 10.39
CA SER D 271 -19.34 -16.84 11.24
C SER D 271 -19.23 -18.23 10.61
N THR D 272 -20.34 -18.77 10.10
CA THR D 272 -20.34 -20.10 9.45
C THR D 272 -19.41 -20.07 8.22
N TRP D 273 -19.56 -19.06 7.36
CA TRP D 273 -18.72 -18.94 6.13
C TRP D 273 -17.24 -18.94 6.53
N CYS D 274 -16.83 -18.12 7.51
CA CYS D 274 -15.39 -18.05 7.93
C CYS D 274 -14.89 -19.40 8.40
N ARG D 275 -15.67 -20.15 9.19
CA ARG D 275 -15.21 -21.49 9.65
C ARG D 275 -15.03 -22.44 8.44
N GLU D 276 -15.93 -22.40 7.46
CA GLU D 276 -15.84 -23.28 6.26
C GLU D 276 -14.66 -22.86 5.37
N ASN D 277 -14.15 -21.63 5.47
CA ASN D 277 -13.23 -21.07 4.46
C ASN D 277 -11.85 -20.79 5.08
N ASP D 278 -11.58 -21.31 6.29
CA ASP D 278 -10.29 -21.10 7.02
C ASP D 278 -9.98 -19.61 7.13
N VAL D 279 -10.97 -18.80 7.49
CA VAL D 279 -10.86 -17.33 7.71
C VAL D 279 -11.20 -17.08 9.17
N VAL D 280 -10.43 -16.21 9.81
CA VAL D 280 -10.63 -15.87 11.25
C VAL D 280 -11.79 -14.88 11.36
N PHE D 281 -12.82 -15.21 12.14
CA PHE D 281 -13.96 -14.33 12.42
C PHE D 281 -13.59 -13.54 13.69
N ILE D 282 -13.31 -12.27 13.50
CA ILE D 282 -12.99 -11.32 14.59
C ILE D 282 -14.22 -10.49 14.88
N ALA D 283 -14.75 -10.59 16.12
CA ALA D 283 -15.84 -9.76 16.64
C ALA D 283 -15.21 -8.56 17.35
N ASP D 284 -15.45 -7.35 16.86
CA ASP D 284 -14.98 -6.12 17.53
C ASP D 284 -16.02 -5.76 18.61
N GLU D 285 -15.79 -6.16 19.86
CA GLU D 285 -16.78 -5.91 20.96
C GLU D 285 -16.26 -4.78 21.85
N ILE D 286 -15.55 -3.83 21.24
CA ILE D 286 -14.97 -2.71 22.03
C ILE D 286 -16.10 -1.85 22.60
N GLN D 287 -17.15 -1.55 21.84
CA GLN D 287 -18.26 -0.70 22.32
C GLN D 287 -19.37 -1.59 22.90
N SER D 288 -19.59 -2.75 22.31
CA SER D 288 -20.79 -3.59 22.55
C SER D 288 -20.55 -4.53 23.74
N GLY D 289 -19.29 -4.69 24.19
CA GLY D 289 -18.93 -5.73 25.19
C GLY D 289 -19.16 -5.31 26.64
N PHE D 290 -18.98 -6.25 27.57
CA PHE D 290 -19.04 -6.03 29.05
C PHE D 290 -20.40 -5.42 29.41
N LEU D 291 -21.47 -6.13 29.03
CA LEU D 291 -22.85 -5.97 29.56
C LEU D 291 -23.60 -4.77 28.96
N ARG D 292 -22.95 -3.99 28.10
CA ARG D 292 -23.52 -2.77 27.50
C ARG D 292 -24.91 -3.09 26.88
N THR D 293 -25.09 -4.27 26.27
CA THR D 293 -26.28 -4.62 25.47
C THR D 293 -27.24 -5.52 26.28
N GLY D 294 -26.86 -5.88 27.50
CA GLY D 294 -27.65 -6.71 28.44
C GLY D 294 -27.29 -8.17 28.34
N ASP D 295 -26.25 -8.48 27.56
CA ASP D 295 -25.48 -9.74 27.62
C ASP D 295 -24.02 -9.35 27.89
N TRP D 296 -23.20 -10.28 28.38
CA TRP D 296 -21.75 -10.08 28.57
C TRP D 296 -21.14 -9.59 27.26
N PHE D 297 -21.41 -10.28 26.13
CA PHE D 297 -20.95 -9.90 24.78
C PHE D 297 -22.18 -9.87 23.86
N ALA D 298 -22.26 -8.87 22.99
CA ALA D 298 -23.40 -8.72 22.04
C ALA D 298 -23.50 -9.96 21.16
N SER D 299 -22.39 -10.67 20.92
CA SER D 299 -22.30 -11.94 20.15
C SER D 299 -23.27 -12.97 20.77
N ASP D 300 -23.50 -12.87 22.07
CA ASP D 300 -24.27 -13.87 22.88
C ASP D 300 -25.72 -13.91 22.39
N ALA D 301 -26.28 -12.75 22.05
CA ALA D 301 -27.68 -12.59 21.62
C ALA D 301 -27.95 -13.45 20.38
N GLU D 302 -26.91 -13.96 19.67
CA GLU D 302 -27.07 -14.85 18.51
C GLU D 302 -26.24 -16.13 18.63
N GLY D 303 -25.76 -16.48 19.83
CA GLY D 303 -24.94 -17.68 20.04
C GLY D 303 -23.71 -17.70 19.14
N VAL D 304 -23.34 -16.59 18.50
CA VAL D 304 -22.05 -16.50 17.74
C VAL D 304 -20.89 -16.69 18.72
N ILE D 305 -19.98 -17.59 18.39
CA ILE D 305 -18.70 -17.79 19.08
C ILE D 305 -17.57 -17.29 18.21
N PRO D 306 -17.12 -16.04 18.42
CA PRO D 306 -16.02 -15.48 17.62
C PRO D 306 -14.75 -16.30 17.80
N ASP D 307 -13.94 -16.39 16.76
CA ASP D 307 -12.58 -16.96 16.87
C ASP D 307 -11.66 -16.03 17.69
N VAL D 308 -11.79 -14.74 17.44
CA VAL D 308 -11.06 -13.68 18.21
C VAL D 308 -12.05 -12.60 18.61
N ILE D 309 -11.88 -11.98 19.78
CA ILE D 309 -12.77 -10.89 20.21
C ILE D 309 -11.88 -9.76 20.77
N THR D 310 -12.16 -8.53 20.36
CA THR D 310 -11.43 -7.33 20.85
C THR D 310 -12.35 -6.65 21.84
N THR D 311 -11.78 -6.27 22.97
CA THR D 311 -12.51 -5.55 24.03
C THR D 311 -11.67 -4.35 24.47
N ALA D 312 -12.36 -3.37 25.01
CA ALA D 312 -11.77 -2.18 25.66
C ALA D 312 -12.90 -1.43 26.36
N LYS D 313 -12.85 -0.10 26.37
CA LYS D 313 -13.91 0.78 26.94
C LYS D 313 -14.37 0.26 28.33
N GLY D 314 -15.49 -0.45 28.42
CA GLY D 314 -16.12 -0.85 29.71
C GLY D 314 -15.28 -1.74 30.61
N ILE D 315 -14.29 -2.43 30.05
CA ILE D 315 -13.43 -3.48 30.68
C ILE D 315 -12.84 -2.99 32.01
N ALA D 316 -12.38 -1.72 32.09
CA ALA D 316 -11.49 -1.32 33.20
C ALA D 316 -12.01 -0.07 33.90
N GLY D 317 -13.32 0.18 33.86
CA GLY D 317 -13.97 1.23 34.66
C GLY D 317 -13.45 2.62 34.33
N GLY D 318 -12.88 2.83 33.15
CA GLY D 318 -12.33 4.12 32.69
C GLY D 318 -10.82 4.15 32.60
N MET D 319 -10.14 3.11 33.10
CA MET D 319 -8.67 3.07 32.98
C MET D 319 -8.30 2.54 31.59
N PRO D 320 -7.16 2.96 31.05
CA PRO D 320 -6.77 2.58 29.68
C PRO D 320 -6.29 1.13 29.61
N LEU D 321 -7.18 0.28 29.13
CA LEU D 321 -6.90 -1.16 28.91
C LEU D 321 -7.72 -1.63 27.70
N SER D 322 -7.13 -2.51 26.93
CA SER D 322 -7.80 -3.23 25.83
C SER D 322 -7.25 -4.65 25.82
N ALA D 323 -7.91 -5.51 25.06
CA ALA D 323 -7.58 -6.94 25.03
C ALA D 323 -7.99 -7.57 23.71
N VAL D 324 -7.22 -8.58 23.37
CA VAL D 324 -7.49 -9.56 22.30
C VAL D 324 -7.54 -10.92 23.02
N THR D 325 -8.70 -11.57 22.89
CA THR D 325 -8.94 -12.94 23.40
C THR D 325 -9.30 -13.79 22.20
N GLY D 326 -8.70 -14.96 22.08
CA GLY D 326 -9.14 -15.87 21.02
C GLY D 326 -8.69 -17.29 21.24
N ARG D 327 -8.99 -18.15 20.26
CA ARG D 327 -8.54 -19.55 20.21
C ARG D 327 -7.04 -19.60 20.52
N ALA D 328 -6.61 -20.46 21.44
CA ALA D 328 -5.19 -20.54 21.86
C ALA D 328 -4.27 -20.68 20.64
N GLU D 329 -4.68 -21.47 19.64
CA GLU D 329 -3.79 -21.79 18.48
C GLU D 329 -3.56 -20.51 17.65
N ILE D 330 -4.54 -19.62 17.59
CA ILE D 330 -4.49 -18.34 16.83
C ILE D 330 -3.59 -17.37 17.59
N MET D 331 -3.84 -17.21 18.89
CA MET D 331 -3.14 -16.27 19.82
C MET D 331 -1.67 -16.65 19.94
N ASP D 332 -1.35 -17.93 19.77
CA ASP D 332 0.03 -18.45 19.90
C ASP D 332 0.77 -18.43 18.57
N ALA D 333 0.17 -18.01 17.45
CA ALA D 333 0.90 -18.07 16.17
C ALA D 333 2.10 -17.12 16.19
N PRO D 334 1.98 -15.88 16.70
CA PRO D 334 3.12 -14.99 16.80
C PRO D 334 4.18 -15.55 17.77
N GLY D 335 5.44 -15.45 17.38
CA GLY D 335 6.60 -15.97 18.11
C GLY D 335 6.96 -15.06 19.29
N PRO D 336 7.97 -15.46 20.09
CA PRO D 336 8.38 -14.70 21.26
C PRO D 336 8.78 -13.28 20.87
N GLY D 337 8.22 -12.29 21.56
CA GLY D 337 8.53 -10.88 21.31
C GLY D 337 7.72 -10.27 20.15
N ALA D 338 6.89 -11.04 19.44
CA ALA D 338 6.28 -10.58 18.15
C ALA D 338 5.02 -9.77 18.42
N LEU D 339 4.48 -9.82 19.62
CA LEU D 339 3.42 -8.89 20.06
C LEU D 339 3.99 -8.12 21.23
N GLY D 340 3.44 -6.93 21.50
CA GLY D 340 4.04 -6.11 22.55
C GLY D 340 3.44 -4.73 22.66
N GLY D 341 4.26 -3.81 23.11
CA GLY D 341 3.86 -2.45 23.48
C GLY D 341 4.25 -2.22 24.93
N THR D 342 4.80 -1.05 25.21
CA THR D 342 5.41 -0.74 26.51
C THR D 342 4.34 -0.89 27.60
N TYR D 343 3.20 -0.24 27.47
CA TYR D 343 2.27 0.00 28.61
C TYR D 343 1.25 -1.13 28.75
N GLY D 344 1.13 -1.95 27.72
CA GLY D 344 -0.05 -2.84 27.60
C GLY D 344 -0.28 -3.64 28.87
N GLY D 345 -1.54 -3.83 29.25
CA GLY D 345 -1.87 -4.56 30.46
C GLY D 345 -1.34 -3.85 31.70
N ASN D 346 -1.40 -2.53 31.72
CA ASN D 346 -0.88 -1.74 32.87
C ASN D 346 -1.47 -2.31 34.15
N PRO D 347 -0.65 -2.52 35.21
CA PRO D 347 -1.10 -3.22 36.42
C PRO D 347 -2.19 -2.47 37.17
N VAL D 348 -2.12 -1.14 37.12
CA VAL D 348 -3.15 -0.26 37.72
C VAL D 348 -4.44 -0.44 36.92
N ALA D 349 -4.38 -0.50 35.60
CA ALA D 349 -5.60 -0.68 34.78
C ALA D 349 -6.15 -2.09 35.02
N CYS D 350 -5.27 -3.08 35.22
CA CYS D 350 -5.75 -4.49 35.39
C CYS D 350 -6.45 -4.59 36.74
N ALA D 351 -5.89 -3.96 37.77
CA ALA D 351 -6.52 -3.89 39.12
C ALA D 351 -7.91 -3.28 38.97
N ALA D 352 -8.00 -2.15 38.25
CA ALA D 352 -9.24 -1.42 37.94
C ALA D 352 -10.23 -2.36 37.27
N ALA D 353 -9.74 -3.16 36.30
CA ALA D 353 -10.60 -4.05 35.48
C ALA D 353 -11.11 -5.21 36.34
N LEU D 354 -10.25 -5.78 37.18
CA LEU D 354 -10.66 -6.89 38.07
C LEU D 354 -11.73 -6.41 39.06
N ALA D 355 -11.58 -5.21 39.61
CA ALA D 355 -12.58 -4.56 40.48
C ALA D 355 -13.88 -4.27 39.70
N ALA D 356 -13.77 -3.77 38.47
CA ALA D 356 -14.94 -3.39 37.63
C ALA D 356 -15.78 -4.62 37.30
N ILE D 357 -15.13 -5.71 36.89
CA ILE D 357 -15.79 -6.98 36.48
C ILE D 357 -16.43 -7.58 37.74
N GLU D 358 -15.80 -7.53 38.90
CA GLU D 358 -16.46 -8.02 40.17
C GLU D 358 -17.74 -7.19 40.45
N VAL D 359 -17.69 -5.86 40.28
CA VAL D 359 -18.87 -4.95 40.43
C VAL D 359 -19.98 -5.37 39.44
N MET D 360 -19.63 -5.61 38.18
CA MET D 360 -20.63 -6.02 37.15
C MET D 360 -21.36 -7.27 37.64
N GLU D 361 -20.64 -8.24 38.19
CA GLU D 361 -21.26 -9.51 38.70
C GLU D 361 -22.07 -9.24 39.99
N GLN D 362 -21.42 -8.71 41.03
CA GLN D 362 -21.99 -8.57 42.40
C GLN D 362 -23.16 -7.58 42.38
N ALA D 363 -23.15 -6.53 41.58
CA ALA D 363 -24.27 -5.56 41.56
C ALA D 363 -25.31 -5.93 40.48
N ASP D 364 -25.17 -7.09 39.84
CA ASP D 364 -26.05 -7.60 38.76
C ASP D 364 -26.31 -6.50 37.73
N LEU D 365 -25.25 -5.91 37.17
CA LEU D 365 -25.42 -4.87 36.15
C LEU D 365 -26.08 -5.44 34.87
N LYS D 366 -25.99 -6.74 34.62
CA LYS D 366 -26.76 -7.39 33.53
C LYS D 366 -28.25 -7.06 33.66
N THR D 367 -28.83 -7.16 34.85
CA THR D 367 -30.26 -6.86 35.05
C THR D 367 -30.45 -5.34 34.90
N ARG D 368 -29.50 -4.55 35.39
CA ARG D 368 -29.65 -3.07 35.31
C ARG D 368 -29.75 -2.68 33.83
N ALA D 369 -29.01 -3.33 32.95
CA ALA D 369 -28.99 -3.00 31.50
C ALA D 369 -30.35 -3.32 30.87
N GLN D 370 -30.89 -4.49 31.22
CA GLN D 370 -32.20 -5.00 30.68
C GLN D 370 -33.27 -4.03 31.17
N GLU D 371 -33.20 -3.61 32.44
CA GLU D 371 -34.11 -2.60 33.04
C GLU D 371 -33.98 -1.24 32.35
N ILE D 372 -32.76 -0.78 32.03
CA ILE D 372 -32.55 0.55 31.39
C ILE D 372 -33.26 0.55 30.02
N GLU D 373 -33.14 -0.54 29.27
CA GLU D 373 -33.83 -0.72 27.96
C GLU D 373 -35.32 -0.47 28.16
N THR D 374 -35.94 -1.10 29.17
CA THR D 374 -37.39 -0.98 29.47
C THR D 374 -37.71 0.48 29.74
N ILE D 375 -36.88 1.17 30.53
CA ILE D 375 -37.12 2.60 30.86
C ILE D 375 -37.04 3.41 29.55
N ILE D 376 -36.05 3.14 28.71
CA ILE D 376 -35.86 3.95 27.45
C ILE D 376 -37.07 3.72 26.55
N ARG D 377 -37.46 2.47 26.29
CA ARG D 377 -38.64 2.17 25.45
C ARG D 377 -39.89 2.83 26.06
N ASP D 378 -40.05 2.82 27.39
CA ASP D 378 -41.20 3.45 28.09
C ASP D 378 -41.29 4.96 27.78
N GLU D 379 -40.22 5.73 28.04
CA GLU D 379 -40.26 7.20 27.93
C GLU D 379 -40.39 7.62 26.47
N PHE D 380 -40.04 6.72 25.55
CA PHE D 380 -40.06 6.94 24.08
C PHE D 380 -41.43 6.59 23.48
N ALA D 381 -42.38 6.10 24.29
CA ALA D 381 -43.79 5.84 23.85
C ALA D 381 -44.32 7.01 23.00
N GLN D 382 -44.12 8.27 23.44
CA GLN D 382 -44.65 9.49 22.78
C GLN D 382 -43.59 10.10 21.84
N LEU D 383 -42.76 9.24 21.23
CA LEU D 383 -41.70 9.59 20.24
C LEU D 383 -41.99 8.91 18.90
N SER D 384 -41.71 7.59 18.82
CA SER D 384 -41.72 6.73 17.60
C SER D 384 -42.85 7.12 16.62
N ALA D 385 -43.95 7.69 17.14
CA ALA D 385 -45.00 8.48 16.41
C ALA D 385 -44.37 9.58 15.53
N PHE D 386 -43.73 10.61 16.14
CA PHE D 386 -43.10 11.78 15.46
C PHE D 386 -42.68 11.32 14.07
N PRO D 387 -43.16 11.91 12.95
CA PRO D 387 -42.72 11.46 11.62
C PRO D 387 -41.20 11.55 11.39
N GLU D 388 -40.48 12.40 12.11
CA GLU D 388 -39.01 12.61 11.91
C GLU D 388 -38.24 11.42 12.51
N VAL D 389 -38.86 10.67 13.43
CA VAL D 389 -38.24 9.45 14.04
C VAL D 389 -38.48 8.23 13.16
N ALA D 390 -37.43 7.78 12.48
CA ALA D 390 -37.44 6.65 11.54
C ALA D 390 -37.51 5.32 12.28
N GLU D 391 -36.72 5.15 13.35
CA GLU D 391 -36.52 3.85 14.02
C GLU D 391 -36.01 4.16 15.44
N ILE D 392 -36.40 3.35 16.41
CA ILE D 392 -35.67 3.20 17.70
C ILE D 392 -35.00 1.83 17.62
N ARG D 393 -33.72 1.70 17.95
CA ARG D 393 -33.07 0.38 17.84
C ARG D 393 -31.97 0.30 18.90
N GLY D 394 -31.40 -0.90 19.03
CA GLY D 394 -30.38 -1.23 20.03
C GLY D 394 -30.91 -2.19 21.08
N ARG D 395 -30.10 -2.44 22.09
CA ARG D 395 -30.39 -3.36 23.20
C ARG D 395 -29.77 -2.80 24.49
N GLY D 396 -30.34 -3.14 25.63
CA GLY D 396 -29.79 -2.80 26.94
C GLY D 396 -29.60 -1.31 27.09
N ALA D 397 -28.39 -0.91 27.45
CA ALA D 397 -27.99 0.50 27.56
C ALA D 397 -27.22 0.87 26.27
N MET D 398 -27.65 0.35 25.12
CA MET D 398 -27.07 0.70 23.78
C MET D 398 -28.24 0.88 22.81
N MET D 399 -28.88 2.05 22.90
CA MET D 399 -30.18 2.35 22.24
C MET D 399 -29.99 3.62 21.42
N ALA D 400 -30.69 3.75 20.31
CA ALA D 400 -30.54 4.91 19.41
C ALA D 400 -31.87 5.22 18.73
N ILE D 401 -31.98 6.46 18.30
CA ILE D 401 -33.07 6.96 17.43
C ILE D 401 -32.43 7.50 16.17
N GLU D 402 -32.97 7.13 15.01
CA GLU D 402 -32.54 7.69 13.70
C GLU D 402 -33.58 8.71 13.21
N LEU D 403 -33.13 9.92 12.86
CA LEU D 403 -33.99 11.07 12.49
C LEU D 403 -33.97 11.27 10.97
N ILE D 404 -35.12 11.62 10.40
CA ILE D 404 -35.28 11.88 8.93
C ILE D 404 -36.05 13.18 8.72
N ASP D 405 -36.07 13.68 7.48
CA ASP D 405 -36.90 14.84 7.05
C ASP D 405 -38.19 14.31 6.40
N ALA D 406 -39.04 15.20 5.89
CA ALA D 406 -40.34 14.87 5.25
C ALA D 406 -40.13 13.87 4.09
N THR D 407 -38.99 13.95 3.39
CA THR D 407 -38.68 13.11 2.19
C THR D 407 -38.26 11.70 2.60
N GLY D 408 -37.89 11.51 3.87
CA GLY D 408 -37.29 10.25 4.33
C GLY D 408 -35.77 10.27 4.27
N ARG D 409 -35.15 11.40 3.92
CA ARG D 409 -33.66 11.49 3.80
C ARG D 409 -33.05 11.69 5.18
N PRO D 410 -31.76 11.34 5.42
CA PRO D 410 -31.13 11.63 6.71
C PRO D 410 -31.26 13.10 7.15
N ASN D 411 -31.50 13.33 8.45
CA ASN D 411 -31.69 14.67 9.06
C ASN D 411 -30.60 14.94 10.13
N ALA D 412 -29.38 15.21 9.68
CA ALA D 412 -28.21 15.58 10.53
C ALA D 412 -28.47 16.92 11.22
N ALA D 413 -29.17 17.85 10.56
CA ALA D 413 -29.39 19.21 11.11
C ALA D 413 -30.25 19.11 12.38
N LEU D 414 -31.30 18.29 12.35
CA LEU D 414 -32.23 18.15 13.49
C LEU D 414 -31.49 17.46 14.64
N THR D 415 -30.74 16.41 14.30
CA THR D 415 -29.91 15.60 15.22
C THR D 415 -28.99 16.54 16.00
N ALA D 416 -28.23 17.39 15.31
CA ALA D 416 -27.29 18.34 15.93
C ALA D 416 -28.04 19.30 16.83
N ALA D 417 -29.20 19.81 16.38
CA ALA D 417 -30.02 20.78 17.13
C ALA D 417 -30.63 20.13 18.39
N VAL D 418 -31.17 18.93 18.27
CA VAL D 418 -31.70 18.25 19.48
C VAL D 418 -30.57 18.09 20.52
N ALA D 419 -29.38 17.70 20.08
CA ALA D 419 -28.28 17.35 21.01
C ALA D 419 -27.77 18.64 21.67
N ALA D 420 -27.74 19.75 20.93
CA ALA D 420 -27.33 21.09 21.41
C ALA D 420 -28.38 21.57 22.41
N ARG D 421 -29.67 21.36 22.10
CA ARG D 421 -30.81 21.79 22.96
C ARG D 421 -30.75 21.03 24.29
N ALA D 422 -30.53 19.71 24.22
CA ALA D 422 -30.49 18.80 25.40
C ALA D 422 -29.36 19.23 26.35
N LYS D 423 -28.22 19.58 25.79
CA LYS D 423 -27.00 20.00 26.53
C LYS D 423 -27.26 21.27 27.34
N ALA D 424 -27.84 22.28 26.69
CA ALA D 424 -28.23 23.57 27.32
C ALA D 424 -29.20 23.33 28.47
N GLU D 425 -30.03 22.29 28.40
CA GLU D 425 -31.00 21.94 29.46
C GLU D 425 -30.37 20.97 30.48
N GLY D 426 -29.09 20.57 30.31
CA GLY D 426 -28.32 19.85 31.34
C GLY D 426 -28.31 18.35 31.13
N VAL D 427 -28.43 17.89 29.89
CA VAL D 427 -28.36 16.45 29.52
C VAL D 427 -27.33 16.24 28.41
N LEU D 428 -26.37 15.35 28.64
CA LEU D 428 -25.31 15.03 27.66
C LEU D 428 -25.77 13.85 26.80
N LEU D 429 -26.02 14.13 25.51
CA LEU D 429 -26.45 13.18 24.46
C LEU D 429 -25.37 13.14 23.38
N LEU D 430 -24.94 11.97 22.95
CA LEU D 430 -24.02 11.83 21.80
C LEU D 430 -24.82 11.61 20.52
N THR D 431 -24.27 12.04 19.39
CA THR D 431 -24.81 11.69 18.07
C THR D 431 -23.82 10.75 17.38
N CYS D 432 -24.27 10.11 16.31
CA CYS D 432 -23.43 9.24 15.49
C CYS D 432 -24.17 8.97 14.17
N GLY D 433 -23.73 7.99 13.39
CA GLY D 433 -24.35 7.69 12.09
C GLY D 433 -23.40 8.01 10.93
N THR D 434 -23.27 7.08 10.00
CA THR D 434 -22.74 7.33 8.63
C THR D 434 -23.28 8.67 8.10
N ASP D 435 -24.55 8.99 8.32
CA ASP D 435 -25.19 10.23 7.77
C ASP D 435 -25.42 11.26 8.88
N GLY D 436 -24.83 11.06 10.06
CA GLY D 436 -24.86 12.03 11.16
C GLY D 436 -26.24 12.23 11.74
N ASN D 437 -27.16 11.27 11.59
CA ASN D 437 -28.59 11.51 11.95
C ASN D 437 -29.04 10.54 13.03
N VAL D 438 -28.15 10.10 13.92
CA VAL D 438 -28.54 9.11 14.97
C VAL D 438 -28.23 9.73 16.33
N ILE D 439 -29.24 9.79 17.22
CA ILE D 439 -29.01 10.12 18.66
C ILE D 439 -28.79 8.81 19.38
N ARG D 440 -27.68 8.68 20.10
CA ARG D 440 -27.36 7.39 20.75
C ARG D 440 -27.48 7.60 22.26
N LEU D 441 -27.90 6.54 22.95
CA LEU D 441 -28.07 6.51 24.42
C LEU D 441 -27.08 5.49 24.98
N LEU D 442 -26.15 5.98 25.80
CA LEU D 442 -25.10 5.17 26.46
C LEU D 442 -25.02 5.55 27.92
N PRO D 443 -26.10 5.38 28.71
CA PRO D 443 -26.06 5.69 30.14
C PRO D 443 -25.13 4.70 30.82
N PRO D 444 -24.47 5.07 31.94
CA PRO D 444 -23.83 4.10 32.80
C PRO D 444 -24.93 3.18 33.36
N LEU D 445 -24.60 1.93 33.60
CA LEU D 445 -25.59 0.94 34.08
C LEU D 445 -25.97 1.22 35.53
N VAL D 446 -25.32 2.20 36.18
CA VAL D 446 -25.55 2.56 37.62
C VAL D 446 -26.44 3.81 37.70
N ILE D 447 -26.96 4.27 36.57
CA ILE D 447 -27.79 5.51 36.59
C ILE D 447 -29.04 5.20 37.43
N ALA D 448 -29.53 6.16 38.22
CA ALA D 448 -30.82 5.99 38.96
C ALA D 448 -31.95 6.14 37.96
N GLU D 449 -33.07 5.46 38.22
CA GLU D 449 -34.22 5.46 37.30
C GLU D 449 -34.77 6.88 37.12
N ASP D 450 -34.94 7.66 38.18
CA ASP D 450 -35.47 9.06 38.12
C ASP D 450 -34.51 9.96 37.32
N THR D 451 -33.20 9.79 37.46
CA THR D 451 -32.19 10.50 36.65
C THR D 451 -32.38 10.15 35.16
N LEU D 452 -32.46 8.86 34.80
CA LEU D 452 -32.62 8.40 33.41
C LEU D 452 -33.94 8.96 32.84
N ARG D 453 -35.06 8.83 33.57
CA ARG D 453 -36.38 9.33 33.09
C ARG D 453 -36.31 10.84 32.86
N ASP D 454 -35.70 11.62 33.77
CA ASP D 454 -35.51 13.08 33.57
C ASP D 454 -34.73 13.33 32.28
N GLY D 455 -33.66 12.56 32.05
CA GLY D 455 -32.81 12.74 30.86
C GLY D 455 -33.60 12.51 29.58
N LEU D 456 -34.36 11.41 29.53
CA LEU D 456 -35.13 10.98 28.32
C LEU D 456 -36.27 11.96 28.04
N GLN D 457 -36.95 12.48 29.07
CA GLN D 457 -38.00 13.53 28.96
C GLN D 457 -37.40 14.81 28.38
N VAL D 458 -36.18 15.18 28.78
CA VAL D 458 -35.46 16.36 28.19
C VAL D 458 -35.25 16.12 26.69
N LEU D 459 -34.81 14.92 26.32
CA LEU D 459 -34.57 14.52 24.92
C LEU D 459 -35.88 14.73 24.13
N VAL D 460 -37.02 14.32 24.67
CA VAL D 460 -38.35 14.37 23.97
C VAL D 460 -38.78 15.83 23.85
N ALA D 461 -38.65 16.62 24.90
CA ALA D 461 -39.03 18.04 24.87
C ALA D 461 -38.14 18.76 23.83
N ALA D 462 -36.85 18.41 23.78
CA ALA D 462 -35.87 19.01 22.84
C ALA D 462 -36.29 18.67 21.40
N LEU D 463 -36.66 17.41 21.15
CA LEU D 463 -37.14 16.97 19.82
C LEU D 463 -38.43 17.71 19.46
N GLU D 464 -39.36 17.81 20.40
CA GLU D 464 -40.63 18.56 20.22
C GLU D 464 -40.31 20.03 19.88
N ARG D 465 -39.39 20.65 20.61
CA ARG D 465 -39.11 22.09 20.43
C ARG D 465 -38.46 22.32 19.06
N GLU D 466 -37.54 21.44 18.61
CA GLU D 466 -36.69 21.68 17.41
C GLU D 466 -37.41 21.27 16.12
N THR D 467 -38.45 20.44 16.15
CA THR D 467 -39.25 20.11 14.94
C THR D 467 -40.31 21.22 14.73
N ALA D 468 -39.86 22.48 14.66
CA ALA D 468 -40.65 23.74 14.49
C ALA D 468 -42.11 23.52 14.87
N1 PLZ E . 13.93 -2.94 -17.26
C2A PLZ E . 16.37 -2.75 -17.28
O3 PLZ E . 16.04 -0.63 -19.08
C4A PLZ E . 13.47 0.30 -20.05
C5 PLZ E . 13.53 3.21 -20.88
C6 PLZ E . 13.68 4.71 -20.90
P PLZ E . 9.73 -0.69 -21.19
N9 PLZ E . 14.68 1.08 -20.28
C8 PLZ E . 14.56 2.52 -20.01
C1 PLZ E . 12.40 5.45 -20.54
O2 PLZ E . 12.52 6.50 -19.90
O4 PLZ E . 11.30 4.95 -20.82
C19 PLZ E . 13.62 -0.85 -19.06
C13 PLZ E . 14.89 -1.25 -18.64
C12 PLZ E . 15.01 -2.33 -17.75
C16 PLZ E . 12.70 -2.56 -17.65
C15 PLZ E . 12.48 -1.51 -18.54
C5M PLZ E . 11.08 -1.17 -18.94
O4P PLZ E . 10.94 -1.41 -20.38
O2P PLZ E . 10.22 0.75 -21.45
O1P PLZ E . 8.50 -0.76 -20.27
O3P PLZ E . 9.63 -1.51 -22.51
C1 GOL F . -1.09 -14.06 -24.70
O1 GOL F . -2.46 -14.09 -25.09
C2 GOL F . -0.89 -13.20 -23.47
O2 GOL F . -0.85 -11.82 -23.82
C3 GOL F . 0.35 -13.54 -22.67
O3 GOL F . 1.36 -14.12 -23.49
C1 GOL G . -1.83 -17.76 -8.35
O1 GOL G . -1.65 -17.97 -6.94
C2 GOL G . -2.98 -18.60 -8.84
O2 GOL G . -3.07 -18.50 -10.26
C3 GOL G . -2.86 -20.04 -8.41
O3 GOL G . -3.66 -20.90 -9.21
C1 GOL H . 4.16 14.97 -11.68
O1 GOL H . 3.73 15.59 -10.46
C2 GOL H . 5.43 15.62 -12.18
O2 GOL H . 5.85 14.96 -13.36
C3 GOL H . 5.23 17.11 -12.46
O3 GOL H . 6.45 17.76 -12.83
N1 PLZ I . -9.51 -2.12 -20.14
C2A PLZ I . -11.86 -2.32 -20.75
O3 PLZ I . -11.13 -4.86 -21.91
C4A PLZ I . -8.46 -5.86 -21.96
C5 PLZ I . -8.90 -9.10 -21.38
C6 PLZ I . -8.35 -10.44 -21.79
P PLZ I . -4.57 -5.07 -22.36
N9 PLZ I . -9.53 -6.82 -22.05
C8 PLZ I . -9.14 -8.16 -22.53
C1 PLZ I . -7.41 -11.01 -20.77
O2 PLZ I . -7.88 -11.78 -19.91
O4 PLZ I . -6.23 -10.63 -20.78
C19 PLZ I . -8.82 -4.55 -21.35
C13 PLZ I . -10.14 -4.10 -21.35
C12 PLZ I . -10.46 -2.86 -20.75
C16 PLZ I . -8.24 -2.57 -20.12
C15 PLZ I . -7.84 -3.77 -20.68
C5M PLZ I . -6.39 -4.19 -20.63
O4P PLZ I . -5.84 -4.17 -21.99
O2P PLZ I . -4.13 -4.56 -23.76
O1P PLZ I . -5.08 -6.50 -22.35
O3P PLZ I . -3.53 -4.78 -21.26
C1 GOL J . 5.50 7.79 -24.76
O1 GOL J . 4.58 7.58 -25.82
C2 GOL J . 6.57 6.72 -24.75
O2 GOL J . 5.92 5.48 -24.42
C3 GOL J . 7.34 6.60 -26.05
O3 GOL J . 8.47 7.50 -26.17
N1 PLZ K . 9.25 5.18 19.68
C2A PLZ K . 11.59 5.49 20.24
O3 PLZ K . 11.26 3.32 22.06
C4A PLZ K . 8.74 1.92 22.43
C5 PLZ K . 9.29 -0.99 22.89
C6 PLZ K . 9.60 -2.36 23.45
P PLZ K . 4.82 2.06 22.77
N9 PLZ K . 10.00 1.38 22.93
C8 PLZ K . 9.86 0.16 23.72
C1 PLZ K . 8.77 -3.47 22.83
O2 PLZ K . 9.37 -4.49 22.45
O4 PLZ K . 7.56 -3.27 22.65
C19 PLZ K . 8.92 3.07 21.46
C13 PLZ K . 10.17 3.69 21.30
C12 PLZ K . 10.28 4.79 20.43
C16 PLZ K . 8.05 4.57 19.81
C15 PLZ K . 7.84 3.49 20.65
C5M PLZ K . 6.47 2.89 20.76
O4P PLZ K . 5.99 3.04 22.13
O2P PLZ K . 4.29 2.83 24.00
O1P PLZ K . 3.73 1.89 21.66
O3P PLZ K . 5.49 0.72 23.12
C1 GOL L . -7.39 13.00 22.06
O1 GOL L . -6.38 13.50 22.90
C2 GOL L . -8.28 12.04 22.83
O2 GOL L . -7.90 10.70 22.48
C3 GOL L . -9.74 12.27 22.56
O3 GOL L . -10.39 12.86 23.69
C1 GOL M . -9.18 18.18 7.02
O1 GOL M . -9.61 19.37 7.68
C2 GOL M . -8.16 17.46 7.85
O2 GOL M . -8.84 16.82 8.92
C3 GOL M . -7.27 16.48 7.09
O3 GOL M . -6.72 17.08 5.92
C1 GOL N . 4.62 -14.44 12.80
O1 GOL N . 4.66 -14.99 11.47
C2 GOL N . 5.89 -14.75 13.56
O2 GOL N . 5.91 -14.05 14.81
C3 GOL N . 6.08 -16.24 13.78
O3 GOL N . 7.31 -16.49 14.44
N1 PLZ O . -13.83 -0.38 17.74
C2A PLZ O . -16.25 -0.63 17.79
O3 PLZ O . -16.27 1.93 19.00
C4A PLZ O . -13.86 3.52 19.57
C5 PLZ O . -14.52 6.45 18.99
C6 PLZ O . -14.69 7.90 19.32
P PLZ O . -10.07 3.46 20.84
N9 PLZ O . -15.18 4.14 19.59
C8 PLZ O . -15.17 5.55 20.01
C1 PLZ O . -13.64 8.74 18.64
O2 PLZ O . -12.45 8.58 18.97
O4 PLZ O . -14.01 9.45 17.72
C19 PLZ O . -13.86 2.13 18.94
C13 PLZ O . -15.05 1.42 18.69
C12 PLZ O . -15.01 0.15 18.06
C16 PLZ O . -12.69 0.30 17.99
C15 PLZ O . -12.64 1.54 18.57
C5M PLZ O . -11.33 2.22 18.79
O4P PLZ O . -11.07 2.32 20.23
O2P PLZ O . -8.79 3.36 20.01
O1P PLZ O . -9.89 3.04 22.30
O3P PLZ O . -10.81 4.77 20.71
C1 GOL P . 3.71 -5.57 27.60
O1 GOL P . 4.63 -6.58 27.98
C2 GOL P . 2.79 -6.08 26.53
O2 GOL P . 2.38 -5.01 25.69
C3 GOL P . 1.59 -6.77 27.10
O3 GOL P . 0.69 -7.19 26.08
#